data_7VLD
#
_entry.id   7VLD
#
_cell.length_a   110.263
_cell.length_b   110.263
_cell.length_c   196.968
_cell.angle_alpha   90.000
_cell.angle_beta   90.000
_cell.angle_gamma   120.000
#
_symmetry.space_group_name_H-M   'P 63'
#
loop_
_entity.id
_entity.type
_entity.pdbx_description
1 polymer 'Extracellular A1 globin'
2 polymer 'Extracellular A2 globin'
3 polymer 'Extracellular B2 globin'
4 polymer 'Extracellular B1 globin'
5 branched alpha-L-fucopyranose-(1-6)-2-acetamido-2-deoxy-beta-D-glucopyranose
6 non-polymer 'PROTOPORPHYRIN IX CONTAINING FE'
7 non-polymer 'OXYGEN MOLECULE'
8 non-polymer 'CALCIUM ION'
9 water water
#
loop_
_entity_poly.entity_id
_entity_poly.type
_entity_poly.pdbx_seq_one_letter_code
_entity_poly.pdbx_strand_id
1 'polypeptide(L)'
;DCNILQRLKVKMQWAKAYGFGTERAKFGNSLWTSIFNYAPDARDLFKSVKSEDMRSPQFKAHIARVIGGLDRVISMFDNE
DALNADLEHLKSQHDPRGLDALNFVVFGKALFATVGGQFGVCFDLPAWESCYKVIAMGITGNDMFS
;
A,E
2 'polypeptide(L)'
;SECGPLQRLKVKRQWAEAYGSGNGREEFGHFIWANVFKVAPSARDMFKRVRGDNIYTPAFRAHATRVLGGLDMCVALLDD
ESVLNTQLAHLASQHSSRGVSAEQYNVVEHAVMMGVEHEIGQNVFDKDAWQACLDVITSGIQGN
;
B,F
3 'polypeptide(L)'
;SSNSCTTEDRREMQLMWANVWSAQFTGRRLAIAQAVFKDLFAHVPDAVGLFDRVHGTEIDSSEFKAHCIRVVNGLDSAIG
LLSDPSTLNEQLSHLATQHQERAGVTKGGFSAIAQSFLRVMPQVASCFNPDAWSRCFNRITNGMTEGLAE
;
C,G
4 'polypeptide(L)'
;SEFCSEADATIVIKQWNQIYNAGIGAKSRWTMGNEIFSSLFKLKPESEVLFNNVNVANMSSGAFHAHTVRVLSGLDMGIN
YLNDAGTLTSLTAHLAAQHVARTGLKAVYFDAMGKVLMTVLPSLIDNFNPDAWRNCLLPLKNAIAKGLP
;
D,H
#
loop_
_chem_comp.id
_chem_comp.type
_chem_comp.name
_chem_comp.formula
CA non-polymer 'CALCIUM ION' 'Ca 2'
FUC L-saccharide, alpha linking alpha-L-fucopyranose 'C6 H12 O5'
HEM non-polymer 'PROTOPORPHYRIN IX CONTAINING FE' 'C34 H32 Fe N4 O4'
NAG D-saccharide, beta linking 2-acetamido-2-deoxy-beta-D-glucopyranose 'C8 H15 N O6'
OXY non-polymer 'OXYGEN MOLECULE' O2
#
# COMPACT_ATOMS: atom_id res chain seq x y z
N ASP A 1 21.16 -5.43 10.36
CA ASP A 1 20.52 -4.12 10.45
C ASP A 1 19.47 -4.12 11.56
N CYS A 2 18.33 -3.48 11.29
CA CYS A 2 17.22 -3.34 12.24
C CYS A 2 17.70 -2.68 13.54
N ASN A 3 18.02 -1.40 13.41
CA ASN A 3 18.44 -0.59 14.54
C ASN A 3 17.21 -0.16 15.35
N ILE A 4 17.46 0.57 16.44
CA ILE A 4 16.37 0.93 17.34
C ILE A 4 15.38 1.88 16.66
N LEU A 5 15.85 2.73 15.74
CA LEU A 5 14.94 3.61 15.03
C LEU A 5 14.06 2.83 14.07
N GLN A 6 14.65 1.88 13.33
CA GLN A 6 13.85 1.04 12.45
C GLN A 6 12.87 0.18 13.23
N ARG A 7 13.26 -0.28 14.43
CA ARG A 7 12.37 -1.07 15.25
C ARG A 7 11.16 -0.25 15.69
N LEU A 8 11.38 1.01 16.07
CA LEU A 8 10.26 1.87 16.43
C LEU A 8 9.39 2.16 15.22
N LYS A 9 10.00 2.45 14.08
CA LYS A 9 9.24 2.70 12.85
C LYS A 9 8.37 1.50 12.49
N VAL A 10 8.97 0.31 12.47
CA VAL A 10 8.22 -0.91 12.19
C VAL A 10 7.08 -1.08 13.20
N LYS A 11 7.33 -0.72 14.46
CA LYS A 11 6.31 -0.83 15.49
C LYS A 11 5.12 0.08 15.21
N MET A 12 5.38 1.30 14.73
CA MET A 12 4.31 2.24 14.43
C MET A 12 3.50 1.80 13.22
N GLN A 13 4.19 1.45 12.13
CA GLN A 13 3.48 1.06 10.92
C GLN A 13 2.70 -0.23 11.12
N TRP A 14 3.22 -1.16 11.92
CA TRP A 14 2.48 -2.38 12.22
C TRP A 14 1.18 -2.07 12.95
N ALA A 15 1.26 -1.25 14.01
CA ALA A 15 0.07 -0.93 14.79
C ALA A 15 -1.00 -0.29 13.92
N LYS A 16 -0.61 0.53 12.95
CA LYS A 16 -1.58 1.17 12.07
C LYS A 16 -2.21 0.16 11.12
N ALA A 17 -1.38 -0.68 10.47
CA ALA A 17 -1.90 -1.64 9.50
C ALA A 17 -2.65 -2.78 10.18
N TYR A 18 -2.33 -3.07 11.43
CA TYR A 18 -2.93 -4.20 12.14
C TYR A 18 -4.34 -3.89 12.61
N GLY A 19 -4.56 -2.71 13.18
CA GLY A 19 -5.89 -2.30 13.58
C GLY A 19 -6.43 -3.04 14.79
N PHE A 20 -7.74 -2.89 14.98
CA PHE A 20 -8.46 -3.47 16.11
C PHE A 20 -9.64 -4.29 15.61
N GLY A 21 -10.05 -5.26 16.42
CA GLY A 21 -11.32 -5.94 16.19
C GLY A 21 -11.28 -6.84 14.96
N THR A 22 -12.34 -6.74 14.16
CA THR A 22 -12.48 -7.61 13.00
C THR A 22 -11.55 -7.24 11.86
N GLU A 23 -11.04 -6.00 11.82
CA GLU A 23 -10.02 -5.65 10.85
C GLU A 23 -8.75 -6.46 11.06
N ARG A 24 -8.53 -6.95 12.28
CA ARG A 24 -7.41 -7.84 12.55
C ARG A 24 -7.54 -9.14 11.77
N ALA A 25 -8.74 -9.73 11.75
CA ALA A 25 -8.94 -10.96 10.98
C ALA A 25 -8.86 -10.72 9.48
N LYS A 26 -9.31 -9.55 9.02
CA LYS A 26 -9.21 -9.24 7.60
C LYS A 26 -7.76 -9.10 7.16
N PHE A 27 -6.95 -8.40 7.97
CA PHE A 27 -5.51 -8.31 7.68
C PHE A 27 -4.89 -9.70 7.62
N GLY A 28 -5.23 -10.57 8.58
CA GLY A 28 -4.66 -11.91 8.59
C GLY A 28 -5.06 -12.74 7.38
N ASN A 29 -6.30 -12.55 6.90
CA ASN A 29 -6.74 -13.29 5.73
C ASN A 29 -5.97 -12.85 4.48
N SER A 30 -5.75 -11.55 4.33
CA SER A 30 -4.98 -11.06 3.19
C SER A 30 -3.54 -11.55 3.23
N LEU A 31 -2.95 -11.59 4.42
CA LEU A 31 -1.59 -12.09 4.56
C LEU A 31 -1.47 -13.52 4.07
N TRP A 32 -2.41 -14.39 4.46
CA TRP A 32 -2.32 -15.81 4.13
C TRP A 32 -2.84 -16.10 2.73
N THR A 33 -3.76 -15.29 2.21
CA THR A 33 -4.12 -15.40 0.80
C THR A 33 -2.90 -15.10 -0.08
N SER A 34 -2.09 -14.12 0.32
CA SER A 34 -0.89 -13.79 -0.45
C SER A 34 0.16 -14.89 -0.33
N ILE A 35 0.31 -15.48 0.87
CA ILE A 35 1.28 -16.55 1.05
C ILE A 35 0.95 -17.72 0.13
N PHE A 36 -0.32 -18.10 0.08
CA PHE A 36 -0.73 -19.22 -0.77
C PHE A 36 -0.81 -18.84 -2.24
N ASN A 37 -0.92 -17.55 -2.56
CA ASN A 37 -0.82 -17.15 -3.96
C ASN A 37 0.63 -17.01 -4.40
N TYR A 38 1.51 -16.57 -3.50
CA TYR A 38 2.93 -16.49 -3.83
C TYR A 38 3.54 -17.89 -3.96
N ALA A 39 3.08 -18.84 -3.17
CA ALA A 39 3.60 -20.21 -3.20
C ALA A 39 2.48 -21.18 -2.89
N PRO A 40 1.71 -21.57 -3.92
CA PRO A 40 0.59 -22.50 -3.67
C PRO A 40 0.99 -23.83 -3.05
N ASP A 41 2.26 -24.23 -3.15
CA ASP A 41 2.67 -25.47 -2.52
C ASP A 41 2.66 -25.39 -1.00
N ALA A 42 2.82 -24.18 -0.45
CA ALA A 42 2.85 -24.02 0.99
C ALA A 42 1.50 -24.35 1.64
N ARG A 43 0.42 -24.34 0.88
CA ARG A 43 -0.90 -24.58 1.44
C ARG A 43 -1.02 -25.97 2.03
N ASP A 44 -0.42 -26.97 1.37
CA ASP A 44 -0.48 -28.35 1.84
C ASP A 44 0.25 -28.57 3.17
N LEU A 45 1.08 -27.62 3.59
CA LEU A 45 1.77 -27.73 4.88
C LEU A 45 0.84 -27.46 6.05
N PHE A 46 -0.36 -26.94 5.81
CA PHE A 46 -1.26 -26.51 6.89
C PHE A 46 -2.57 -27.29 6.87
N LYS A 47 -2.51 -28.56 6.46
CA LYS A 47 -3.69 -29.43 6.53
C LYS A 47 -4.10 -29.67 7.98
N SER A 48 -3.15 -29.59 8.92
CA SER A 48 -3.48 -29.78 10.33
C SER A 48 -4.36 -28.67 10.88
N VAL A 49 -4.39 -27.50 10.23
CA VAL A 49 -5.29 -26.42 10.60
C VAL A 49 -6.32 -26.17 9.50
N LYS A 50 -6.56 -27.18 8.66
CA LYS A 50 -7.63 -27.16 7.65
C LYS A 50 -7.46 -26.00 6.67
N SER A 51 -6.25 -25.84 6.15
CA SER A 51 -5.98 -24.80 5.17
C SER A 51 -6.73 -25.02 3.86
N GLU A 52 -7.31 -26.20 3.64
CA GLU A 52 -8.11 -26.43 2.43
C GLU A 52 -9.37 -25.57 2.41
N ASP A 53 -9.77 -25.01 3.55
CA ASP A 53 -10.87 -24.05 3.62
C ASP A 53 -10.43 -22.91 4.53
N MET A 54 -10.11 -21.77 3.92
CA MET A 54 -9.51 -20.67 4.66
C MET A 54 -10.50 -19.88 5.49
N ARG A 55 -11.81 -20.10 5.33
CA ARG A 55 -12.79 -19.47 6.20
C ARG A 55 -13.29 -20.40 7.29
N SER A 56 -12.80 -21.64 7.32
CA SER A 56 -13.15 -22.55 8.41
C SER A 56 -12.65 -21.99 9.73
N PRO A 57 -13.31 -22.31 10.84
CA PRO A 57 -12.82 -21.83 12.15
C PRO A 57 -11.43 -22.34 12.47
N GLN A 58 -11.04 -23.48 11.94
CA GLN A 58 -9.73 -24.05 12.25
C GLN A 58 -8.60 -23.21 11.66
N PHE A 59 -8.74 -22.78 10.40
CA PHE A 59 -7.69 -21.98 9.80
C PHE A 59 -7.73 -20.53 10.26
N LYS A 60 -8.93 -20.00 10.51
CA LYS A 60 -9.04 -18.68 11.12
C LYS A 60 -8.34 -18.63 12.47
N ALA A 61 -8.44 -19.72 13.24
CA ALA A 61 -7.74 -19.79 14.51
C ALA A 61 -6.23 -19.79 14.31
N HIS A 62 -5.75 -20.52 13.30
CA HIS A 62 -4.33 -20.51 12.99
C HIS A 62 -3.87 -19.11 12.57
N ILE A 63 -4.66 -18.45 11.72
CA ILE A 63 -4.35 -17.08 11.32
C ILE A 63 -4.23 -16.19 12.55
N ALA A 64 -5.19 -16.30 13.47
CA ALA A 64 -5.18 -15.46 14.66
C ALA A 64 -3.93 -15.69 15.49
N ARG A 65 -3.52 -16.95 15.65
CA ARG A 65 -2.32 -17.25 16.43
C ARG A 65 -1.07 -16.67 15.78
N VAL A 66 -0.97 -16.78 14.45
CA VAL A 66 0.24 -16.34 13.75
C VAL A 66 0.38 -14.83 13.83
N ILE A 67 -0.68 -14.08 13.47
CA ILE A 67 -0.58 -12.63 13.53
C ILE A 67 -0.49 -12.16 14.97
N GLY A 68 -1.13 -12.87 15.90
CA GLY A 68 -0.90 -12.60 17.31
C GLY A 68 0.55 -12.81 17.70
N GLY A 69 1.21 -13.79 17.08
CA GLY A 69 2.63 -13.99 17.33
C GLY A 69 3.48 -12.87 16.76
N LEU A 70 3.14 -12.41 15.55
CA LEU A 70 3.82 -11.24 14.99
C LEU A 70 3.65 -10.03 15.89
N ASP A 71 2.44 -9.81 16.41
CA ASP A 71 2.18 -8.64 17.23
C ASP A 71 3.04 -8.64 18.50
N ARG A 72 3.09 -9.76 19.21
CA ARG A 72 3.83 -9.82 20.46
C ARG A 72 5.34 -9.70 20.21
N VAL A 73 5.82 -10.29 19.12
CA VAL A 73 7.25 -10.22 18.80
C VAL A 73 7.63 -8.80 18.43
N ILE A 74 6.83 -8.16 17.59
CA ILE A 74 7.09 -6.76 17.22
C ILE A 74 7.03 -5.88 18.46
N SER A 75 6.10 -6.16 19.37
CA SER A 75 5.97 -5.34 20.58
C SER A 75 7.21 -5.44 21.46
N MET A 76 7.90 -6.59 21.43
CA MET A 76 9.11 -6.79 22.21
C MET A 76 10.37 -6.40 21.46
N PHE A 77 10.25 -5.66 20.35
CA PHE A 77 11.42 -5.26 19.58
C PHE A 77 12.40 -4.44 20.42
N ASP A 78 11.91 -3.73 21.43
CA ASP A 78 12.76 -2.84 22.22
C ASP A 78 13.39 -3.54 23.43
N ASN A 79 13.08 -4.81 23.67
CA ASN A 79 13.67 -5.56 24.78
C ASN A 79 14.28 -6.84 24.22
N GLU A 80 15.61 -6.85 24.11
CA GLU A 80 16.31 -7.99 23.52
C GLU A 80 16.09 -9.27 24.32
N ASP A 81 16.15 -9.18 25.65
CA ASP A 81 16.05 -10.37 26.49
C ASP A 81 14.70 -11.07 26.28
N ALA A 82 13.61 -10.30 26.33
CA ALA A 82 12.30 -10.90 26.12
C ALA A 82 12.11 -11.33 24.67
N LEU A 83 12.59 -10.52 23.72
CA LEU A 83 12.45 -10.85 22.30
C LEU A 83 13.13 -12.17 21.97
N ASN A 84 14.39 -12.32 22.38
CA ASN A 84 15.14 -13.53 22.03
C ASN A 84 14.55 -14.75 22.74
N ALA A 85 14.06 -14.58 23.97
CA ALA A 85 13.43 -15.69 24.66
C ALA A 85 12.19 -16.18 23.92
N ASP A 86 11.37 -15.25 23.43
CA ASP A 86 10.16 -15.66 22.70
C ASP A 86 10.52 -16.21 21.33
N LEU A 87 11.54 -15.66 20.67
CA LEU A 87 11.96 -16.20 19.39
C LEU A 87 12.52 -17.61 19.54
N GLU A 88 13.27 -17.87 20.61
CA GLU A 88 13.67 -19.25 20.92
C GLU A 88 12.45 -20.13 21.14
N HIS A 89 11.42 -19.60 21.80
CA HIS A 89 10.21 -20.37 22.03
C HIS A 89 9.52 -20.72 20.72
N LEU A 90 9.46 -19.77 19.78
CA LEU A 90 8.87 -20.05 18.48
C LEU A 90 9.73 -21.03 17.69
N LYS A 91 11.05 -20.93 17.81
CA LYS A 91 11.93 -21.85 17.11
C LYS A 91 11.72 -23.28 17.58
N SER A 92 11.58 -23.48 18.89
CA SER A 92 11.35 -24.83 19.41
C SER A 92 10.03 -25.41 18.93
N GLN A 93 9.05 -24.55 18.63
CA GLN A 93 7.78 -25.03 18.12
C GLN A 93 7.85 -25.34 16.63
N HIS A 94 8.63 -24.58 15.86
CA HIS A 94 8.68 -24.77 14.42
C HIS A 94 9.72 -25.79 13.98
N ASP A 95 10.80 -25.97 14.76
CA ASP A 95 11.85 -26.91 14.39
C ASP A 95 11.36 -28.33 14.11
N PRO A 96 10.53 -28.95 14.95
CA PRO A 96 10.09 -30.33 14.65
C PRO A 96 9.25 -30.46 13.39
N ARG A 97 8.73 -29.34 12.95
CA ARG A 97 7.93 -29.37 11.64
CA ARG A 97 7.96 -29.27 11.72
C ARG A 97 8.72 -29.42 10.27
N GLY A 98 10.05 -29.41 10.40
CA GLY A 98 10.91 -29.56 9.25
C GLY A 98 10.59 -28.65 8.08
N LEU A 99 10.45 -27.36 8.36
CA LEU A 99 9.99 -26.41 7.36
C LEU A 99 11.15 -25.91 6.51
N ASP A 100 10.92 -25.84 5.20
CA ASP A 100 11.87 -25.23 4.30
C ASP A 100 11.94 -23.73 4.60
N ALA A 101 13.13 -23.25 4.91
CA ALA A 101 13.30 -21.84 5.29
C ALA A 101 12.90 -20.89 4.17
N LEU A 102 12.85 -21.35 2.92
CA LEU A 102 12.44 -20.49 1.81
C LEU A 102 11.02 -19.97 2.00
N ASN A 103 10.16 -20.74 2.67
CA ASN A 103 8.80 -20.27 2.90
C ASN A 103 8.74 -19.14 3.92
N PHE A 104 9.77 -18.99 4.76
CA PHE A 104 9.84 -17.81 5.62
C PHE A 104 10.22 -16.58 4.82
N VAL A 105 10.93 -16.75 3.71
CA VAL A 105 11.12 -15.64 2.78
C VAL A 105 9.81 -15.25 2.13
N VAL A 106 9.02 -16.25 1.71
CA VAL A 106 7.70 -15.98 1.13
C VAL A 106 6.81 -15.25 2.14
N PHE A 107 6.81 -15.72 3.38
CA PHE A 107 6.03 -15.08 4.44
C PHE A 107 6.35 -13.59 4.53
N GLY A 108 7.64 -13.25 4.57
CA GLY A 108 8.03 -11.86 4.71
C GLY A 108 7.56 -10.99 3.56
N LYS A 109 7.67 -11.49 2.33
CA LYS A 109 7.21 -10.71 1.18
C LYS A 109 5.70 -10.54 1.19
N ALA A 110 4.97 -11.57 1.64
CA ALA A 110 3.53 -11.41 1.79
C ALA A 110 3.19 -10.47 2.94
N LEU A 111 4.00 -10.46 3.99
CA LEU A 111 3.79 -9.51 5.09
C LEU A 111 4.04 -8.08 4.62
N PHE A 112 5.12 -7.86 3.88
CA PHE A 112 5.41 -6.51 3.37
C PHE A 112 4.30 -6.02 2.47
N ALA A 113 3.83 -6.86 1.55
CA ALA A 113 2.76 -6.46 0.64
C ALA A 113 1.48 -6.15 1.40
N THR A 114 1.21 -6.89 2.48
CA THR A 114 -0.02 -6.68 3.22
C THR A 114 0.05 -5.45 4.12
N VAL A 115 1.17 -5.28 4.84
CA VAL A 115 1.33 -4.08 5.66
C VAL A 115 1.42 -2.84 4.79
N GLY A 116 2.24 -2.89 3.74
CA GLY A 116 2.39 -1.74 2.87
C GLY A 116 1.12 -1.37 2.15
N GLY A 117 0.37 -2.38 1.70
CA GLY A 117 -0.90 -2.11 1.05
C GLY A 117 -1.93 -1.51 1.98
N GLN A 118 -1.87 -1.85 3.26
CA GLN A 118 -2.81 -1.30 4.24
C GLN A 118 -2.34 0.06 4.76
N PHE A 119 -1.02 0.23 4.94
CA PHE A 119 -0.50 1.44 5.57
C PHE A 119 -0.38 2.61 4.60
N GLY A 120 -0.06 2.34 3.34
CA GLY A 120 0.03 3.38 2.34
C GLY A 120 1.45 3.57 1.83
N VAL A 121 1.64 4.70 1.14
CA VAL A 121 2.89 4.95 0.41
C VAL A 121 4.05 5.25 1.35
N CYS A 122 3.80 5.64 2.59
CA CYS A 122 4.88 5.91 3.52
C CYS A 122 5.41 4.65 4.20
N PHE A 123 4.99 3.48 3.71
CA PHE A 123 5.53 2.21 4.18
C PHE A 123 7.04 2.18 3.98
N ASP A 124 7.76 1.79 5.03
CA ASP A 124 9.23 1.80 5.02
C ASP A 124 9.69 0.36 4.74
N LEU A 125 9.77 0.03 3.45
CA LEU A 125 10.17 -1.32 3.07
C LEU A 125 11.58 -1.70 3.53
N PRO A 126 12.61 -0.86 3.40
CA PRO A 126 13.93 -1.27 3.92
C PRO A 126 13.93 -1.58 5.41
N ALA A 127 13.19 -0.81 6.21
CA ALA A 127 13.10 -1.11 7.64
C ALA A 127 12.39 -2.43 7.89
N TRP A 128 11.36 -2.73 7.10
CA TRP A 128 10.62 -3.97 7.32
C TRP A 128 11.41 -5.18 6.85
N GLU A 129 12.16 -5.05 5.75
CA GLU A 129 13.02 -6.14 5.31
C GLU A 129 14.10 -6.43 6.34
N SER A 130 14.69 -5.39 6.92
CA SER A 130 15.78 -5.58 7.89
C SER A 130 15.26 -6.21 9.18
N CYS A 131 14.13 -5.72 9.69
CA CYS A 131 13.65 -6.19 10.97
C CYS A 131 12.91 -7.52 10.87
N TYR A 132 12.33 -7.84 9.70
CA TYR A 132 11.77 -9.18 9.53
C TYR A 132 12.87 -10.23 9.51
N LYS A 133 14.04 -9.89 8.96
CA LYS A 133 15.17 -10.81 9.00
C LYS A 133 15.50 -11.21 10.43
N VAL A 134 15.42 -10.26 11.36
CA VAL A 134 15.68 -10.57 12.77
C VAL A 134 14.69 -11.61 13.27
N ILE A 135 13.43 -11.49 12.86
CA ILE A 135 12.40 -12.42 13.31
C ILE A 135 12.62 -13.80 12.70
N ALA A 136 12.77 -13.88 11.38
CA ALA A 136 12.93 -15.16 10.73
C ALA A 136 14.22 -15.85 11.14
N MET A 137 15.27 -15.08 11.43
CA MET A 137 16.50 -15.68 11.94
C MET A 137 16.29 -16.30 13.32
N GLY A 138 15.51 -15.64 14.17
CA GLY A 138 15.27 -16.19 15.50
C GLY A 138 14.42 -17.45 15.46
N ILE A 139 13.47 -17.52 14.53
CA ILE A 139 12.57 -18.67 14.48
C ILE A 139 13.22 -19.85 13.74
N THR A 140 14.04 -19.59 12.72
CA THR A 140 14.62 -20.67 11.93
C THR A 140 16.11 -20.90 12.18
N GLY A 141 16.86 -19.86 12.53
CA GLY A 141 18.30 -20.01 12.64
C GLY A 141 19.04 -20.17 11.33
N ASN A 142 18.34 -20.02 10.20
CA ASN A 142 18.94 -20.24 8.89
C ASN A 142 19.77 -19.03 8.48
N ASP A 143 20.97 -19.29 7.97
CA ASP A 143 21.88 -18.23 7.55
CA ASP A 143 21.85 -18.18 7.59
C ASP A 143 21.35 -17.40 6.38
N MET A 144 20.26 -17.83 5.77
CA MET A 144 19.62 -17.08 4.72
C MET A 144 19.05 -15.75 5.23
N PHE A 145 18.94 -15.59 6.55
CA PHE A 145 18.33 -14.41 7.16
C PHE A 145 19.35 -13.57 7.92
N SER A 146 20.58 -13.49 7.40
CA SER A 146 21.62 -12.68 8.02
C SER A 146 21.76 -11.32 7.34
N SER B 1 -3.76 5.81 49.66
CA SER B 1 -3.45 4.99 48.48
C SER B 1 -2.00 5.16 48.08
N GLU B 2 -1.50 4.20 47.30
CA GLU B 2 -0.11 4.20 46.86
C GLU B 2 -0.04 4.33 45.34
N CYS B 3 1.07 4.91 44.87
CA CYS B 3 1.30 5.06 43.44
C CYS B 3 2.06 3.82 42.95
N GLY B 4 1.31 2.73 42.82
CA GLY B 4 1.87 1.48 42.35
C GLY B 4 1.97 1.42 40.84
N PRO B 5 2.43 0.28 40.34
CA PRO B 5 2.58 0.14 38.89
C PRO B 5 1.29 0.32 38.11
N LEU B 6 0.18 -0.22 38.61
CA LEU B 6 -1.10 -0.06 37.92
C LEU B 6 -1.56 1.40 37.94
N GLN B 7 -1.37 2.08 39.08
CA GLN B 7 -1.76 3.49 39.17
C GLN B 7 -0.94 4.35 38.23
N ARG B 8 0.35 4.02 38.07
CA ARG B 8 1.20 4.78 37.17
C ARG B 8 0.73 4.64 35.72
N LEU B 9 0.33 3.44 35.31
CA LEU B 9 -0.19 3.24 33.96
C LEU B 9 -1.47 4.04 33.75
N LYS B 10 -2.36 4.03 34.75
CA LYS B 10 -3.63 4.76 34.62
C LYS B 10 -3.38 6.27 34.53
N VAL B 11 -2.53 6.80 35.41
CA VAL B 11 -2.22 8.22 35.39
C VAL B 11 -1.56 8.60 34.07
N LYS B 12 -0.76 7.72 33.49
CA LYS B 12 -0.14 7.99 32.20
C LYS B 12 -1.18 8.17 31.10
N ARG B 13 -2.11 7.23 31.00
CA ARG B 13 -3.12 7.29 29.94
C ARG B 13 -4.05 8.47 30.14
N GLN B 14 -4.50 8.71 31.38
CA GLN B 14 -5.41 9.83 31.64
C GLN B 14 -4.70 11.17 31.42
N TRP B 15 -3.42 11.26 31.76
CA TRP B 15 -2.67 12.48 31.49
C TRP B 15 -2.53 12.71 29.99
N ALA B 16 -2.18 11.66 29.25
CA ALA B 16 -2.05 11.79 27.80
C ALA B 16 -3.36 12.27 27.17
N GLU B 17 -4.50 11.80 27.70
CA GLU B 17 -5.79 12.28 27.20
C GLU B 17 -6.00 13.75 27.53
N ALA B 18 -5.73 14.14 28.78
CA ALA B 18 -5.98 15.51 29.20
C ALA B 18 -4.95 16.47 28.60
N TYR B 19 -3.67 16.09 28.60
CA TYR B 19 -2.62 16.96 28.06
C TYR B 19 -2.73 17.08 26.55
N GLY B 20 -3.02 15.98 25.86
CA GLY B 20 -3.24 16.03 24.44
C GLY B 20 -1.97 16.30 23.64
N SER B 21 -2.18 16.71 22.39
CA SER B 21 -1.09 16.91 21.45
C SER B 21 -0.62 18.36 21.37
N GLY B 22 -1.46 19.33 21.72
CA GLY B 22 -1.04 20.72 21.70
C GLY B 22 -2.18 21.71 21.52
N ASN B 23 -3.27 21.27 20.89
CA ASN B 23 -4.36 22.19 20.57
C ASN B 23 -5.04 22.72 21.83
N GLY B 24 -5.38 21.84 22.76
CA GLY B 24 -6.05 22.22 23.98
C GLY B 24 -5.13 22.53 25.14
N ARG B 25 -3.82 22.65 24.91
CA ARG B 25 -2.90 22.85 26.03
C ARG B 25 -3.02 24.25 26.63
N GLU B 26 -3.36 25.25 25.82
CA GLU B 26 -3.51 26.60 26.36
C GLU B 26 -4.67 26.67 27.34
N GLU B 27 -5.83 26.16 26.94
CA GLU B 27 -6.99 26.14 27.84
C GLU B 27 -6.72 25.27 29.06
N PHE B 28 -6.07 24.12 28.84
CA PHE B 28 -5.73 23.22 29.95
C PHE B 28 -4.91 23.96 31.01
N GLY B 29 -3.83 24.61 30.58
CA GLY B 29 -3.00 25.33 31.53
C GLY B 29 -3.68 26.54 32.15
N HIS B 30 -4.56 27.20 31.40
CA HIS B 30 -5.28 28.34 31.96
C HIS B 30 -6.23 27.91 33.06
N PHE B 31 -6.96 26.82 32.84
CA PHE B 31 -7.90 26.32 33.86
C PHE B 31 -7.15 25.98 35.14
N ILE B 32 -5.96 25.38 35.02
CA ILE B 32 -5.21 24.97 36.21
C ILE B 32 -4.78 26.19 37.01
N TRP B 33 -4.16 27.17 36.35
CA TRP B 33 -3.58 28.28 37.07
C TRP B 33 -4.60 29.30 37.54
N ALA B 34 -5.74 29.41 36.85
CA ALA B 34 -6.84 30.20 37.39
C ALA B 34 -7.34 29.61 38.70
N ASN B 35 -7.28 28.28 38.83
CA ASN B 35 -7.65 27.64 40.09
C ASN B 35 -6.60 27.86 41.16
N VAL B 36 -5.31 27.82 40.77
CA VAL B 36 -4.23 28.02 41.74
C VAL B 36 -4.34 29.38 42.40
N PHE B 37 -4.39 30.43 41.60
CA PHE B 37 -4.39 31.79 42.14
C PHE B 37 -5.72 32.17 42.77
N LYS B 38 -6.80 31.46 42.46
CA LYS B 38 -8.06 31.71 43.14
C LYS B 38 -8.02 31.12 44.56
N VAL B 39 -7.45 29.93 44.71
CA VAL B 39 -7.35 29.31 46.02
C VAL B 39 -6.23 29.96 46.84
N ALA B 40 -5.13 30.32 46.19
CA ALA B 40 -3.97 30.90 46.86
C ALA B 40 -3.55 32.18 46.13
N PRO B 41 -4.28 33.28 46.34
CA PRO B 41 -3.88 34.55 45.71
C PRO B 41 -2.54 35.06 46.19
N SER B 42 -2.11 34.69 47.39
CA SER B 42 -0.82 35.11 47.89
C SER B 42 0.35 34.52 47.11
N ALA B 43 0.10 33.52 46.26
CA ALA B 43 1.17 32.88 45.52
C ALA B 43 1.58 33.66 44.27
N ARG B 44 0.78 34.62 43.82
CA ARG B 44 1.08 35.33 42.58
C ARG B 44 2.39 36.11 42.69
N ASP B 45 2.75 36.56 43.88
CA ASP B 45 3.95 37.37 44.04
C ASP B 45 5.21 36.61 43.66
N MET B 46 5.21 35.29 43.80
CA MET B 46 6.36 34.49 43.39
C MET B 46 6.56 34.49 41.88
N PHE B 47 5.54 34.88 41.12
CA PHE B 47 5.57 34.82 39.66
C PHE B 47 5.63 36.21 39.02
N LYS B 48 6.32 37.15 39.68
CA LYS B 48 6.41 38.51 39.14
C LYS B 48 7.11 38.52 37.79
N ARG B 49 8.16 37.71 37.63
CA ARG B 49 8.94 37.74 36.39
C ARG B 49 8.16 37.20 35.20
N VAL B 50 7.15 36.37 35.44
CA VAL B 50 6.36 35.78 34.36
C VAL B 50 4.93 36.32 34.36
N ARG B 51 4.73 37.52 34.91
CA ARG B 51 3.43 38.20 34.90
C ARG B 51 2.35 37.36 35.56
N GLY B 52 2.60 36.94 36.81
CA GLY B 52 1.59 36.26 37.58
C GLY B 52 0.37 37.09 37.87
N ASP B 53 0.48 38.42 37.69
CA ASP B 53 -0.67 39.30 37.84
C ASP B 53 -1.69 39.13 36.72
N ASN B 54 -1.26 38.59 35.57
CA ASN B 54 -2.12 38.51 34.38
C ASN B 54 -1.77 37.22 33.64
N ILE B 55 -2.53 36.16 33.92
CA ILE B 55 -2.25 34.85 33.36
C ILE B 55 -2.70 34.76 31.89
N TYR B 56 -3.28 35.85 31.38
CA TYR B 56 -3.68 35.91 29.97
C TYR B 56 -2.55 36.36 29.05
N THR B 57 -1.45 36.85 29.62
CA THR B 57 -0.35 37.37 28.83
C THR B 57 0.45 36.23 28.20
N PRO B 58 1.11 36.48 27.07
CA PRO B 58 2.00 35.46 26.50
C PRO B 58 3.13 35.07 27.45
N ALA B 59 3.55 35.98 28.34
CA ALA B 59 4.63 35.68 29.26
C ALA B 59 4.24 34.60 30.25
N PHE B 60 3.04 34.69 30.83
CA PHE B 60 2.61 33.67 31.77
C PHE B 60 2.20 32.39 31.06
N ARG B 61 1.58 32.51 29.89
CA ARG B 61 1.21 31.32 29.13
C ARG B 61 2.42 30.47 28.78
N ALA B 62 3.58 31.11 28.59
CA ALA B 62 4.80 30.35 28.35
C ALA B 62 5.30 29.69 29.63
N HIS B 63 5.11 30.34 30.79
CA HIS B 63 5.43 29.70 32.05
C HIS B 63 4.52 28.49 32.30
N ALA B 64 3.22 28.65 32.04
CA ALA B 64 2.30 27.53 32.16
C ALA B 64 2.71 26.38 31.24
N THR B 65 3.22 26.71 30.06
CA THR B 65 3.71 25.67 29.14
C THR B 65 4.87 24.91 29.77
N ARG B 66 5.79 25.61 30.43
CA ARG B 66 6.94 24.95 31.04
C ARG B 66 6.51 24.07 32.21
N VAL B 67 5.55 24.52 33.00
CA VAL B 67 5.07 23.73 34.13
C VAL B 67 4.43 22.44 33.65
N LEU B 68 3.52 22.55 32.68
CA LEU B 68 2.87 21.34 32.16
C LEU B 68 3.86 20.43 31.45
N GLY B 69 4.88 21.01 30.81
CA GLY B 69 5.94 20.19 30.24
C GLY B 69 6.71 19.46 31.31
N GLY B 70 6.96 20.11 32.45
CA GLY B 70 7.60 19.43 33.56
C GLY B 70 6.76 18.29 34.10
N LEU B 71 5.44 18.52 34.22
CA LEU B 71 4.55 17.43 34.62
C LEU B 71 4.57 16.30 33.60
N ASP B 72 4.60 16.64 32.32
CA ASP B 72 4.61 15.61 31.28
C ASP B 72 5.83 14.71 31.40
N MET B 73 7.00 15.31 31.65
CA MET B 73 8.22 14.52 31.79
C MET B 73 8.14 13.60 33.00
N CYS B 74 7.59 14.09 34.11
CA CYS B 74 7.46 13.25 35.31
C CYS B 74 6.47 12.11 35.07
N VAL B 75 5.31 12.43 34.51
CA VAL B 75 4.31 11.39 34.25
C VAL B 75 4.87 10.35 33.29
N ALA B 76 5.55 10.80 32.23
CA ALA B 76 6.13 9.87 31.27
C ALA B 76 7.25 9.03 31.87
N LEU B 77 7.81 9.45 33.00
CA LEU B 77 8.89 8.73 33.66
C LEU B 77 8.43 7.93 34.87
N LEU B 78 7.12 7.89 35.14
CA LEU B 78 6.63 7.22 36.34
C LEU B 78 6.99 5.74 36.36
N ASP B 79 7.14 5.12 35.19
CA ASP B 79 7.53 3.72 35.10
C ASP B 79 9.04 3.53 34.97
N ASP B 80 9.82 4.59 35.24
CA ASP B 80 11.29 4.53 35.16
C ASP B 80 11.83 5.28 36.38
N GLU B 81 11.89 4.56 37.51
CA GLU B 81 12.21 5.18 38.79
C GLU B 81 13.56 5.90 38.75
N SER B 82 14.56 5.29 38.12
CA SER B 82 15.90 5.86 38.11
C SER B 82 15.92 7.21 37.40
N VAL B 83 15.36 7.27 36.20
CA VAL B 83 15.35 8.53 35.45
C VAL B 83 14.34 9.51 36.05
N LEU B 84 13.25 9.01 36.61
CA LEU B 84 12.27 9.88 37.25
C LEU B 84 12.91 10.66 38.40
N ASN B 85 13.62 9.97 39.28
CA ASN B 85 14.24 10.64 40.42
C ASN B 85 15.29 11.65 39.98
N THR B 86 16.01 11.36 38.89
CA THR B 86 16.96 12.33 38.36
C THR B 86 16.25 13.59 37.87
N GLN B 87 15.14 13.42 37.15
CA GLN B 87 14.40 14.58 36.65
C GLN B 87 13.74 15.34 37.80
N LEU B 88 13.26 14.62 38.82
CA LEU B 88 12.69 15.29 39.98
C LEU B 88 13.74 16.14 40.71
N ALA B 89 14.98 15.65 40.75
CA ALA B 89 16.05 16.44 41.35
C ALA B 89 16.33 17.71 40.55
N HIS B 90 16.18 17.64 39.22
CA HIS B 90 16.34 18.84 38.40
C HIS B 90 15.24 19.86 38.72
N LEU B 91 13.98 19.41 38.78
CA LEU B 91 12.90 20.30 39.19
C LEU B 91 13.12 20.83 40.60
N ALA B 92 13.72 20.02 41.48
CA ALA B 92 14.02 20.49 42.82
C ALA B 92 14.97 21.68 42.80
N SER B 93 16.05 21.57 42.01
CA SER B 93 17.00 22.67 41.93
C SER B 93 16.39 23.90 41.25
N GLN B 94 15.42 23.69 40.36
CA GLN B 94 14.75 24.80 39.71
C GLN B 94 13.82 25.56 40.64
N HIS B 95 13.50 25.00 41.82
CA HIS B 95 12.64 25.66 42.79
C HIS B 95 13.34 25.94 44.12
N SER B 96 14.65 25.66 44.24
CA SER B 96 15.30 25.65 45.55
C SER B 96 15.38 27.04 46.16
N SER B 97 15.61 28.07 45.34
CA SER B 97 15.78 29.43 45.84
C SER B 97 14.48 30.22 45.84
N ARG B 98 13.33 29.55 45.90
CA ARG B 98 12.05 30.23 45.77
C ARG B 98 11.13 30.06 46.98
N GLY B 99 11.46 29.19 47.92
CA GLY B 99 10.67 29.07 49.14
C GLY B 99 9.24 28.62 48.93
N VAL B 100 9.03 27.62 48.09
CA VAL B 100 7.70 27.07 47.88
C VAL B 100 7.34 26.18 49.05
N SER B 101 6.18 26.45 49.66
CA SER B 101 5.77 25.67 50.82
C SER B 101 5.12 24.37 50.40
N ALA B 102 5.08 23.41 51.34
CA ALA B 102 4.38 22.16 51.08
C ALA B 102 2.88 22.39 50.86
N GLU B 103 2.31 23.40 51.51
CA GLU B 103 0.92 23.75 51.29
C GLU B 103 0.69 24.24 49.86
N GLN B 104 1.68 24.91 49.28
CA GLN B 104 1.52 25.44 47.92
C GLN B 104 1.63 24.32 46.88
N TYR B 105 2.49 23.32 47.13
CA TYR B 105 2.54 22.17 46.24
C TYR B 105 1.22 21.41 46.24
N ASN B 106 0.55 21.34 47.39
CA ASN B 106 -0.75 20.69 47.45
C ASN B 106 -1.82 21.49 46.70
N VAL B 107 -1.70 22.82 46.70
CA VAL B 107 -2.65 23.65 45.96
C VAL B 107 -2.54 23.40 44.46
N VAL B 108 -1.31 23.31 43.96
CA VAL B 108 -1.12 23.02 42.54
C VAL B 108 -1.54 21.58 42.23
N GLU B 109 -1.29 20.66 43.17
CA GLU B 109 -1.78 19.29 43.01
C GLU B 109 -3.29 19.27 42.76
N HIS B 110 -4.06 19.94 43.62
CA HIS B 110 -5.51 19.93 43.48
C HIS B 110 -5.95 20.61 42.19
N ALA B 111 -5.23 21.65 41.77
CA ALA B 111 -5.59 22.34 40.53
C ALA B 111 -5.32 21.46 39.31
N VAL B 112 -4.17 20.77 39.28
CA VAL B 112 -3.89 19.83 38.20
C VAL B 112 -4.94 18.72 38.19
N MET B 113 -5.38 18.27 39.37
CA MET B 113 -6.40 17.23 39.44
C MET B 113 -7.73 17.74 38.92
N MET B 114 -8.16 18.93 39.35
CA MET B 114 -9.38 19.50 38.80
C MET B 114 -9.25 19.76 37.31
N GLY B 115 -8.06 20.16 36.85
CA GLY B 115 -7.86 20.39 35.43
C GLY B 115 -7.95 19.11 34.62
N VAL B 116 -7.37 18.02 35.13
CA VAL B 116 -7.43 16.74 34.41
C VAL B 116 -8.87 16.22 34.39
N GLU B 117 -9.56 16.27 35.54
CA GLU B 117 -10.94 15.84 35.58
C GLU B 117 -11.82 16.68 34.66
N HIS B 118 -11.60 17.99 34.66
CA HIS B 118 -12.37 18.87 33.77
C HIS B 118 -12.14 18.53 32.31
N GLU B 119 -10.97 17.98 31.98
CA GLU B 119 -10.63 17.66 30.59
C GLU B 119 -11.14 16.29 30.17
N ILE B 120 -11.10 15.30 31.06
CA ILE B 120 -11.50 13.95 30.71
C ILE B 120 -12.84 13.53 31.31
N GLY B 121 -13.34 14.23 32.30
CA GLY B 121 -14.66 13.96 32.84
C GLY B 121 -14.62 13.33 34.22
N GLN B 122 -15.53 13.76 35.09
CA GLN B 122 -15.68 13.13 36.40
C GLN B 122 -16.00 11.65 36.28
N ASN B 123 -16.58 11.24 35.15
CA ASN B 123 -17.02 9.87 34.96
C ASN B 123 -15.86 8.88 35.04
N VAL B 124 -14.67 9.29 34.62
CA VAL B 124 -13.52 8.39 34.54
C VAL B 124 -12.36 8.81 35.44
N PHE B 125 -12.37 10.02 35.98
CA PHE B 125 -11.22 10.50 36.74
C PHE B 125 -10.96 9.61 37.95
N ASP B 126 -9.71 9.15 38.06
CA ASP B 126 -9.27 8.27 39.15
C ASP B 126 -8.56 9.15 40.17
N LYS B 127 -9.32 9.59 41.18
CA LYS B 127 -8.78 10.52 42.17
C LYS B 127 -7.68 9.88 43.00
N ASP B 128 -7.87 8.63 43.43
CA ASP B 128 -6.87 7.97 44.26
C ASP B 128 -5.55 7.80 43.53
N ALA B 129 -5.60 7.37 42.26
CA ALA B 129 -4.37 7.19 41.50
C ALA B 129 -3.66 8.52 41.28
N TRP B 130 -4.41 9.58 41.01
CA TRP B 130 -3.79 10.87 40.74
C TRP B 130 -3.19 11.48 42.00
N GLN B 131 -3.91 11.40 43.12
CA GLN B 131 -3.40 11.98 44.37
C GLN B 131 -2.11 11.28 44.81
N ALA B 132 -2.09 9.95 44.74
CA ALA B 132 -0.92 9.20 45.20
C ALA B 132 0.29 9.47 44.31
N CYS B 133 0.11 9.51 43.00
CA CYS B 133 1.25 9.69 42.10
C CYS B 133 1.71 11.14 42.04
N LEU B 134 0.80 12.10 42.21
CA LEU B 134 1.24 13.49 42.33
C LEU B 134 2.02 13.71 43.62
N ASP B 135 1.62 13.01 44.70
CA ASP B 135 2.40 13.07 45.93
C ASP B 135 3.83 12.59 45.70
N VAL B 136 4.00 11.53 44.91
CA VAL B 136 5.34 11.04 44.59
C VAL B 136 6.12 12.13 43.85
N ILE B 137 5.47 12.83 42.94
CA ILE B 137 6.16 13.84 42.13
C ILE B 137 6.56 15.03 43.00
N THR B 138 5.61 15.62 43.72
CA THR B 138 5.89 16.84 44.46
C THR B 138 6.85 16.59 45.61
N SER B 139 6.70 15.47 46.31
CA SER B 139 7.63 15.17 47.40
C SER B 139 9.06 15.01 46.88
N GLY B 140 9.22 14.58 45.63
CA GLY B 140 10.54 14.54 45.04
C GLY B 140 11.06 15.91 44.63
N ILE B 141 10.16 16.79 44.20
CA ILE B 141 10.56 18.16 43.87
C ILE B 141 10.94 18.91 45.15
N GLN B 142 10.32 18.58 46.28
CA GLN B 142 10.66 19.18 47.56
C GLN B 142 11.93 18.60 48.17
N GLY B 143 12.73 17.90 47.38
CA GLY B 143 13.92 17.27 47.90
C GLY B 143 13.67 16.15 48.89
N ASN B 144 12.45 15.63 48.93
CA ASN B 144 12.09 14.56 49.86
C ASN B 144 12.00 13.22 49.14
N SER C 2 9.91 31.07 -0.87
CA SER C 2 10.44 31.66 0.35
C SER C 2 10.81 30.58 1.37
N ASN C 3 11.64 30.95 2.35
CA ASN C 3 12.06 30.03 3.39
C ASN C 3 11.29 30.24 4.69
N SER C 4 10.18 30.95 4.66
CA SER C 4 9.41 31.20 5.87
C SER C 4 8.65 29.96 6.31
N CYS C 5 8.59 29.74 7.62
CA CYS C 5 7.76 28.68 8.19
C CYS C 5 6.31 29.13 8.16
N THR C 6 5.57 28.65 7.15
CA THR C 6 4.20 29.07 6.94
C THR C 6 3.25 28.31 7.86
N THR C 7 1.97 28.72 7.84
CA THR C 7 0.95 27.98 8.55
C THR C 7 0.84 26.54 8.04
N GLU C 8 0.93 26.36 6.71
CA GLU C 8 0.92 25.02 6.15
C GLU C 8 2.10 24.21 6.67
N ASP C 9 3.30 24.78 6.64
CA ASP C 9 4.47 24.10 7.17
C ASP C 9 4.31 23.75 8.64
N ARG C 10 3.66 24.62 9.41
CA ARG C 10 3.44 24.35 10.83
C ARG C 10 2.55 23.13 11.02
N ARG C 11 1.49 23.01 10.21
CA ARG C 11 0.63 21.82 10.29
C ARG C 11 1.39 20.56 9.93
N GLU C 12 2.30 20.64 8.96
CA GLU C 12 3.04 19.45 8.55
C GLU C 12 4.04 19.02 9.62
N MET C 13 4.71 19.97 10.26
CA MET C 13 5.68 19.61 11.29
C MET C 13 4.98 18.98 12.50
N GLN C 14 3.81 19.49 12.87
CA GLN C 14 3.09 18.92 14.00
C GLN C 14 2.57 17.52 13.70
N LEU C 15 2.24 17.23 12.44
CA LEU C 15 1.88 15.87 12.07
C LEU C 15 3.10 14.96 12.07
N MET C 16 4.19 15.41 11.45
CA MET C 16 5.44 14.64 11.47
C MET C 16 5.89 14.38 12.90
N TRP C 17 5.57 15.28 13.83
CA TRP C 17 6.01 15.13 15.22
C TRP C 17 5.04 14.26 16.02
N ALA C 18 3.74 14.45 15.83
CA ALA C 18 2.75 13.67 16.57
C ALA C 18 2.77 12.21 16.15
N ASN C 19 2.98 11.95 14.85
CA ASN C 19 3.09 10.58 14.36
C ASN C 19 4.23 9.82 15.02
N VAL C 20 5.22 10.54 15.58
CA VAL C 20 6.36 9.90 16.22
C VAL C 20 6.36 10.11 17.73
N TRP C 21 5.58 11.05 18.26
CA TRP C 21 5.58 11.32 19.69
C TRP C 21 4.88 10.21 20.45
N SER C 22 5.44 9.85 21.60
CA SER C 22 4.83 8.91 22.53
C SER C 22 4.35 9.69 23.74
N ALA C 23 3.02 9.81 23.88
CA ALA C 23 2.43 10.67 24.90
C ALA C 23 2.49 10.07 26.30
N GLN C 24 2.78 8.78 26.43
CA GLN C 24 2.72 8.11 27.74
C GLN C 24 4.05 7.58 28.22
N PHE C 25 4.98 7.22 27.33
CA PHE C 25 6.23 6.59 27.73
C PHE C 25 7.40 7.24 27.02
N THR C 26 8.55 7.23 27.70
CA THR C 26 9.75 7.87 27.19
C THR C 26 10.54 7.00 26.21
N GLY C 27 10.03 5.80 25.89
CA GLY C 27 10.77 4.91 25.01
C GLY C 27 11.08 5.54 23.67
N ARG C 28 10.05 6.09 23.01
CA ARG C 28 10.26 6.74 21.73
C ARG C 28 11.04 8.03 21.88
N ARG C 29 10.63 8.88 22.82
CA ARG C 29 11.29 10.17 23.01
C ARG C 29 12.78 9.99 23.24
N LEU C 30 13.14 9.06 24.12
CA LEU C 30 14.55 8.84 24.45
C LEU C 30 15.33 8.34 23.23
N ALA C 31 14.77 7.39 22.49
CA ALA C 31 15.47 6.85 21.33
C ALA C 31 15.69 7.93 20.27
N ILE C 32 14.70 8.79 20.05
CA ILE C 32 14.87 9.90 19.11
C ILE C 32 15.99 10.82 19.58
N ALA C 33 15.93 11.24 20.84
CA ALA C 33 16.90 12.20 21.36
C ALA C 33 18.30 11.62 21.40
N GLN C 34 18.45 10.40 21.93
CA GLN C 34 19.77 9.78 21.98
C GLN C 34 20.37 9.63 20.60
N ALA C 35 19.55 9.29 19.60
CA ALA C 35 20.07 9.17 18.24
C ALA C 35 20.52 10.51 17.68
N VAL C 36 19.86 11.60 18.09
CA VAL C 36 20.24 12.93 17.60
C VAL C 36 21.58 13.34 18.19
N PHE C 37 21.74 13.19 19.50
CA PHE C 37 23.00 13.57 20.14
C PHE C 37 24.14 12.65 19.73
N LYS C 38 23.85 11.37 19.47
CA LYS C 38 24.85 10.49 18.87
C LYS C 38 25.33 11.06 17.53
N ASP C 39 24.37 11.45 16.68
CA ASP C 39 24.71 12.05 15.39
C ASP C 39 25.49 13.34 15.57
N LEU C 40 25.04 14.20 16.49
CA LEU C 40 25.72 15.47 16.72
C LEU C 40 27.15 15.26 17.19
N PHE C 41 27.34 14.35 18.16
CA PHE C 41 28.67 14.13 18.72
C PHE C 41 29.61 13.55 17.68
N ALA C 42 29.11 12.62 16.85
CA ALA C 42 29.95 12.06 15.79
C ALA C 42 30.40 13.14 14.81
N HIS C 43 29.52 14.08 14.49
CA HIS C 43 29.86 15.13 13.55
C HIS C 43 30.58 16.31 14.20
N VAL C 44 30.29 16.59 15.46
CA VAL C 44 30.98 17.64 16.21
C VAL C 44 31.57 17.03 17.47
N PRO C 45 32.74 16.38 17.38
CA PRO C 45 33.30 15.72 18.57
C PRO C 45 33.52 16.64 19.76
N ASP C 46 33.82 17.91 19.54
CA ASP C 46 34.02 18.82 20.67
C ASP C 46 32.70 19.25 21.33
N ALA C 47 31.56 18.86 20.76
CA ALA C 47 30.28 19.20 21.38
C ALA C 47 29.99 18.36 22.61
N VAL C 48 30.65 17.20 22.76
CA VAL C 48 30.38 16.33 23.90
C VAL C 48 30.80 17.00 25.21
N GLY C 49 31.82 17.85 25.16
CA GLY C 49 32.29 18.52 26.36
C GLY C 49 31.31 19.54 26.91
N LEU C 50 30.41 20.05 26.07
CA LEU C 50 29.41 21.00 26.56
C LEU C 50 28.40 20.35 27.49
N PHE C 51 28.34 19.02 27.52
CA PHE C 51 27.36 18.28 28.30
C PHE C 51 28.02 17.45 29.38
N ASP C 52 29.09 18.00 29.98
CA ASP C 52 29.76 17.28 31.07
C ASP C 52 28.88 17.18 32.31
N ARG C 53 28.07 18.21 32.57
CA ARG C 53 27.20 18.18 33.74
C ARG C 53 26.11 17.14 33.63
N VAL C 54 25.73 16.73 32.42
CA VAL C 54 24.68 15.75 32.22
C VAL C 54 25.24 14.45 31.65
N HIS C 55 26.54 14.20 31.82
CA HIS C 55 27.19 12.96 31.39
C HIS C 55 27.04 12.75 29.89
N GLY C 56 27.54 13.71 29.12
CA GLY C 56 27.47 13.59 27.67
C GLY C 56 28.23 12.39 27.13
N THR C 57 29.35 12.02 27.77
CA THR C 57 30.13 10.89 27.33
C THR C 57 29.42 9.56 27.57
N GLU C 58 28.41 9.54 28.44
CA GLU C 58 27.67 8.33 28.78
C GLU C 58 26.21 8.56 28.37
N ILE C 59 25.91 8.30 27.10
CA ILE C 59 24.59 8.58 26.54
C ILE C 59 23.50 7.74 27.21
N ASP C 60 23.86 6.60 27.79
CA ASP C 60 22.90 5.72 28.43
C ASP C 60 22.77 5.97 29.93
N SER C 61 23.52 6.93 30.48
CA SER C 61 23.42 7.22 31.90
C SER C 61 22.06 7.85 32.22
N SER C 62 21.68 7.79 33.50
CA SER C 62 20.43 8.41 33.94
C SER C 62 20.48 9.92 33.79
N GLU C 63 21.66 10.53 33.95
CA GLU C 63 21.76 11.98 33.86
C GLU C 63 21.55 12.46 32.42
N PHE C 64 22.09 11.75 31.44
CA PHE C 64 21.92 12.16 30.06
C PHE C 64 20.55 11.75 29.51
N LYS C 65 20.00 10.64 29.99
CA LYS C 65 18.63 10.28 29.62
C LYS C 65 17.65 11.38 30.05
N ALA C 66 17.84 11.92 31.26
CA ALA C 66 16.97 12.99 31.73
C ALA C 66 17.18 14.27 30.92
N HIS C 67 18.43 14.54 30.52
CA HIS C 67 18.69 15.69 29.66
C HIS C 67 18.00 15.54 28.31
N CYS C 68 18.11 14.35 27.72
CA CYS C 68 17.47 14.09 26.43
C CYS C 68 15.96 14.34 26.50
N ILE C 69 15.32 13.87 27.59
CA ILE C 69 13.89 14.08 27.75
C ILE C 69 13.58 15.57 27.92
N ARG C 70 14.46 16.32 28.57
CA ARG C 70 14.26 17.76 28.70
C ARG C 70 14.32 18.45 27.34
N VAL C 71 15.34 18.12 26.54
CA VAL C 71 15.47 18.72 25.21
C VAL C 71 14.25 18.37 24.35
N VAL C 72 13.86 17.10 24.38
CA VAL C 72 12.70 16.67 23.59
C VAL C 72 11.42 17.33 24.10
N ASN C 73 11.31 17.51 25.43
CA ASN C 73 10.19 18.27 25.97
C ASN C 73 10.20 19.71 25.49
N GLY C 74 11.39 20.32 25.42
CA GLY C 74 11.49 21.68 24.92
C GLY C 74 11.10 21.79 23.46
N LEU C 75 11.54 20.84 22.63
CA LEU C 75 11.16 20.87 21.22
C LEU C 75 9.67 20.61 21.05
N ASP C 76 9.11 19.68 21.84
CA ASP C 76 7.68 19.45 21.80
C ASP C 76 6.90 20.71 22.13
N SER C 77 7.35 21.47 23.12
CA SER C 77 6.64 22.68 23.51
C SER C 77 6.69 23.72 22.41
N ALA C 78 7.83 23.85 21.73
CA ALA C 78 7.97 24.84 20.67
C ALA C 78 7.14 24.47 19.45
N ILE C 79 7.18 23.18 19.05
CA ILE C 79 6.41 22.75 17.88
C ILE C 79 4.92 22.97 18.11
N GLY C 80 4.43 22.66 19.31
CA GLY C 80 3.03 22.91 19.61
C GLY C 80 2.70 24.38 19.66
N LEU C 81 3.64 25.20 20.15
CA LEU C 81 3.43 26.63 20.22
C LEU C 81 3.60 27.33 18.88
N LEU C 82 3.95 26.61 17.81
CA LEU C 82 3.91 27.19 16.49
C LEU C 82 2.51 27.68 16.13
N SER C 83 1.49 27.09 16.76
CA SER C 83 0.11 27.53 16.54
C SER C 83 -0.20 28.85 17.25
N ASP C 84 0.59 29.23 18.25
CA ASP C 84 0.40 30.47 18.99
CA ASP C 84 0.41 30.48 18.99
C ASP C 84 1.76 31.16 19.09
N PRO C 85 2.18 31.85 18.02
CA PRO C 85 3.54 32.43 18.00
C PRO C 85 3.80 33.51 19.03
N SER C 86 2.76 34.19 19.54
CA SER C 86 2.97 35.16 20.61
C SER C 86 3.56 34.48 21.84
N THR C 87 2.95 33.39 22.29
CA THR C 87 3.50 32.63 23.40
C THR C 87 4.80 31.94 23.01
N LEU C 88 4.90 31.49 21.75
CA LEU C 88 6.14 30.88 21.28
C LEU C 88 7.33 31.81 21.44
N ASN C 89 7.15 33.09 21.08
CA ASN C 89 8.24 34.06 21.21
C ASN C 89 8.72 34.15 22.66
N GLU C 90 7.78 34.11 23.61
CA GLU C 90 8.18 34.13 25.02
C GLU C 90 8.92 32.86 25.40
N GLN C 91 8.46 31.71 24.92
CA GLN C 91 9.11 30.45 25.27
C GLN C 91 10.49 30.34 24.63
N LEU C 92 10.64 30.81 23.40
CA LEU C 92 11.96 30.74 22.75
C LEU C 92 12.95 31.68 23.43
N SER C 93 12.49 32.80 23.97
CA SER C 93 13.37 33.67 24.74
C SER C 93 13.87 32.97 26.00
N HIS C 94 12.97 32.25 26.69
CA HIS C 94 13.37 31.51 27.88
C HIS C 94 14.40 30.44 27.54
N LEU C 95 14.21 29.75 26.42
CA LEU C 95 15.19 28.76 25.98
C LEU C 95 16.50 29.42 25.57
N ALA C 96 16.44 30.62 25.01
CA ALA C 96 17.66 31.32 24.60
C ALA C 96 18.54 31.62 25.81
N THR C 97 17.95 32.16 26.88
CA THR C 97 18.73 32.46 28.07
C THR C 97 19.28 31.19 28.71
N GLN C 98 18.53 30.08 28.64
CA GLN C 98 19.03 28.82 29.19
C GLN C 98 20.27 28.33 28.45
N HIS C 99 20.36 28.59 27.16
CA HIS C 99 21.54 28.27 26.37
C HIS C 99 22.52 29.43 26.28
N GLN C 100 22.18 30.59 26.83
CA GLN C 100 22.96 31.80 26.61
C GLN C 100 24.26 31.77 27.41
N GLU C 101 25.35 32.11 26.73
CA GLU C 101 26.66 32.33 27.36
C GLU C 101 27.09 31.12 28.18
N ARG C 102 26.78 29.93 27.67
CA ARG C 102 27.56 28.72 27.94
C ARG C 102 28.59 28.65 26.83
N ALA C 103 29.85 28.95 27.17
CA ALA C 103 30.95 29.23 26.24
C ALA C 103 30.77 28.64 24.85
N GLY C 104 30.83 27.32 24.73
CA GLY C 104 30.82 26.65 23.45
C GLY C 104 29.46 26.45 22.81
N VAL C 105 28.40 27.05 23.33
CA VAL C 105 27.06 26.93 22.74
C VAL C 105 26.88 28.10 21.77
N THR C 106 26.95 27.80 20.47
CA THR C 106 26.95 28.81 19.43
C THR C 106 25.86 28.50 18.41
N LYS C 107 25.71 29.41 17.43
CA LYS C 107 24.77 29.17 16.35
C LYS C 107 25.23 28.02 15.45
N GLY C 108 26.54 27.76 15.41
CA GLY C 108 27.04 26.65 14.62
C GLY C 108 26.63 25.30 15.17
N GLY C 109 26.54 25.18 16.49
CA GLY C 109 26.07 23.94 17.09
C GLY C 109 24.62 23.64 16.78
N PHE C 110 23.80 24.69 16.68
CA PHE C 110 22.39 24.50 16.35
C PHE C 110 22.22 24.12 14.87
N SER C 111 23.05 24.68 13.99
CA SER C 111 23.03 24.24 12.60
C SER C 111 23.47 22.79 12.47
N ALA C 112 24.36 22.34 13.35
CA ALA C 112 24.79 20.95 13.33
C ALA C 112 23.67 20.02 13.80
N ILE C 113 23.00 20.37 14.90
CA ILE C 113 21.91 19.53 15.39
C ILE C 113 20.72 19.58 14.45
N ALA C 114 20.57 20.65 13.67
CA ALA C 114 19.54 20.67 12.65
C ALA C 114 19.76 19.57 11.63
N GLN C 115 21.01 19.40 11.19
CA GLN C 115 21.32 18.29 10.29
C GLN C 115 21.19 16.95 10.99
N SER C 116 21.40 16.92 12.31
CA SER C 116 21.20 15.67 13.06
C SER C 116 19.75 15.22 13.01
N PHE C 117 18.82 16.15 13.25
CA PHE C 117 17.40 15.80 13.16
C PHE C 117 17.02 15.38 11.75
N LEU C 118 17.56 16.07 10.73
CA LEU C 118 17.24 15.74 9.35
C LEU C 118 17.70 14.34 8.97
N ARG C 119 18.68 13.78 9.67
CA ARG C 119 19.10 12.40 9.41
C ARG C 119 18.37 11.40 10.30
N VAL C 120 17.95 11.81 11.50
CA VAL C 120 17.28 10.89 12.41
C VAL C 120 15.80 10.76 12.06
N MET C 121 15.13 11.88 11.78
CA MET C 121 13.67 11.87 11.63
C MET C 121 13.17 10.94 10.53
N PRO C 122 13.74 10.91 9.31
CA PRO C 122 13.20 9.99 8.29
C PRO C 122 13.31 8.53 8.67
N GLN C 123 14.19 8.16 9.60
CA GLN C 123 14.30 6.78 10.04
C GLN C 123 13.22 6.36 11.01
N VAL C 124 12.51 7.33 11.61
CA VAL C 124 11.55 7.02 12.65
C VAL C 124 10.17 7.55 12.28
N ALA C 125 10.13 8.57 11.43
CA ALA C 125 8.90 9.23 11.05
C ALA C 125 8.40 8.72 9.70
N SER C 126 7.09 8.50 9.60
CA SER C 126 6.45 8.17 8.33
C SER C 126 5.99 9.45 7.65
N CYS C 127 6.15 9.48 6.32
CA CYS C 127 5.77 10.64 5.51
C CYS C 127 6.55 11.89 5.90
N PHE C 128 7.86 11.73 6.14
CA PHE C 128 8.65 12.86 6.57
C PHE C 128 8.87 13.84 5.42
N ASN C 129 8.55 15.11 5.67
CA ASN C 129 8.75 16.21 4.72
C ASN C 129 9.96 17.03 5.19
N PRO C 130 11.16 16.76 4.68
CA PRO C 130 12.34 17.49 5.18
C PRO C 130 12.31 18.98 4.87
N ASP C 131 11.69 19.38 3.77
CA ASP C 131 11.62 20.80 3.43
C ASP C 131 10.81 21.57 4.47
N ALA C 132 9.57 21.15 4.72
CA ALA C 132 8.71 21.84 5.68
C ALA C 132 9.24 21.71 7.09
N TRP C 133 9.85 20.58 7.44
CA TRP C 133 10.42 20.42 8.77
C TRP C 133 11.51 21.45 9.04
N SER C 134 12.44 21.60 8.09
CA SER C 134 13.58 22.47 8.30
C SER C 134 13.18 23.93 8.36
N ARG C 135 12.19 24.35 7.58
CA ARG C 135 11.78 25.76 7.61
C ARG C 135 11.24 26.16 8.97
N CYS C 136 10.54 25.24 9.65
CA CYS C 136 10.01 25.55 10.97
C CYS C 136 10.97 25.18 12.09
N PHE C 137 11.82 24.17 11.88
CA PHE C 137 12.89 23.91 12.83
C PHE C 137 13.83 25.10 12.92
N ASN C 138 14.18 25.70 11.76
CA ASN C 138 15.03 26.88 11.76
C ASN C 138 14.31 28.07 12.38
N ARG C 139 13.01 28.22 12.11
CA ARG C 139 12.23 29.25 12.77
C ARG C 139 12.34 29.13 14.29
N ILE C 140 12.34 27.91 14.80
CA ILE C 140 12.44 27.69 16.25
C ILE C 140 13.86 28.01 16.73
N THR C 141 14.88 27.50 16.03
CA THR C 141 16.25 27.72 16.47
C THR C 141 16.68 29.17 16.30
N ASN C 142 16.06 29.90 15.36
CA ASN C 142 16.35 31.33 15.23
C ASN C 142 15.99 32.07 16.51
N GLY C 143 14.85 31.73 17.12
CA GLY C 143 14.50 32.33 18.39
C GLY C 143 15.37 31.86 19.55
N MET C 144 15.86 30.61 19.46
CA MET C 144 16.68 30.07 20.55
C MET C 144 18.09 30.63 20.55
N THR C 145 18.58 31.15 19.42
CA THR C 145 19.97 31.57 19.30
C THR C 145 20.11 33.06 19.03
N GLU C 146 19.12 33.85 19.45
CA GLU C 146 19.15 35.29 19.15
C GLU C 146 20.39 35.95 19.72
N GLY C 147 20.72 35.66 20.98
CA GLY C 147 21.87 36.28 21.62
C GLY C 147 23.06 35.36 21.77
N LEU C 148 23.31 34.53 20.77
CA LEU C 148 24.45 33.62 20.76
C LEU C 148 25.45 34.04 19.68
N ALA C 149 26.70 33.66 19.90
CA ALA C 149 27.72 33.88 18.88
C ALA C 149 27.55 32.88 17.74
N GLU C 150 28.13 33.23 16.58
CA GLU C 150 28.09 32.35 15.43
C GLU C 150 28.82 31.04 15.70
N GLU D 2 -22.94 -19.11 21.33
CA GLU D 2 -22.41 -19.18 22.69
C GLU D 2 -21.61 -17.92 23.06
N PHE D 3 -20.99 -17.98 24.24
CA PHE D 3 -20.10 -16.96 24.81
C PHE D 3 -20.87 -15.76 25.37
N CYS D 4 -20.76 -14.58 24.76
CA CYS D 4 -21.48 -13.43 25.27
C CYS D 4 -22.08 -12.65 24.11
N SER D 5 -22.99 -11.72 24.45
CA SER D 5 -23.74 -10.99 23.45
C SER D 5 -22.83 -10.03 22.69
N GLU D 6 -23.34 -9.53 21.55
CA GLU D 6 -22.56 -8.63 20.72
C GLU D 6 -22.34 -7.29 21.41
N ALA D 7 -23.33 -6.79 22.15
CA ALA D 7 -23.16 -5.52 22.84
C ALA D 7 -22.22 -5.67 24.04
N ASP D 8 -22.30 -6.79 24.75
CA ASP D 8 -21.35 -7.03 25.83
C ASP D 8 -19.94 -7.19 25.30
N ALA D 9 -19.78 -7.92 24.19
CA ALA D 9 -18.46 -8.10 23.60
C ALA D 9 -17.87 -6.77 23.14
N THR D 10 -18.70 -5.90 22.57
CA THR D 10 -18.23 -4.59 22.12
C THR D 10 -17.68 -3.78 23.28
N ILE D 11 -18.30 -3.88 24.45
CA ILE D 11 -17.82 -3.16 25.62
C ILE D 11 -16.48 -3.73 26.07
N VAL D 12 -16.39 -5.06 26.16
CA VAL D 12 -15.15 -5.70 26.60
C VAL D 12 -14.01 -5.38 25.64
N ILE D 13 -14.28 -5.44 24.34
CA ILE D 13 -13.23 -5.21 23.34
C ILE D 13 -12.75 -3.76 23.42
N LYS D 14 -13.67 -2.81 23.54
CA LYS D 14 -13.27 -1.40 23.62
C LYS D 14 -12.45 -1.14 24.89
N GLN D 15 -12.93 -1.65 26.03
CA GLN D 15 -12.23 -1.41 27.29
C GLN D 15 -10.88 -2.12 27.33
N TRP D 16 -10.78 -3.30 26.71
CA TRP D 16 -9.49 -3.99 26.65
C TRP D 16 -8.50 -3.21 25.78
N ASN D 17 -8.95 -2.68 24.65
CA ASN D 17 -8.06 -1.94 23.77
C ASN D 17 -7.59 -0.62 24.38
N GLN D 18 -8.27 -0.15 25.44
CA GLN D 18 -7.76 1.00 26.19
C GLN D 18 -6.35 0.75 26.70
N ILE D 19 -6.10 -0.44 27.23
CA ILE D 19 -4.86 -0.75 27.94
C ILE D 19 -3.97 -1.72 27.18
N TYR D 20 -4.46 -2.32 26.10
CA TYR D 20 -3.67 -3.30 25.36
C TYR D 20 -3.99 -3.17 23.88
N ASN D 21 -2.97 -2.92 23.08
CA ASN D 21 -3.10 -2.89 21.63
C ASN D 21 -1.71 -3.02 21.02
N ALA D 22 -1.64 -2.98 19.68
CA ALA D 22 -0.36 -3.11 18.99
C ALA D 22 0.58 -1.95 19.28
N GLY D 23 0.06 -0.82 19.75
CA GLY D 23 0.89 0.34 20.06
C GLY D 23 1.41 0.41 21.47
N ILE D 24 0.98 -0.49 22.35
CA ILE D 24 1.42 -0.47 23.74
C ILE D 24 2.81 -1.11 23.82
N GLY D 25 3.73 -0.43 24.51
CA GLY D 25 5.06 -0.97 24.66
C GLY D 25 5.06 -2.26 25.46
N ALA D 26 6.06 -3.10 25.20
CA ALA D 26 6.13 -4.40 25.87
C ALA D 26 6.35 -4.25 27.36
N LYS D 27 7.01 -3.17 27.80
CA LYS D 27 7.21 -2.96 29.24
C LYS D 27 5.89 -2.85 29.97
N SER D 28 4.94 -2.10 29.40
CA SER D 28 3.61 -2.03 29.99
C SER D 28 2.92 -3.37 29.97
N ARG D 29 3.17 -4.17 28.93
CA ARG D 29 2.57 -5.50 28.84
C ARG D 29 2.99 -6.38 30.02
N TRP D 30 4.31 -6.50 30.24
CA TRP D 30 4.76 -7.39 31.31
C TRP D 30 4.61 -6.78 32.69
N THR D 31 4.51 -5.45 32.79
CA THR D 31 4.13 -4.85 34.06
C THR D 31 2.74 -5.32 34.48
N MET D 32 1.78 -5.27 33.55
CA MET D 32 0.48 -5.87 33.80
C MET D 32 0.60 -7.37 34.01
N GLY D 33 1.43 -8.03 33.19
CA GLY D 33 1.63 -9.47 33.34
C GLY D 33 2.19 -9.84 34.70
N ASN D 34 3.16 -9.06 35.18
CA ASN D 34 3.74 -9.35 36.49
C ASN D 34 2.76 -9.10 37.62
N GLU D 35 1.95 -8.04 37.50
CA GLU D 35 0.93 -7.78 38.51
C GLU D 35 -0.10 -8.91 38.55
N ILE D 36 -0.47 -9.42 37.37
CA ILE D 36 -1.48 -10.48 37.32
C ILE D 36 -0.95 -11.76 37.95
N PHE D 37 0.26 -12.17 37.59
CA PHE D 37 0.79 -13.43 38.09
C PHE D 37 1.25 -13.34 39.53
N SER D 38 1.76 -12.18 39.97
CA SER D 38 2.03 -11.99 41.39
C SER D 38 0.75 -12.12 42.20
N SER D 39 -0.35 -11.59 41.70
CA SER D 39 -1.63 -11.74 42.39
C SER D 39 -2.11 -13.18 42.35
N LEU D 40 -1.87 -13.89 41.24
CA LEU D 40 -2.27 -15.28 41.15
C LEU D 40 -1.51 -16.14 42.16
N PHE D 41 -0.21 -15.89 42.31
CA PHE D 41 0.60 -16.67 43.25
C PHE D 41 0.25 -16.37 44.70
N LYS D 42 -0.32 -15.20 44.99
CA LYS D 42 -0.77 -14.93 46.35
C LYS D 42 -2.07 -15.66 46.66
N LEU D 43 -2.94 -15.85 45.66
CA LEU D 43 -4.17 -16.61 45.88
C LEU D 43 -3.90 -18.11 45.91
N LYS D 44 -3.20 -18.63 44.90
CA LYS D 44 -2.85 -20.04 44.80
C LYS D 44 -1.34 -20.17 44.79
N PRO D 45 -0.69 -20.23 45.96
CA PRO D 45 0.77 -20.30 45.98
C PRO D 45 1.34 -21.59 45.40
N GLU D 46 0.56 -22.68 45.36
CA GLU D 46 1.06 -23.93 44.82
C GLU D 46 1.09 -23.95 43.30
N SER D 47 0.57 -22.92 42.64
CA SER D 47 0.59 -22.85 41.19
C SER D 47 1.86 -22.21 40.64
N GLU D 48 2.64 -21.52 41.47
CA GLU D 48 3.85 -20.86 41.00
C GLU D 48 4.86 -21.86 40.45
N VAL D 49 4.89 -23.07 41.00
CA VAL D 49 5.84 -24.08 40.57
C VAL D 49 5.58 -24.54 39.13
N LEU D 50 4.35 -24.38 38.64
CA LEU D 50 4.03 -24.77 37.28
C LEU D 50 4.78 -23.94 36.23
N PHE D 51 5.41 -22.83 36.64
CA PHE D 51 6.08 -21.92 35.72
C PHE D 51 7.59 -21.95 35.89
N ASN D 52 8.15 -23.06 36.39
CA ASN D 52 9.59 -23.14 36.57
C ASN D 52 10.33 -23.13 35.23
N ASN D 53 9.69 -23.63 34.18
CA ASN D 53 10.34 -23.74 32.88
C ASN D 53 10.56 -22.38 32.23
N VAL D 54 9.87 -21.33 32.68
CA VAL D 54 10.03 -20.01 32.11
C VAL D 54 10.64 -19.07 33.15
N ASN D 55 11.39 -19.65 34.10
CA ASN D 55 12.17 -18.90 35.07
C ASN D 55 11.28 -17.96 35.90
N VAL D 56 10.24 -18.54 36.50
CA VAL D 56 9.37 -17.77 37.39
C VAL D 56 10.11 -17.33 38.64
N ALA D 57 11.22 -18.00 38.98
CA ALA D 57 12.04 -17.57 40.11
C ALA D 57 12.55 -16.14 39.94
N ASN D 58 12.61 -15.64 38.71
CA ASN D 58 12.98 -14.26 38.44
C ASN D 58 11.97 -13.69 37.44
N MET D 59 10.95 -13.00 37.95
CA MET D 59 9.90 -12.42 37.10
C MET D 59 10.39 -11.19 36.35
N SER D 60 11.65 -10.81 36.48
CA SER D 60 12.24 -9.75 35.67
C SER D 60 13.10 -10.30 34.54
N SER D 61 13.18 -11.62 34.40
CA SER D 61 13.98 -12.23 33.35
C SER D 61 13.27 -12.11 32.00
N GLY D 62 14.05 -12.20 30.93
CA GLY D 62 13.47 -12.20 29.60
C GLY D 62 12.56 -13.39 29.37
N ALA D 63 12.88 -14.54 29.96
CA ALA D 63 12.09 -15.75 29.77
C ALA D 63 10.69 -15.57 30.34
N PHE D 64 10.58 -15.08 31.58
CA PHE D 64 9.27 -14.91 32.17
C PHE D 64 8.53 -13.71 31.60
N HIS D 65 9.26 -12.65 31.25
CA HIS D 65 8.64 -11.52 30.55
C HIS D 65 7.97 -11.99 29.27
N ALA D 66 8.67 -12.82 28.49
CA ALA D 66 8.08 -13.35 27.26
C ALA D 66 6.89 -14.25 27.54
N HIS D 67 6.87 -14.92 28.71
CA HIS D 67 5.74 -15.76 29.05
C HIS D 67 4.48 -14.92 29.24
N THR D 68 4.56 -13.87 30.06
CA THR D 68 3.39 -13.05 30.30
C THR D 68 2.94 -12.33 29.04
N VAL D 69 3.89 -11.93 28.19
CA VAL D 69 3.54 -11.38 26.88
C VAL D 69 2.78 -12.40 26.06
N ARG D 70 3.21 -13.67 26.12
CA ARG D 70 2.49 -14.73 25.42
C ARG D 70 1.10 -14.93 26.01
N VAL D 71 0.98 -14.86 27.33
CA VAL D 71 -0.32 -15.10 27.97
C VAL D 71 -1.29 -13.97 27.64
N LEU D 72 -0.84 -12.72 27.77
CA LEU D 72 -1.72 -11.60 27.49
C LEU D 72 -2.07 -11.51 26.01
N SER D 73 -1.18 -11.96 25.12
CA SER D 73 -1.50 -12.01 23.70
C SER D 73 -2.60 -13.03 23.43
N GLY D 74 -2.56 -14.17 24.12
CA GLY D 74 -3.64 -15.14 23.98
C GLY D 74 -4.96 -14.61 24.52
N LEU D 75 -4.91 -13.92 25.65
CA LEU D 75 -6.12 -13.28 26.18
C LEU D 75 -6.63 -12.21 25.22
N ASP D 76 -5.71 -11.43 24.64
CA ASP D 76 -6.11 -10.43 23.64
C ASP D 76 -6.73 -11.09 22.43
N MET D 77 -6.19 -12.24 22.02
CA MET D 77 -6.73 -12.95 20.86
C MET D 77 -8.15 -13.45 21.12
N GLY D 78 -8.40 -14.00 22.30
CA GLY D 78 -9.74 -14.45 22.63
C GLY D 78 -10.73 -13.31 22.69
N ILE D 79 -10.32 -12.18 23.29
CA ILE D 79 -11.21 -11.03 23.40
C ILE D 79 -11.61 -10.51 22.03
N ASN D 80 -10.62 -10.33 21.14
CA ASN D 80 -10.91 -9.76 19.84
C ASN D 80 -11.69 -10.70 18.93
N TYR D 81 -11.92 -11.95 19.32
CA TYR D 81 -12.75 -12.88 18.56
C TYR D 81 -14.03 -13.25 19.30
N LEU D 82 -14.50 -12.37 20.18
CA LEU D 82 -15.72 -12.65 20.93
C LEU D 82 -16.95 -12.68 20.02
N ASN D 83 -16.97 -11.88 18.96
CA ASN D 83 -18.07 -11.85 18.02
C ASN D 83 -17.91 -12.87 16.89
N ASP D 84 -16.97 -13.81 17.02
CA ASP D 84 -16.75 -14.88 16.04
C ASP D 84 -16.77 -16.18 16.84
N ALA D 85 -17.96 -16.64 17.19
CA ALA D 85 -18.10 -17.79 18.09
C ALA D 85 -17.44 -19.04 17.51
N GLY D 86 -17.54 -19.21 16.18
CA GLY D 86 -16.92 -20.38 15.58
C GLY D 86 -15.42 -20.41 15.76
N THR D 87 -14.76 -19.29 15.45
CA THR D 87 -13.31 -19.23 15.59
C THR D 87 -12.89 -19.25 17.05
N LEU D 88 -13.61 -18.51 17.90
CA LEU D 88 -13.27 -18.48 19.32
C LEU D 88 -13.36 -19.87 19.95
N THR D 89 -14.30 -20.69 19.49
CA THR D 89 -14.39 -22.06 19.97
C THR D 89 -13.11 -22.83 19.64
N SER D 90 -12.66 -22.74 18.38
CA SER D 90 -11.42 -23.42 17.99
C SER D 90 -10.22 -22.84 18.71
N LEU D 91 -10.20 -21.52 18.92
CA LEU D 91 -9.09 -20.88 19.61
C LEU D 91 -9.00 -21.35 21.06
N THR D 92 -10.14 -21.44 21.74
CA THR D 92 -10.13 -21.88 23.13
C THR D 92 -9.88 -23.38 23.24
N ALA D 93 -10.32 -24.17 22.26
CA ALA D 93 -10.01 -25.59 22.27
C ALA D 93 -8.50 -25.81 22.16
N HIS D 94 -7.83 -25.01 21.33
CA HIS D 94 -6.38 -25.11 21.21
C HIS D 94 -5.70 -24.72 22.52
N LEU D 95 -6.13 -23.61 23.12
CA LEU D 95 -5.57 -23.19 24.41
C LEU D 95 -5.86 -24.22 25.50
N ALA D 96 -7.02 -24.87 25.45
CA ALA D 96 -7.35 -25.88 26.45
C ALA D 96 -6.40 -27.07 26.34
N ALA D 97 -6.16 -27.55 25.12
CA ALA D 97 -5.25 -28.69 24.94
C ALA D 97 -3.84 -28.34 25.41
N GLN D 98 -3.42 -27.10 25.22
CA GLN D 98 -2.09 -26.70 25.69
C GLN D 98 -1.99 -26.73 27.20
N HIS D 99 -3.08 -26.46 27.91
CA HIS D 99 -3.07 -26.47 29.37
C HIS D 99 -3.38 -27.83 29.97
N VAL D 100 -4.21 -28.64 29.29
CA VAL D 100 -4.51 -29.97 29.78
C VAL D 100 -3.24 -30.82 29.83
N ALA D 101 -2.41 -30.74 28.80
CA ALA D 101 -1.17 -31.50 28.71
C ALA D 101 -0.10 -31.05 29.69
N ARG D 102 -0.40 -30.18 30.66
CA ARG D 102 0.55 -29.76 31.67
C ARG D 102 0.11 -30.34 33.01
N THR D 103 0.90 -31.26 33.55
CA THR D 103 0.53 -31.98 34.76
C THR D 103 0.61 -31.06 35.97
N GLY D 104 -0.52 -30.91 36.67
CA GLY D 104 -0.59 -30.07 37.86
C GLY D 104 -1.60 -28.94 37.78
N LEU D 105 -2.14 -28.64 36.61
CA LEU D 105 -3.10 -27.55 36.46
C LEU D 105 -4.48 -28.01 36.91
N LYS D 106 -5.04 -27.31 37.90
CA LYS D 106 -6.38 -27.56 38.37
C LYS D 106 -7.31 -26.48 37.85
N ALA D 107 -8.59 -26.83 37.70
CA ALA D 107 -9.57 -25.87 37.19
C ALA D 107 -9.70 -24.66 38.11
N VAL D 108 -9.46 -24.84 39.41
CA VAL D 108 -9.59 -23.75 40.35
C VAL D 108 -8.49 -22.71 40.17
N TYR D 109 -7.39 -23.06 39.52
CA TYR D 109 -6.37 -22.07 39.20
C TYR D 109 -6.89 -21.05 38.20
N PHE D 110 -7.76 -21.48 37.27
CA PHE D 110 -8.39 -20.56 36.34
C PHE D 110 -9.48 -19.73 37.00
N ASP D 111 -10.21 -20.33 37.97
CA ASP D 111 -11.12 -19.53 38.78
C ASP D 111 -10.38 -18.41 39.50
N ALA D 112 -9.21 -18.73 40.06
CA ALA D 112 -8.41 -17.71 40.74
C ALA D 112 -7.89 -16.67 39.75
N MET D 113 -7.52 -17.11 38.54
CA MET D 113 -7.09 -16.16 37.52
C MET D 113 -8.20 -15.19 37.17
N GLY D 114 -9.43 -15.69 37.07
CA GLY D 114 -10.55 -14.81 36.79
C GLY D 114 -10.73 -13.74 37.85
N LYS D 115 -10.59 -14.11 39.13
CA LYS D 115 -10.70 -13.13 40.20
C LYS D 115 -9.57 -12.12 40.16
N VAL D 116 -8.36 -12.56 39.79
CA VAL D 116 -7.24 -11.64 39.65
C VAL D 116 -7.53 -10.61 38.56
N LEU D 117 -8.04 -11.07 37.42
CA LEU D 117 -8.38 -10.15 36.34
C LEU D 117 -9.49 -9.20 36.75
N MET D 118 -10.53 -9.70 37.42
CA MET D 118 -11.61 -8.85 37.88
C MET D 118 -11.14 -7.84 38.91
N THR D 119 -10.00 -8.08 39.57
CA THR D 119 -9.45 -7.15 40.54
C THR D 119 -8.49 -6.15 39.91
N VAL D 120 -7.63 -6.61 39.00
CA VAL D 120 -6.58 -5.76 38.44
C VAL D 120 -7.15 -4.83 37.36
N LEU D 121 -8.01 -5.35 36.50
CA LEU D 121 -8.48 -4.56 35.36
C LEU D 121 -9.16 -3.24 35.74
N PRO D 122 -10.03 -3.17 36.75
CA PRO D 122 -10.61 -1.85 37.09
C PRO D 122 -9.57 -0.81 37.49
N SER D 123 -8.40 -1.25 37.99
CA SER D 123 -7.33 -0.30 38.29
C SER D 123 -6.70 0.29 37.03
N LEU D 124 -6.95 -0.29 35.87
CA LEU D 124 -6.34 0.14 34.61
C LEU D 124 -7.33 0.73 33.62
N ILE D 125 -8.60 0.34 33.69
CA ILE D 125 -9.59 0.65 32.66
C ILE D 125 -10.54 1.72 33.15
N ASP D 126 -10.85 2.68 32.28
CA ASP D 126 -11.86 3.69 32.59
C ASP D 126 -13.24 3.06 32.56
N ASN D 127 -14.00 3.25 33.64
CA ASN D 127 -15.38 2.76 33.74
C ASN D 127 -15.46 1.26 33.49
N PHE D 128 -14.64 0.50 34.24
CA PHE D 128 -14.66 -0.95 34.09
C PHE D 128 -16.07 -1.48 34.32
N ASN D 129 -16.54 -2.29 33.38
CA ASN D 129 -17.88 -2.87 33.45
C ASN D 129 -17.77 -4.32 33.92
N PRO D 130 -17.89 -4.58 35.22
CA PRO D 130 -17.74 -5.96 35.71
C PRO D 130 -18.82 -6.90 35.20
N ASP D 131 -19.97 -6.38 34.77
CA ASP D 131 -21.02 -7.25 34.25
C ASP D 131 -20.70 -7.73 32.85
N ALA D 132 -20.39 -6.81 31.94
CA ALA D 132 -20.03 -7.19 30.57
C ALA D 132 -18.79 -8.07 30.56
N TRP D 133 -17.81 -7.75 31.39
CA TRP D 133 -16.60 -8.57 31.46
C TRP D 133 -16.92 -9.96 32.01
N ARG D 134 -17.76 -10.04 33.04
CA ARG D 134 -18.14 -11.35 33.58
C ARG D 134 -18.88 -12.18 32.54
N ASN D 135 -19.80 -11.56 31.79
CA ASN D 135 -20.56 -12.28 30.79
C ASN D 135 -19.68 -12.84 29.69
N CYS D 136 -18.59 -12.15 29.35
CA CYS D 136 -17.70 -12.59 28.28
C CYS D 136 -16.52 -13.41 28.77
N LEU D 137 -15.95 -13.07 29.92
CA LEU D 137 -14.73 -13.75 30.37
C LEU D 137 -15.02 -15.11 30.98
N LEU D 138 -16.17 -15.29 31.64
CA LEU D 138 -16.47 -16.58 32.25
C LEU D 138 -16.62 -17.70 31.24
N PRO D 139 -17.39 -17.56 30.15
CA PRO D 139 -17.35 -18.61 29.12
C PRO D 139 -15.98 -18.76 28.48
N LEU D 140 -15.23 -17.66 28.34
CA LEU D 140 -13.84 -17.76 27.89
C LEU D 140 -13.03 -18.61 28.85
N LYS D 141 -13.17 -18.36 30.15
CA LYS D 141 -12.41 -19.11 31.15
C LYS D 141 -12.79 -20.58 31.14
N ASN D 142 -14.10 -20.87 31.12
CA ASN D 142 -14.55 -22.27 31.13
C ASN D 142 -14.11 -23.01 29.87
N ALA D 143 -14.12 -22.32 28.73
CA ALA D 143 -13.69 -22.96 27.49
C ALA D 143 -12.21 -23.29 27.52
N ILE D 144 -11.39 -22.41 28.12
CA ILE D 144 -9.97 -22.68 28.22
C ILE D 144 -9.68 -23.70 29.33
N ALA D 145 -10.48 -23.69 30.40
CA ALA D 145 -10.33 -24.63 31.49
C ALA D 145 -11.11 -25.92 31.28
N LYS D 146 -11.67 -26.12 30.10
CA LYS D 146 -12.47 -27.33 29.83
C LYS D 146 -11.55 -28.55 29.77
N GLY D 147 -11.75 -29.47 30.71
CA GLY D 147 -10.96 -30.69 30.80
C GLY D 147 -10.05 -30.77 32.00
N LEU D 148 -9.68 -29.63 32.59
CA LEU D 148 -8.81 -29.66 33.75
C LEU D 148 -9.56 -30.21 34.97
N PRO D 149 -8.88 -30.97 35.84
CA PRO D 149 -9.51 -31.52 37.05
C PRO D 149 -9.76 -30.45 38.10
N ASP E 1 12.68 -13.94 -12.14
CA ASP E 1 13.12 -14.09 -13.52
C ASP E 1 12.33 -13.17 -14.45
N CYS E 2 11.16 -12.74 -13.98
CA CYS E 2 10.27 -11.84 -14.73
C CYS E 2 9.82 -12.49 -16.05
N ASN E 3 8.96 -13.49 -15.90
CA ASN E 3 8.38 -14.17 -17.05
C ASN E 3 7.22 -13.35 -17.61
N ILE E 4 6.59 -13.88 -18.66
CA ILE E 4 5.57 -13.11 -19.36
C ILE E 4 4.34 -12.88 -18.48
N LEU E 5 4.01 -13.85 -17.61
CA LEU E 5 2.88 -13.66 -16.71
C LEU E 5 3.19 -12.60 -15.65
N GLN E 6 4.42 -12.60 -15.12
CA GLN E 6 4.81 -11.55 -14.18
C GLN E 6 4.81 -10.19 -14.85
N ARG E 7 5.21 -10.12 -16.12
CA ARG E 7 5.21 -8.85 -16.83
C ARG E 7 3.80 -8.31 -16.99
N LEU E 8 2.84 -9.19 -17.28
CA LEU E 8 1.45 -8.76 -17.40
C LEU E 8 0.91 -8.25 -16.07
N LYS E 9 1.25 -8.94 -14.98
CA LYS E 9 0.79 -8.51 -13.66
C LYS E 9 1.34 -7.13 -13.30
N VAL E 10 2.63 -6.89 -13.58
CA VAL E 10 3.25 -5.62 -13.23
C VAL E 10 2.64 -4.48 -14.04
N LYS E 11 2.40 -4.70 -15.34
CA LYS E 11 1.74 -3.68 -16.15
C LYS E 11 0.37 -3.33 -15.60
N MET E 12 -0.41 -4.36 -15.23
CA MET E 12 -1.73 -4.15 -14.64
C MET E 12 -1.65 -3.28 -13.39
N GLN E 13 -0.84 -3.70 -12.42
CA GLN E 13 -0.76 -3.00 -11.15
C GLN E 13 -0.16 -1.61 -11.29
N TRP E 14 0.75 -1.42 -12.25
CA TRP E 14 1.31 -0.10 -12.49
C TRP E 14 0.23 0.86 -12.99
N ALA E 15 -0.58 0.41 -13.95
CA ALA E 15 -1.61 1.28 -14.52
C ALA E 15 -2.60 1.74 -13.47
N LYS E 16 -3.00 0.84 -12.57
CA LYS E 16 -3.92 1.21 -11.50
C LYS E 16 -3.26 2.20 -10.54
N ALA E 17 -2.03 1.91 -10.12
CA ALA E 17 -1.36 2.77 -9.14
C ALA E 17 -0.95 4.11 -9.76
N TYR E 18 -0.55 4.11 -11.02
CA TYR E 18 -0.07 5.33 -11.67
C TYR E 18 -1.22 6.32 -11.87
N GLY E 19 -2.32 5.88 -12.47
CA GLY E 19 -3.50 6.70 -12.56
C GLY E 19 -3.45 7.74 -13.67
N PHE E 20 -4.37 8.70 -13.57
CA PHE E 20 -4.57 9.73 -14.58
C PHE E 20 -4.35 11.11 -13.97
N GLY E 21 -4.09 12.08 -14.85
CA GLY E 21 -4.07 13.48 -14.44
C GLY E 21 -3.05 13.75 -13.36
N THR E 22 -3.47 14.56 -12.38
CA THR E 22 -2.58 14.97 -11.29
C THR E 22 -2.28 13.85 -10.30
N GLU E 23 -2.95 12.70 -10.42
CA GLU E 23 -2.56 11.54 -9.63
C GLU E 23 -1.15 11.08 -9.98
N ARG E 24 -0.74 11.28 -11.24
CA ARG E 24 0.60 10.89 -11.66
C ARG E 24 1.67 11.75 -11.00
N ALA E 25 1.44 13.06 -10.93
CA ALA E 25 2.41 13.94 -10.25
C ALA E 25 2.48 13.63 -8.77
N LYS E 26 1.33 13.35 -8.15
CA LYS E 26 1.31 12.96 -6.74
C LYS E 26 2.05 11.65 -6.52
N PHE E 27 1.82 10.67 -7.39
CA PHE E 27 2.57 9.41 -7.33
C PHE E 27 4.07 9.67 -7.47
N GLY E 28 4.46 10.53 -8.42
CA GLY E 28 5.86 10.81 -8.61
C GLY E 28 6.50 11.51 -7.41
N ASN E 29 5.76 12.41 -6.76
CA ASN E 29 6.29 13.08 -5.59
C ASN E 29 6.47 12.12 -4.42
N SER E 30 5.57 11.16 -4.28
CA SER E 30 5.71 10.16 -3.21
C SER E 30 6.91 9.26 -3.47
N LEU E 31 7.14 8.88 -4.71
CA LEU E 31 8.28 8.03 -5.04
C LEU E 31 9.60 8.70 -4.68
N TRP E 32 9.75 9.98 -5.06
CA TRP E 32 11.01 10.66 -4.82
C TRP E 32 11.16 11.14 -3.38
N THR E 33 10.04 11.39 -2.69
CA THR E 33 10.12 11.61 -1.26
C THR E 33 10.66 10.38 -0.55
N SER E 34 10.22 9.20 -0.98
CA SER E 34 10.70 7.96 -0.37
C SER E 34 12.16 7.71 -0.71
N ILE E 35 12.56 7.96 -1.96
CA ILE E 35 13.96 7.79 -2.36
C ILE E 35 14.86 8.62 -1.46
N PHE E 36 14.53 9.91 -1.31
CA PHE E 36 15.37 10.80 -0.50
C PHE E 36 15.23 10.52 0.99
N ASN E 37 14.11 9.92 1.42
CA ASN E 37 14.03 9.47 2.81
C ASN E 37 14.78 8.17 3.04
N TYR E 38 14.80 7.28 2.04
CA TYR E 38 15.53 6.03 2.18
C TYR E 38 17.04 6.26 2.12
N ALA E 39 17.48 7.22 1.31
CA ALA E 39 18.91 7.51 1.15
C ALA E 39 19.09 9.02 0.99
N PRO E 40 19.19 9.75 2.12
CA PRO E 40 19.29 11.22 2.03
C PRO E 40 20.48 11.71 1.22
N ASP E 41 21.56 10.92 1.12
CA ASP E 41 22.73 11.35 0.37
C ASP E 41 22.49 11.33 -1.13
N ALA E 42 21.52 10.55 -1.60
CA ALA E 42 21.21 10.53 -3.03
C ALA E 42 20.64 11.85 -3.53
N ARG E 43 20.14 12.68 -2.62
CA ARG E 43 19.55 13.96 -3.03
C ARG E 43 20.58 14.87 -3.69
N ASP E 44 21.84 14.83 -3.24
CA ASP E 44 22.87 15.67 -3.82
C ASP E 44 23.19 15.29 -5.26
N LEU E 45 22.86 14.07 -5.67
CA LEU E 45 23.11 13.63 -7.05
C LEU E 45 22.25 14.37 -8.06
N PHE E 46 21.24 15.11 -7.61
CA PHE E 46 20.27 15.75 -8.48
C PHE E 46 20.29 17.27 -8.35
N LYS E 47 21.47 17.85 -8.13
CA LYS E 47 21.60 19.31 -8.12
C LYS E 47 21.24 19.90 -9.49
N SER E 48 21.47 19.13 -10.57
CA SER E 48 21.19 19.63 -11.91
C SER E 48 19.70 19.82 -12.17
N VAL E 49 18.83 19.21 -11.37
CA VAL E 49 17.40 19.41 -11.48
C VAL E 49 16.82 20.04 -10.22
N LYS E 50 17.66 20.75 -9.46
CA LYS E 50 17.26 21.56 -8.32
C LYS E 50 16.52 20.72 -7.27
N SER E 51 17.18 19.65 -6.83
CA SER E 51 16.60 18.80 -5.80
C SER E 51 16.52 19.47 -4.43
N GLU E 52 17.14 20.65 -4.27
CA GLU E 52 17.04 21.37 -3.00
C GLU E 52 15.60 21.73 -2.68
N ASP E 53 14.79 21.98 -3.71
CA ASP E 53 13.37 22.31 -3.54
C ASP E 53 12.58 21.38 -4.44
N MET E 54 11.97 20.36 -3.84
CA MET E 54 11.23 19.37 -4.61
C MET E 54 9.93 19.93 -5.20
N ARG E 55 9.49 21.10 -4.76
CA ARG E 55 8.34 21.76 -5.34
C ARG E 55 8.71 22.69 -6.48
N SER E 56 9.99 22.82 -6.81
CA SER E 56 10.41 23.68 -7.90
C SER E 56 9.96 23.08 -9.24
N PRO E 57 9.71 23.92 -10.24
CA PRO E 57 9.36 23.39 -11.57
C PRO E 57 10.46 22.53 -12.16
N GLN E 58 11.72 22.81 -11.85
CA GLN E 58 12.82 22.03 -12.41
C GLN E 58 12.78 20.59 -11.90
N PHE E 59 12.54 20.40 -10.61
CA PHE E 59 12.53 19.03 -10.08
C PHE E 59 11.22 18.32 -10.38
N LYS E 60 10.09 19.05 -10.40
CA LYS E 60 8.84 18.43 -10.81
C LYS E 60 8.89 18.00 -12.27
N ALA E 61 9.67 18.70 -13.08
CA ALA E 61 9.88 18.26 -14.46
C ALA E 61 10.72 16.99 -14.50
N HIS E 62 11.71 16.88 -13.62
CA HIS E 62 12.50 15.66 -13.54
C HIS E 62 11.66 14.48 -13.07
N ILE E 63 10.81 14.70 -12.07
CA ILE E 63 9.89 13.66 -11.61
C ILE E 63 9.06 13.15 -12.77
N ALA E 64 8.52 14.07 -13.57
CA ALA E 64 7.66 13.67 -14.69
C ALA E 64 8.45 12.88 -15.73
N ARG E 65 9.72 13.24 -15.94
CA ARG E 65 10.53 12.51 -16.92
C ARG E 65 10.84 11.10 -16.43
N VAL E 66 11.06 10.92 -15.13
CA VAL E 66 11.41 9.60 -14.60
C VAL E 66 10.21 8.67 -14.66
N ILE E 67 9.05 9.11 -14.16
CA ILE E 67 7.89 8.24 -14.17
C ILE E 67 7.36 8.04 -15.58
N GLY E 68 7.57 9.00 -16.47
CA GLY E 68 7.31 8.77 -17.88
C GLY E 68 8.24 7.71 -18.46
N GLY E 69 9.48 7.67 -17.98
CA GLY E 69 10.38 6.60 -18.37
C GLY E 69 9.94 5.26 -17.82
N LEU E 70 9.50 5.22 -16.57
CA LEU E 70 8.98 3.98 -16.00
C LEU E 70 7.74 3.51 -16.75
N ASP E 71 6.83 4.44 -17.04
CA ASP E 71 5.59 4.08 -17.72
C ASP E 71 5.87 3.49 -19.10
N ARG E 72 6.78 4.11 -19.87
CA ARG E 72 7.01 3.64 -21.24
C ARG E 72 7.78 2.32 -21.25
N VAL E 73 8.71 2.14 -20.31
CA VAL E 73 9.45 0.88 -20.23
C VAL E 73 8.50 -0.25 -19.83
N ILE E 74 7.67 -0.02 -18.83
CA ILE E 74 6.71 -1.03 -18.38
C ILE E 74 5.75 -1.40 -19.50
N SER E 75 5.32 -0.41 -20.28
CA SER E 75 4.41 -0.71 -21.39
C SER E 75 5.07 -1.59 -22.45
N MET E 76 6.38 -1.47 -22.61
CA MET E 76 7.13 -2.27 -23.58
C MET E 76 7.59 -3.61 -23.01
N PHE E 77 7.11 -4.00 -21.84
CA PHE E 77 7.54 -5.25 -21.21
C PHE E 77 7.28 -6.45 -22.11
N ASP E 78 6.25 -6.39 -22.95
CA ASP E 78 5.82 -7.51 -23.78
C ASP E 78 6.50 -7.54 -25.14
N ASN E 79 7.48 -6.68 -25.39
CA ASN E 79 8.20 -6.65 -26.67
C ASN E 79 9.69 -6.52 -26.37
N GLU E 80 10.42 -7.63 -26.49
CA GLU E 80 11.83 -7.65 -26.14
C GLU E 80 12.63 -6.62 -26.94
N ASP E 81 12.39 -6.55 -28.26
CA ASP E 81 13.20 -5.70 -29.11
C ASP E 81 13.05 -4.23 -28.75
N ALA E 82 11.80 -3.76 -28.64
CA ALA E 82 11.58 -2.36 -28.27
C ALA E 82 12.05 -2.06 -26.86
N LEU E 83 11.82 -3.00 -25.93
CA LEU E 83 12.18 -2.77 -24.54
C LEU E 83 13.70 -2.63 -24.38
N ASN E 84 14.46 -3.53 -24.98
CA ASN E 84 15.91 -3.50 -24.82
C ASN E 84 16.53 -2.32 -25.56
N ALA E 85 15.91 -1.87 -26.65
CA ALA E 85 16.38 -0.66 -27.31
C ALA E 85 16.24 0.55 -26.41
N ASP E 86 15.14 0.64 -25.66
CA ASP E 86 14.93 1.79 -24.78
C ASP E 86 15.80 1.71 -23.54
N LEU E 87 16.03 0.50 -23.01
CA LEU E 87 16.90 0.36 -21.85
C LEU E 87 18.33 0.73 -22.20
N GLU E 88 18.77 0.42 -23.42
CA GLU E 88 20.10 0.84 -23.86
C GLU E 88 20.16 2.36 -24.04
N HIS E 89 19.08 2.96 -24.54
CA HIS E 89 19.01 4.42 -24.64
C HIS E 89 19.06 5.06 -23.26
N LEU E 90 18.37 4.47 -22.28
CA LEU E 90 18.44 4.97 -20.92
C LEU E 90 19.82 4.74 -20.32
N LYS E 91 20.44 3.60 -20.65
CA LYS E 91 21.80 3.33 -20.15
C LYS E 91 22.79 4.37 -20.67
N SER E 92 22.63 4.78 -21.93
CA SER E 92 23.55 5.76 -22.50
C SER E 92 23.39 7.14 -21.85
N GLN E 93 22.23 7.43 -21.28
CA GLN E 93 22.04 8.71 -20.60
C GLN E 93 22.55 8.68 -19.16
N HIS E 94 22.56 7.51 -18.52
CA HIS E 94 22.97 7.42 -17.13
C HIS E 94 24.45 7.08 -16.95
N ASP E 95 25.02 6.29 -17.86
CA ASP E 95 26.43 5.89 -17.75
C ASP E 95 27.41 7.04 -17.55
N PRO E 96 27.34 8.14 -18.32
CA PRO E 96 28.33 9.22 -18.10
C PRO E 96 28.24 9.87 -16.72
N ARG E 97 27.16 9.65 -15.98
CA ARG E 97 27.00 10.29 -14.68
C ARG E 97 27.69 9.54 -13.55
N GLY E 98 28.26 8.36 -13.83
CA GLY E 98 29.00 7.60 -12.85
C GLY E 98 28.22 7.28 -11.59
N LEU E 99 27.03 6.72 -11.76
CA LEU E 99 26.13 6.50 -10.65
C LEU E 99 26.44 5.18 -9.94
N ASP E 100 26.47 5.21 -8.62
CA ASP E 100 26.56 4.00 -7.83
C ASP E 100 25.31 3.16 -8.05
N ALA E 101 25.50 1.92 -8.52
CA ALA E 101 24.36 1.06 -8.81
C ALA E 101 23.54 0.73 -7.57
N LEU E 102 24.09 0.91 -6.37
CA LEU E 102 23.33 0.66 -5.16
C LEU E 102 22.14 1.60 -5.03
N ASN E 103 22.24 2.80 -5.62
CA ASN E 103 21.10 3.71 -5.62
C ASN E 103 19.94 3.18 -6.45
N PHE E 104 20.21 2.32 -7.42
CA PHE E 104 19.13 1.68 -8.17
C PHE E 104 18.43 0.60 -7.35
N VAL E 105 19.10 0.07 -6.32
CA VAL E 105 18.43 -0.79 -5.36
C VAL E 105 17.49 0.03 -4.48
N VAL E 106 17.97 1.18 -4.01
CA VAL E 106 17.11 2.09 -3.24
C VAL E 106 15.92 2.52 -4.08
N PHE E 107 16.15 2.85 -5.36
CA PHE E 107 15.06 3.24 -6.24
C PHE E 107 13.99 2.15 -6.30
N GLY E 108 14.41 0.89 -6.47
CA GLY E 108 13.45 -0.19 -6.54
C GLY E 108 12.58 -0.29 -5.31
N LYS E 109 13.17 -0.14 -4.13
CA LYS E 109 12.40 -0.26 -2.89
C LYS E 109 11.39 0.87 -2.75
N ALA E 110 11.79 2.09 -3.10
CA ALA E 110 10.85 3.21 -3.06
C ALA E 110 9.71 3.00 -4.07
N LEU E 111 10.04 2.46 -5.24
CA LEU E 111 9.01 2.14 -6.22
C LEU E 111 8.04 1.10 -5.69
N PHE E 112 8.55 0.07 -5.00
CA PHE E 112 7.67 -0.95 -4.45
C PHE E 112 6.76 -0.37 -3.37
N ALA E 113 7.32 0.44 -2.47
CA ALA E 113 6.52 1.04 -1.41
C ALA E 113 5.47 2.00 -1.96
N THR E 114 5.75 2.63 -3.10
CA THR E 114 4.80 3.59 -3.66
C THR E 114 3.69 2.89 -4.44
N VAL E 115 4.06 1.97 -5.35
CA VAL E 115 3.05 1.23 -6.11
C VAL E 115 2.21 0.38 -5.17
N GLY E 116 2.85 -0.32 -4.25
CA GLY E 116 2.11 -1.15 -3.31
C GLY E 116 1.23 -0.34 -2.38
N GLY E 117 1.74 0.80 -1.91
CA GLY E 117 0.94 1.66 -1.05
C GLY E 117 -0.27 2.22 -1.75
N GLN E 118 -0.19 2.42 -3.07
CA GLN E 118 -1.30 2.92 -3.85
C GLN E 118 -2.24 1.82 -4.33
N PHE E 119 -1.69 0.64 -4.66
CA PHE E 119 -2.49 -0.42 -5.26
C PHE E 119 -3.24 -1.22 -4.19
N GLY E 120 -2.60 -1.46 -3.05
CA GLY E 120 -3.26 -2.20 -1.98
C GLY E 120 -2.60 -3.51 -1.63
N VAL E 121 -3.32 -4.37 -0.89
CA VAL E 121 -2.71 -5.56 -0.32
C VAL E 121 -2.46 -6.66 -1.37
N CYS E 122 -3.08 -6.57 -2.54
CA CYS E 122 -2.86 -7.56 -3.59
C CYS E 122 -1.65 -7.23 -4.46
N PHE E 123 -0.88 -6.21 -4.08
CA PHE E 123 0.38 -5.90 -4.74
C PHE E 123 1.29 -7.12 -4.73
N ASP E 124 1.85 -7.45 -5.89
CA ASP E 124 2.66 -8.65 -6.07
C ASP E 124 4.12 -8.24 -5.93
N LEU E 125 4.61 -8.25 -4.68
CA LEU E 125 6.01 -7.87 -4.44
C LEU E 125 7.01 -8.77 -5.14
N PRO E 126 6.88 -10.11 -5.12
CA PRO E 126 7.86 -10.93 -5.86
C PRO E 126 7.91 -10.62 -7.35
N ALA E 127 6.76 -10.43 -7.99
CA ALA E 127 6.75 -10.12 -9.42
C ALA E 127 7.42 -8.78 -9.71
N TRP E 128 7.19 -7.79 -8.85
CA TRP E 128 7.80 -6.47 -9.06
C TRP E 128 9.31 -6.53 -8.82
N GLU E 129 9.75 -7.26 -7.80
CA GLU E 129 11.18 -7.41 -7.55
C GLU E 129 11.88 -8.08 -8.74
N SER E 130 11.27 -9.12 -9.30
CA SER E 130 11.87 -9.81 -10.43
C SER E 130 11.92 -8.92 -11.67
N CYS E 131 10.86 -8.16 -11.91
CA CYS E 131 10.78 -7.38 -13.14
C CYS E 131 11.49 -6.04 -13.03
N TYR E 132 11.58 -5.45 -11.83
CA TYR E 132 12.41 -4.26 -11.68
C TYR E 132 13.87 -4.59 -11.93
N LYS E 133 14.31 -5.79 -11.53
CA LYS E 133 15.66 -6.22 -11.81
C LYS E 133 15.99 -6.14 -13.29
N VAL E 134 15.05 -6.55 -14.14
CA VAL E 134 15.26 -6.46 -15.59
C VAL E 134 15.49 -5.01 -16.00
N ILE E 135 14.75 -4.08 -15.41
CA ILE E 135 14.91 -2.67 -15.73
C ILE E 135 16.25 -2.15 -15.24
N ALA E 136 16.60 -2.46 -13.99
CA ALA E 136 17.85 -1.97 -13.43
C ALA E 136 19.05 -2.59 -14.15
N MET E 137 18.95 -3.87 -14.53
CA MET E 137 20.01 -4.49 -15.32
C MET E 137 20.16 -3.79 -16.66
N GLY E 138 19.05 -3.39 -17.28
CA GLY E 138 19.13 -2.73 -18.57
C GLY E 138 19.72 -1.34 -18.50
N ILE E 139 19.47 -0.62 -17.41
CA ILE E 139 19.94 0.76 -17.29
C ILE E 139 21.39 0.79 -16.82
N THR E 140 21.74 0.00 -15.81
CA THR E 140 23.08 0.06 -15.23
C THR E 140 24.05 -0.95 -15.83
N GLY E 141 23.56 -2.09 -16.29
CA GLY E 141 24.45 -3.17 -16.69
C GLY E 141 25.17 -3.85 -15.55
N ASN E 142 24.87 -3.48 -14.31
CA ASN E 142 25.52 -4.07 -13.16
C ASN E 142 24.92 -5.44 -12.85
N ASP E 143 25.77 -6.45 -12.70
CA ASP E 143 25.30 -7.82 -12.52
C ASP E 143 24.74 -8.10 -11.13
N MET E 144 24.65 -7.08 -10.26
CA MET E 144 23.90 -7.24 -9.03
C MET E 144 22.40 -7.34 -9.29
N PHE E 145 21.95 -6.97 -10.49
CA PHE E 145 20.56 -7.10 -10.90
C PHE E 145 20.34 -8.31 -11.80
N SER E 146 21.29 -9.24 -11.83
CA SER E 146 21.15 -10.45 -12.63
C SER E 146 20.18 -11.42 -11.97
N SER F 1 -14.17 4.37 -47.65
CA SER F 1 -13.20 4.52 -46.56
C SER F 1 -12.55 3.17 -46.25
N GLU F 2 -11.30 3.21 -45.80
CA GLU F 2 -10.53 2.00 -45.56
C GLU F 2 -10.41 1.73 -44.07
N CYS F 3 -10.23 0.45 -43.73
CA CYS F 3 -10.03 0.03 -42.34
C CYS F 3 -8.53 -0.04 -42.06
N GLY F 4 -7.94 1.16 -41.94
CA GLY F 4 -6.53 1.28 -41.66
C GLY F 4 -6.23 1.10 -40.19
N PRO F 5 -4.95 1.29 -39.84
CA PRO F 5 -4.54 1.09 -38.43
C PRO F 5 -5.27 2.01 -37.45
N LEU F 6 -5.52 3.26 -37.82
CA LEU F 6 -6.22 4.17 -36.92
C LEU F 6 -7.68 3.77 -36.75
N GLN F 7 -8.33 3.35 -37.83
CA GLN F 7 -9.73 2.92 -37.73
C GLN F 7 -9.84 1.66 -36.87
N ARG F 8 -8.84 0.79 -36.90
CA ARG F 8 -8.90 -0.43 -36.10
C ARG F 8 -8.76 -0.12 -34.61
N LEU F 9 -7.90 0.83 -34.24
CA LEU F 9 -7.81 1.25 -32.84
C LEU F 9 -9.11 1.88 -32.37
N LYS F 10 -9.75 2.68 -33.24
CA LYS F 10 -11.01 3.32 -32.88
C LYS F 10 -12.10 2.29 -32.68
N VAL F 11 -12.20 1.32 -33.60
CA VAL F 11 -13.24 0.29 -33.50
C VAL F 11 -13.02 -0.57 -32.26
N LYS F 12 -11.75 -0.87 -31.95
CA LYS F 12 -11.44 -1.63 -30.73
C LYS F 12 -11.96 -0.91 -29.50
N ARG F 13 -11.66 0.37 -29.37
CA ARG F 13 -12.07 1.12 -28.18
C ARG F 13 -13.59 1.24 -28.10
N GLN F 14 -14.24 1.56 -29.22
CA GLN F 14 -15.69 1.71 -29.18
C GLN F 14 -16.39 0.37 -28.99
N TRP F 15 -15.83 -0.72 -29.51
CA TRP F 15 -16.39 -2.04 -29.25
C TRP F 15 -16.28 -2.40 -27.78
N ALA F 16 -15.11 -2.17 -27.18
CA ALA F 16 -14.93 -2.48 -25.77
C ALA F 16 -15.91 -1.71 -24.89
N GLU F 17 -16.28 -0.50 -25.30
CA GLU F 17 -17.27 0.25 -24.53
C GLU F 17 -18.66 -0.33 -24.70
N ALA F 18 -19.05 -0.64 -25.94
CA ALA F 18 -20.38 -1.18 -26.19
C ALA F 18 -20.52 -2.60 -25.66
N TYR F 19 -19.49 -3.43 -25.88
CA TYR F 19 -19.54 -4.83 -25.44
C TYR F 19 -19.41 -4.92 -23.93
N GLY F 20 -18.58 -4.09 -23.32
CA GLY F 20 -18.46 -4.04 -21.88
C GLY F 20 -17.79 -5.28 -21.31
N SER F 21 -18.00 -5.46 -20.00
CA SER F 21 -17.43 -6.59 -19.29
C SER F 21 -18.37 -7.77 -19.17
N GLY F 22 -19.68 -7.54 -19.25
CA GLY F 22 -20.62 -8.65 -19.22
C GLY F 22 -22.01 -8.31 -18.71
N ASN F 23 -22.11 -7.29 -17.85
CA ASN F 23 -23.37 -6.99 -17.20
C ASN F 23 -24.45 -6.56 -18.20
N GLY F 24 -24.06 -5.88 -19.27
CA GLY F 24 -25.00 -5.42 -20.28
C GLY F 24 -24.97 -6.16 -21.60
N ARG F 25 -24.32 -7.31 -21.67
CA ARG F 25 -24.20 -8.02 -22.95
C ARG F 25 -25.54 -8.60 -23.40
N GLU F 26 -26.39 -8.98 -22.47
CA GLU F 26 -27.69 -9.54 -22.83
C GLU F 26 -28.53 -8.50 -23.59
N GLU F 27 -28.67 -7.31 -23.02
CA GLU F 27 -29.42 -6.24 -23.70
C GLU F 27 -28.76 -5.87 -25.02
N PHE F 28 -27.42 -5.84 -25.04
CA PHE F 28 -26.70 -5.48 -26.26
C PHE F 28 -27.00 -6.48 -27.39
N GLY F 29 -26.86 -7.77 -27.10
CA GLY F 29 -27.16 -8.77 -28.12
C GLY F 29 -28.61 -8.75 -28.54
N HIS F 30 -29.52 -8.53 -27.58
CA HIS F 30 -30.94 -8.49 -27.90
C HIS F 30 -31.28 -7.34 -28.84
N PHE F 31 -30.71 -6.17 -28.58
CA PHE F 31 -30.95 -5.02 -29.46
C PHE F 31 -30.49 -5.31 -30.88
N ILE F 32 -29.33 -5.97 -31.03
CA ILE F 32 -28.79 -6.25 -32.36
C ILE F 32 -29.71 -7.21 -33.11
N TRP F 33 -30.08 -8.31 -32.46
CA TRP F 33 -30.84 -9.35 -33.16
C TRP F 33 -32.31 -9.00 -33.33
N ALA F 34 -32.87 -8.19 -32.43
CA ALA F 34 -34.20 -7.64 -32.70
C ALA F 34 -34.18 -6.79 -33.97
N ASN F 35 -33.09 -6.06 -34.20
CA ASN F 35 -32.96 -5.28 -35.42
C ASN F 35 -32.82 -6.18 -36.64
N VAL F 36 -32.06 -7.28 -36.52
CA VAL F 36 -31.83 -8.18 -37.66
C VAL F 36 -33.16 -8.74 -38.16
N PHE F 37 -33.95 -9.31 -37.26
CA PHE F 37 -35.19 -9.96 -37.66
C PHE F 37 -36.30 -8.99 -37.98
N LYS F 38 -36.16 -7.71 -37.62
CA LYS F 38 -37.13 -6.72 -38.06
C LYS F 38 -36.87 -6.29 -39.50
N VAL F 39 -35.59 -6.11 -39.85
CA VAL F 39 -35.23 -5.75 -41.23
C VAL F 39 -35.38 -6.95 -42.15
N ALA F 40 -34.97 -8.14 -41.69
CA ALA F 40 -34.99 -9.35 -42.49
C ALA F 40 -35.72 -10.45 -41.73
N PRO F 41 -37.06 -10.42 -41.72
CA PRO F 41 -37.80 -11.47 -41.00
C PRO F 41 -37.60 -12.86 -41.58
N SER F 42 -37.31 -12.96 -42.87
CA SER F 42 -37.07 -14.27 -43.48
C SER F 42 -35.77 -14.89 -43.00
N ALA F 43 -34.88 -14.12 -42.37
CA ALA F 43 -33.61 -14.63 -41.93
C ALA F 43 -33.73 -15.52 -40.69
N ARG F 44 -34.84 -15.43 -39.96
CA ARG F 44 -34.94 -16.18 -38.71
C ARG F 44 -35.29 -17.65 -38.90
N ASP F 45 -35.66 -18.06 -40.12
CA ASP F 45 -35.83 -19.48 -40.40
C ASP F 45 -34.51 -20.24 -40.36
N MET F 46 -33.38 -19.54 -40.57
CA MET F 46 -32.08 -20.19 -40.49
C MET F 46 -31.69 -20.52 -39.05
N PHE F 47 -32.38 -19.94 -38.07
CA PHE F 47 -32.02 -20.09 -36.66
C PHE F 47 -33.03 -20.93 -35.89
N LYS F 48 -33.72 -21.84 -36.57
CA LYS F 48 -34.76 -22.63 -35.89
C LYS F 48 -34.18 -23.52 -34.81
N ARG F 49 -32.95 -24.02 -35.00
CA ARG F 49 -32.33 -24.87 -33.99
C ARG F 49 -32.08 -24.11 -32.69
N VAL F 50 -31.95 -22.78 -32.74
CA VAL F 50 -31.68 -21.99 -31.55
C VAL F 50 -32.83 -21.05 -31.27
N ARG F 51 -34.05 -21.48 -31.62
CA ARG F 51 -35.27 -20.71 -31.36
C ARG F 51 -35.18 -19.31 -31.95
N GLY F 52 -34.88 -19.23 -33.24
CA GLY F 52 -34.88 -17.96 -33.93
C GLY F 52 -36.24 -17.29 -33.96
N ASP F 53 -37.31 -18.03 -33.66
CA ASP F 53 -38.65 -17.46 -33.59
C ASP F 53 -38.88 -16.70 -32.28
N ASN F 54 -38.05 -16.90 -31.27
CA ASN F 54 -38.24 -16.33 -29.94
C ASN F 54 -36.86 -15.99 -29.37
N ILE F 55 -36.42 -14.75 -29.61
CA ILE F 55 -35.08 -14.33 -29.22
C ILE F 55 -35.00 -14.13 -27.71
N TYR F 56 -36.13 -14.26 -27.03
CA TYR F 56 -36.18 -14.12 -25.57
C TYR F 56 -35.82 -15.42 -24.85
N THR F 57 -35.68 -16.53 -25.58
CA THR F 57 -35.38 -17.81 -24.94
C THR F 57 -33.90 -17.92 -24.60
N PRO F 58 -33.57 -18.67 -23.55
CA PRO F 58 -32.15 -18.91 -23.25
C PRO F 58 -31.41 -19.56 -24.41
N ALA F 59 -32.10 -20.34 -25.24
CA ALA F 59 -31.44 -20.97 -26.38
C ALA F 59 -30.92 -19.93 -27.37
N PHE F 60 -31.74 -18.93 -27.71
CA PHE F 60 -31.28 -17.91 -28.63
C PHE F 60 -30.32 -16.93 -27.96
N ARG F 61 -30.53 -16.62 -26.68
CA ARG F 61 -29.58 -15.77 -25.97
C ARG F 61 -28.20 -16.41 -25.93
N ALA F 62 -28.14 -17.74 -25.91
CA ALA F 62 -26.85 -18.42 -25.99
C ALA F 62 -26.24 -18.29 -27.38
N HIS F 63 -27.07 -18.33 -28.42
CA HIS F 63 -26.56 -18.10 -29.78
C HIS F 63 -26.04 -16.68 -29.94
N ALA F 64 -26.82 -15.70 -29.46
CA ALA F 64 -26.35 -14.31 -29.52
C ALA F 64 -25.05 -14.13 -28.76
N THR F 65 -24.86 -14.86 -27.66
CA THR F 65 -23.60 -14.81 -26.94
C THR F 65 -22.45 -15.31 -27.82
N ARG F 66 -22.68 -16.38 -28.58
CA ARG F 66 -21.65 -16.92 -29.45
C ARG F 66 -21.33 -15.97 -30.60
N VAL F 67 -22.36 -15.34 -31.17
CA VAL F 67 -22.15 -14.39 -32.26
C VAL F 67 -21.29 -13.22 -31.78
N LEU F 68 -21.72 -12.56 -30.69
CA LEU F 68 -20.97 -11.42 -30.18
C LEU F 68 -19.58 -11.83 -29.73
N GLY F 69 -19.42 -13.05 -29.21
CA GLY F 69 -18.09 -13.54 -28.89
C GLY F 69 -17.22 -13.67 -30.14
N GLY F 70 -17.81 -14.08 -31.25
CA GLY F 70 -17.08 -14.14 -32.49
C GLY F 70 -16.68 -12.77 -33.00
N LEU F 71 -17.58 -11.80 -32.89
CA LEU F 71 -17.23 -10.42 -33.24
C LEU F 71 -16.11 -9.90 -32.34
N ASP F 72 -16.17 -10.22 -31.04
CA ASP F 72 -15.13 -9.76 -30.12
C ASP F 72 -13.76 -10.30 -30.50
N MET F 73 -13.69 -11.57 -30.88
CA MET F 73 -12.40 -12.15 -31.28
C MET F 73 -11.84 -11.45 -32.51
N CYS F 74 -12.70 -11.17 -33.50
CA CYS F 74 -12.24 -10.47 -34.69
C CYS F 74 -11.78 -9.05 -34.36
N VAL F 75 -12.57 -8.33 -33.57
CA VAL F 75 -12.22 -6.95 -33.21
C VAL F 75 -10.90 -6.92 -32.46
N ALA F 76 -10.76 -7.80 -31.47
CA ALA F 76 -9.52 -7.86 -30.70
C ALA F 76 -8.33 -8.28 -31.55
N LEU F 77 -8.57 -8.89 -32.71
CA LEU F 77 -7.51 -9.35 -33.59
C LEU F 77 -7.27 -8.44 -34.79
N LEU F 78 -7.97 -7.30 -34.87
CA LEU F 78 -7.82 -6.42 -36.03
C LEU F 78 -6.39 -5.91 -36.20
N ASP F 79 -5.60 -5.87 -35.13
CA ASP F 79 -4.21 -5.45 -35.19
C ASP F 79 -3.25 -6.60 -35.49
N ASP F 80 -3.75 -7.82 -35.62
CA ASP F 80 -2.93 -9.01 -35.84
C ASP F 80 -3.46 -9.72 -37.09
N GLU F 81 -3.01 -9.27 -38.26
CA GLU F 81 -3.60 -9.71 -39.52
C GLU F 81 -3.47 -11.21 -39.70
N SER F 82 -2.33 -11.79 -39.30
CA SER F 82 -2.13 -13.22 -39.48
C SER F 82 -3.13 -14.03 -38.68
N VAL F 83 -3.24 -13.74 -37.38
CA VAL F 83 -4.17 -14.48 -36.53
C VAL F 83 -5.61 -14.08 -36.84
N LEU F 84 -5.84 -12.83 -37.26
CA LEU F 84 -7.18 -12.41 -37.64
C LEU F 84 -7.71 -13.25 -38.80
N ASN F 85 -6.89 -13.43 -39.84
CA ASN F 85 -7.34 -14.18 -41.01
C ASN F 85 -7.53 -15.66 -40.69
N THR F 86 -6.78 -16.20 -39.73
CA THR F 86 -7.01 -17.57 -39.29
C THR F 86 -8.36 -17.70 -38.61
N GLN F 87 -8.70 -16.76 -37.72
CA GLN F 87 -10.00 -16.79 -37.07
C GLN F 87 -11.12 -16.53 -38.06
N LEU F 88 -10.91 -15.63 -39.01
CA LEU F 88 -11.91 -15.39 -40.05
C LEU F 88 -12.15 -16.64 -40.89
N ALA F 89 -11.11 -17.44 -41.13
CA ALA F 89 -11.30 -18.71 -41.83
C ALA F 89 -12.12 -19.67 -40.99
N HIS F 90 -11.94 -19.64 -39.66
CA HIS F 90 -12.72 -20.52 -38.79
C HIS F 90 -14.20 -20.15 -38.84
N LEU F 91 -14.50 -18.85 -38.78
CA LEU F 91 -15.88 -18.42 -38.92
C LEU F 91 -16.42 -18.74 -40.31
N ALA F 92 -15.55 -18.73 -41.31
CA ALA F 92 -15.99 -19.07 -42.67
C ALA F 92 -16.48 -20.50 -42.74
N SER F 93 -15.72 -21.44 -42.16
CA SER F 93 -16.15 -22.83 -42.17
C SER F 93 -17.36 -23.05 -41.28
N GLN F 94 -17.52 -22.24 -40.24
CA GLN F 94 -18.70 -22.34 -39.38
C GLN F 94 -19.97 -21.90 -40.11
N HIS F 95 -19.84 -21.14 -41.21
CA HIS F 95 -20.99 -20.69 -41.98
C HIS F 95 -21.02 -21.25 -43.40
N SER F 96 -20.02 -22.02 -43.81
CA SER F 96 -19.83 -22.33 -45.23
C SER F 96 -21.00 -23.11 -45.82
N SER F 97 -21.64 -23.96 -45.04
CA SER F 97 -22.70 -24.83 -45.53
C SER F 97 -24.09 -24.29 -45.28
N ARG F 98 -24.22 -23.03 -44.85
CA ARG F 98 -25.51 -22.49 -44.41
C ARG F 98 -26.15 -21.55 -45.43
N GLY F 99 -25.46 -21.20 -46.51
CA GLY F 99 -26.05 -20.40 -47.56
C GLY F 99 -26.46 -19.01 -47.14
N VAL F 100 -25.57 -18.29 -46.48
CA VAL F 100 -25.83 -16.92 -46.03
C VAL F 100 -25.44 -15.97 -47.15
N SER F 101 -26.39 -15.11 -47.56
CA SER F 101 -26.15 -14.20 -48.66
C SER F 101 -25.29 -13.02 -48.23
N ALA F 102 -24.77 -12.29 -49.22
CA ALA F 102 -23.98 -11.10 -48.92
C ALA F 102 -24.83 -9.97 -48.38
N GLU F 103 -26.12 -9.93 -48.73
CA GLU F 103 -27.01 -8.92 -48.17
C GLU F 103 -27.38 -9.26 -46.73
N GLN F 104 -27.40 -10.54 -46.38
CA GLN F 104 -27.66 -10.91 -44.99
C GLN F 104 -26.51 -10.50 -44.08
N TYR F 105 -25.28 -10.61 -44.57
CA TYR F 105 -24.15 -10.11 -43.79
C TYR F 105 -24.23 -8.60 -43.61
N ASN F 106 -24.66 -7.88 -44.64
CA ASN F 106 -24.81 -6.43 -44.53
C ASN F 106 -25.90 -6.06 -43.54
N VAL F 107 -26.96 -6.87 -43.45
CA VAL F 107 -28.02 -6.60 -42.47
C VAL F 107 -27.48 -6.73 -41.05
N VAL F 108 -26.68 -7.77 -40.80
CA VAL F 108 -26.10 -7.95 -39.47
C VAL F 108 -25.05 -6.89 -39.19
N GLU F 109 -24.28 -6.50 -40.21
CA GLU F 109 -23.37 -5.37 -40.07
C GLU F 109 -24.11 -4.13 -39.59
N HIS F 110 -25.19 -3.76 -40.28
CA HIS F 110 -25.95 -2.58 -39.92
C HIS F 110 -26.56 -2.70 -38.54
N ALA F 111 -27.02 -3.90 -38.18
CA ALA F 111 -27.61 -4.10 -36.86
C ALA F 111 -26.56 -3.94 -35.76
N VAL F 112 -25.35 -4.47 -35.98
CA VAL F 112 -24.28 -4.30 -35.01
C VAL F 112 -23.92 -2.83 -34.85
N MET F 113 -23.86 -2.11 -35.97
CA MET F 113 -23.55 -0.67 -35.92
C MET F 113 -24.60 0.09 -35.13
N MET F 114 -25.88 -0.18 -35.39
CA MET F 114 -26.94 0.46 -34.61
C MET F 114 -26.86 0.06 -33.15
N GLY F 115 -26.52 -1.20 -32.87
CA GLY F 115 -26.37 -1.63 -31.49
C GLY F 115 -25.25 -0.90 -30.77
N VAL F 116 -24.12 -0.71 -31.44
CA VAL F 116 -23.01 0.00 -30.83
C VAL F 116 -23.34 1.47 -30.63
N GLU F 117 -23.97 2.09 -31.64
CA GLU F 117 -24.37 3.49 -31.50
C GLU F 117 -25.38 3.67 -30.38
N HIS F 118 -26.36 2.75 -30.30
CA HIS F 118 -27.31 2.75 -29.18
C HIS F 118 -26.60 2.67 -27.83
N GLU F 119 -25.43 2.04 -27.80
CA GLU F 119 -24.73 1.80 -26.53
C GLU F 119 -23.80 2.94 -26.15
N ILE F 120 -23.12 3.57 -27.12
CA ILE F 120 -22.13 4.61 -26.81
C ILE F 120 -22.58 6.00 -27.21
N GLY F 121 -23.66 6.15 -27.97
CA GLY F 121 -24.18 7.46 -28.31
C GLY F 121 -23.87 7.91 -29.71
N GLN F 122 -24.84 8.55 -30.37
CA GLN F 122 -24.65 8.99 -31.75
C GLN F 122 -23.58 10.08 -31.88
N ASN F 123 -23.29 10.81 -30.81
CA ASN F 123 -22.36 11.93 -30.92
C ASN F 123 -20.90 11.49 -31.03
N VAL F 124 -20.60 10.22 -30.76
CA VAL F 124 -19.24 9.73 -30.89
C VAL F 124 -19.12 8.56 -31.87
N PHE F 125 -20.21 7.90 -32.24
CA PHE F 125 -20.14 6.73 -33.09
C PHE F 125 -19.46 7.05 -34.42
N ASP F 126 -18.41 6.28 -34.74
CA ASP F 126 -17.60 6.49 -35.94
C ASP F 126 -18.11 5.51 -37.00
N LYS F 127 -19.03 5.99 -37.84
CA LYS F 127 -19.66 5.09 -38.80
C LYS F 127 -18.71 4.65 -39.89
N ASP F 128 -17.90 5.57 -40.42
CA ASP F 128 -16.97 5.22 -41.49
C ASP F 128 -16.00 4.14 -41.06
N ALA F 129 -15.43 4.28 -39.86
CA ALA F 129 -14.50 3.26 -39.35
C ALA F 129 -15.22 1.94 -39.12
N TRP F 130 -16.41 1.97 -38.52
CA TRP F 130 -17.14 0.74 -38.24
C TRP F 130 -17.55 0.04 -39.52
N GLN F 131 -18.09 0.78 -40.49
CA GLN F 131 -18.51 0.17 -41.75
C GLN F 131 -17.32 -0.42 -42.50
N ALA F 132 -16.18 0.26 -42.47
CA ALA F 132 -15.01 -0.22 -43.20
C ALA F 132 -14.42 -1.46 -42.56
N CYS F 133 -14.37 -1.49 -41.23
CA CYS F 133 -13.75 -2.63 -40.55
C CYS F 133 -14.70 -3.82 -40.44
N LEU F 134 -16.01 -3.58 -40.34
CA LEU F 134 -16.96 -4.68 -40.43
C LEU F 134 -16.96 -5.29 -41.82
N ASP F 135 -16.69 -4.48 -42.86
CA ASP F 135 -16.57 -5.03 -44.20
C ASP F 135 -15.39 -5.99 -44.30
N VAL F 136 -14.28 -5.65 -43.65
CA VAL F 136 -13.13 -6.55 -43.64
C VAL F 136 -13.49 -7.88 -42.97
N ILE F 137 -14.30 -7.82 -41.92
CA ILE F 137 -14.63 -9.01 -41.14
C ILE F 137 -15.54 -9.93 -41.93
N THR F 138 -16.69 -9.42 -42.37
CA THR F 138 -17.65 -10.26 -43.09
C THR F 138 -17.12 -10.71 -44.45
N SER F 139 -16.19 -9.96 -45.04
CA SER F 139 -15.56 -10.42 -46.28
C SER F 139 -14.78 -11.70 -46.05
N GLY F 140 -13.97 -11.74 -45.00
CA GLY F 140 -13.24 -12.96 -44.68
C GLY F 140 -14.15 -14.09 -44.25
N ILE F 141 -15.27 -13.78 -43.61
CA ILE F 141 -16.22 -14.82 -43.22
C ILE F 141 -16.84 -15.46 -44.46
N GLN F 142 -16.99 -14.70 -45.54
CA GLN F 142 -17.47 -15.23 -46.80
C GLN F 142 -16.34 -15.80 -47.66
N GLY F 143 -15.16 -16.02 -47.08
CA GLY F 143 -14.07 -16.63 -47.79
C GLY F 143 -13.43 -15.77 -48.87
N ASN F 144 -13.80 -14.50 -48.96
CA ASN F 144 -13.19 -13.61 -49.95
C ASN F 144 -11.97 -12.91 -49.36
N SER G 2 -19.56 -26.67 1.34
CA SER G 2 -20.22 -27.09 0.12
C SER G 2 -19.44 -26.67 -1.11
N ASN G 3 -19.39 -27.54 -2.12
CA ASN G 3 -18.69 -27.26 -3.36
C ASN G 3 -19.53 -26.50 -4.37
N SER G 4 -20.74 -26.08 -3.99
CA SER G 4 -21.61 -25.37 -4.92
C SER G 4 -21.05 -24.00 -5.25
N CYS G 5 -21.06 -23.66 -6.54
CA CYS G 5 -20.71 -22.32 -7.00
C CYS G 5 -21.86 -21.38 -6.66
N THR G 6 -21.70 -20.65 -5.55
CA THR G 6 -22.77 -19.78 -5.05
C THR G 6 -22.79 -18.47 -5.82
N THR G 7 -23.77 -17.63 -5.48
CA THR G 7 -23.84 -16.29 -6.08
C THR G 7 -22.62 -15.45 -5.70
N GLU G 8 -22.18 -15.55 -4.44
CA GLU G 8 -21.00 -14.81 -4.02
C GLU G 8 -19.76 -15.24 -4.79
N ASP G 9 -19.60 -16.55 -4.99
CA ASP G 9 -18.44 -17.05 -5.73
C ASP G 9 -18.48 -16.61 -7.18
N ARG G 10 -19.68 -16.48 -7.77
CA ARG G 10 -19.77 -16.03 -9.16
C ARG G 10 -19.29 -14.60 -9.31
N ARG G 11 -19.71 -13.72 -8.40
CA ARG G 11 -19.23 -12.34 -8.43
C ARG G 11 -17.72 -12.27 -8.27
N GLU G 12 -17.15 -13.13 -7.42
CA GLU G 12 -15.70 -13.15 -7.26
C GLU G 12 -15.01 -13.58 -8.54
N MET G 13 -15.49 -14.66 -9.16
CA MET G 13 -14.83 -15.18 -10.35
C MET G 13 -14.88 -14.19 -11.49
N GLN G 14 -16.02 -13.49 -11.65
CA GLN G 14 -16.10 -12.44 -12.67
C GLN G 14 -15.15 -11.29 -12.36
N LEU G 15 -14.91 -11.01 -11.07
CA LEU G 15 -13.95 -9.98 -10.71
C LEU G 15 -12.53 -10.44 -10.96
N MET G 16 -12.20 -11.67 -10.56
CA MET G 16 -10.89 -12.25 -10.89
C MET G 16 -10.66 -12.29 -12.39
N TRP G 17 -11.73 -12.45 -13.17
CA TRP G 17 -11.60 -12.52 -14.62
C TRP G 17 -11.59 -11.14 -15.26
N ALA G 18 -12.33 -10.18 -14.69
CA ALA G 18 -12.41 -8.85 -15.29
C ALA G 18 -11.12 -8.06 -15.05
N ASN G 19 -10.54 -8.18 -13.86
CA ASN G 19 -9.31 -7.46 -13.54
C ASN G 19 -8.14 -7.89 -14.42
N VAL G 20 -8.31 -8.92 -15.25
CA VAL G 20 -7.24 -9.48 -16.07
C VAL G 20 -7.58 -9.43 -17.55
N TRP G 21 -8.84 -9.65 -17.89
CA TRP G 21 -9.26 -9.69 -19.30
C TRP G 21 -9.06 -8.33 -19.95
N SER G 22 -8.54 -8.35 -21.18
CA SER G 22 -8.30 -7.14 -21.97
C SER G 22 -9.33 -7.10 -23.10
N ALA G 23 -10.18 -6.08 -23.08
CA ALA G 23 -11.31 -6.02 -23.99
C ALA G 23 -10.95 -5.52 -25.39
N GLN G 24 -9.74 -5.01 -25.60
CA GLN G 24 -9.37 -4.42 -26.88
C GLN G 24 -8.29 -5.18 -27.64
N PHE G 25 -7.44 -5.95 -26.96
CA PHE G 25 -6.35 -6.65 -27.61
C PHE G 25 -6.21 -8.06 -27.04
N THR G 26 -5.57 -8.92 -27.83
CA THR G 26 -5.42 -10.33 -27.47
C THR G 26 -4.11 -10.65 -26.77
N GLY G 27 -3.20 -9.68 -26.65
CA GLY G 27 -1.91 -9.96 -26.05
C GLY G 27 -2.01 -10.55 -24.66
N ARG G 28 -2.92 -10.02 -23.84
CA ARG G 28 -3.12 -10.57 -22.51
C ARG G 28 -3.94 -11.86 -22.55
N ARG G 29 -4.95 -11.92 -23.40
CA ARG G 29 -5.71 -13.16 -23.56
C ARG G 29 -4.81 -14.29 -24.03
N LEU G 30 -3.95 -14.01 -25.01
CA LEU G 30 -3.12 -15.03 -25.61
C LEU G 30 -2.09 -15.56 -24.60
N ALA G 31 -1.47 -14.67 -23.84
CA ALA G 31 -0.44 -15.09 -22.89
C ALA G 31 -1.02 -15.98 -21.80
N ILE G 32 -2.26 -15.69 -21.38
CA ILE G 32 -2.90 -16.53 -20.36
C ILE G 32 -3.25 -17.89 -20.94
N ALA G 33 -3.76 -17.92 -22.17
CA ALA G 33 -4.13 -19.20 -22.78
C ALA G 33 -2.91 -20.03 -23.11
N GLN G 34 -1.86 -19.40 -23.63
CA GLN G 34 -0.63 -20.15 -23.95
C GLN G 34 0.01 -20.72 -22.68
N ALA G 35 -0.05 -19.97 -21.58
CA ALA G 35 0.52 -20.48 -20.32
C ALA G 35 -0.30 -21.66 -19.81
N VAL G 36 -1.61 -21.63 -19.99
CA VAL G 36 -2.46 -22.73 -19.54
C VAL G 36 -2.17 -24.00 -20.34
N PHE G 37 -2.10 -23.87 -21.67
CA PHE G 37 -1.86 -25.05 -22.50
C PHE G 37 -0.41 -25.52 -22.41
N LYS G 38 0.54 -24.59 -22.19
CA LYS G 38 1.90 -25.00 -21.87
C LYS G 38 1.90 -25.88 -20.60
N ASP G 39 1.20 -25.42 -19.56
CA ASP G 39 1.14 -26.18 -18.31
C ASP G 39 0.44 -27.52 -18.52
N LEU G 40 -0.68 -27.52 -19.25
CA LEU G 40 -1.41 -28.75 -19.48
C LEU G 40 -0.56 -29.76 -20.25
N PHE G 41 0.14 -29.30 -21.28
CA PHE G 41 0.92 -30.21 -22.11
C PHE G 41 2.10 -30.80 -21.33
N ALA G 42 2.70 -30.02 -20.44
CA ALA G 42 3.83 -30.52 -19.64
C ALA G 42 3.38 -31.47 -18.55
N HIS G 43 2.11 -31.43 -18.14
CA HIS G 43 1.59 -32.35 -17.15
C HIS G 43 0.92 -33.57 -17.76
N VAL G 44 0.32 -33.41 -18.94
CA VAL G 44 -0.35 -34.51 -19.63
C VAL G 44 0.30 -34.67 -21.01
N PRO G 45 1.32 -35.51 -21.15
CA PRO G 45 2.05 -35.58 -22.43
C PRO G 45 1.21 -36.08 -23.60
N ASP G 46 0.05 -36.67 -23.35
CA ASP G 46 -0.82 -37.14 -24.43
C ASP G 46 -1.76 -36.08 -24.95
N ALA G 47 -1.98 -35.00 -24.20
CA ALA G 47 -2.97 -34.01 -24.60
C ALA G 47 -2.58 -33.28 -25.88
N VAL G 48 -1.28 -33.15 -26.16
CA VAL G 48 -0.84 -32.38 -27.32
C VAL G 48 -1.34 -33.01 -28.62
N GLY G 49 -1.47 -34.34 -28.64
CA GLY G 49 -1.94 -35.03 -29.82
C GLY G 49 -3.39 -34.74 -30.16
N LEU G 50 -4.18 -34.30 -29.18
CA LEU G 50 -5.57 -33.94 -29.44
C LEU G 50 -5.72 -32.67 -30.26
N PHE G 51 -4.64 -31.90 -30.42
CA PHE G 51 -4.69 -30.59 -31.07
C PHE G 51 -3.84 -30.58 -32.33
N ASP G 52 -3.93 -31.63 -33.14
CA ASP G 52 -3.17 -31.67 -34.39
C ASP G 52 -3.76 -30.70 -35.40
N ARG G 53 -5.09 -30.54 -35.42
CA ARG G 53 -5.72 -29.67 -36.41
C ARG G 53 -5.38 -28.20 -36.16
N VAL G 54 -5.13 -27.82 -34.92
CA VAL G 54 -4.81 -26.45 -34.57
C VAL G 54 -3.32 -26.30 -34.24
N HIS G 55 -2.51 -27.29 -34.61
CA HIS G 55 -1.04 -27.19 -34.51
C HIS G 55 -0.59 -27.05 -33.06
N GLY G 56 -1.05 -27.98 -32.22
CA GLY G 56 -0.70 -27.95 -30.80
C GLY G 56 0.78 -28.07 -30.51
N THR G 57 1.55 -28.65 -31.44
CA THR G 57 2.99 -28.78 -31.24
C THR G 57 3.70 -27.44 -31.39
N GLU G 58 3.13 -26.51 -32.16
CA GLU G 58 3.66 -25.15 -32.30
C GLU G 58 2.75 -24.22 -31.51
N ILE G 59 3.15 -23.92 -30.27
CA ILE G 59 2.31 -23.09 -29.41
C ILE G 59 2.18 -21.68 -29.95
N ASP G 60 3.19 -21.20 -30.68
CA ASP G 60 3.20 -19.84 -31.19
C ASP G 60 2.73 -19.73 -32.64
N SER G 61 2.20 -20.80 -33.21
CA SER G 61 1.69 -20.71 -34.58
C SER G 61 0.39 -19.92 -34.60
N SER G 62 0.05 -19.41 -35.79
CA SER G 62 -1.22 -18.70 -35.95
C SER G 62 -2.40 -19.61 -35.66
N GLU G 63 -2.32 -20.87 -36.10
CA GLU G 63 -3.43 -21.80 -35.90
C GLU G 63 -3.71 -22.02 -34.43
N PHE G 64 -2.67 -22.21 -33.61
CA PHE G 64 -2.89 -22.47 -32.19
C PHE G 64 -3.19 -21.19 -31.42
N LYS G 65 -2.69 -20.05 -31.87
CA LYS G 65 -3.10 -18.77 -31.29
C LYS G 65 -4.59 -18.55 -31.47
N ALA G 66 -5.10 -18.80 -32.68
CA ALA G 66 -6.53 -18.67 -32.91
C ALA G 66 -7.32 -19.62 -32.03
N HIS G 67 -6.83 -20.85 -31.85
CA HIS G 67 -7.48 -21.79 -30.95
C HIS G 67 -7.44 -21.29 -29.51
N CYS G 68 -6.30 -20.75 -29.08
CA CYS G 68 -6.18 -20.20 -27.74
C CYS G 68 -7.19 -19.09 -27.51
N ILE G 69 -7.36 -18.21 -28.50
CA ILE G 69 -8.30 -17.10 -28.37
C ILE G 69 -9.73 -17.62 -28.31
N ARG G 70 -10.04 -18.67 -29.07
CA ARG G 70 -11.38 -19.25 -29.00
C ARG G 70 -11.65 -19.88 -27.65
N VAL G 71 -10.63 -20.51 -27.05
CA VAL G 71 -10.81 -21.16 -25.75
C VAL G 71 -11.15 -20.13 -24.68
N VAL G 72 -10.34 -19.07 -24.57
CA VAL G 72 -10.60 -18.06 -23.57
C VAL G 72 -11.88 -17.30 -23.88
N ASN G 73 -12.25 -17.20 -25.17
CA ASN G 73 -13.56 -16.64 -25.50
C ASN G 73 -14.68 -17.53 -24.98
N GLY G 74 -14.51 -18.85 -25.07
CA GLY G 74 -15.50 -19.76 -24.51
C GLY G 74 -15.59 -19.65 -23.00
N LEU G 75 -14.44 -19.60 -22.33
CA LEU G 75 -14.45 -19.45 -20.88
C LEU G 75 -15.03 -18.11 -20.46
N ASP G 76 -14.71 -17.05 -21.22
CA ASP G 76 -15.29 -15.74 -20.94
C ASP G 76 -16.81 -15.76 -21.08
N SER G 77 -17.31 -16.45 -22.11
CA SER G 77 -18.76 -16.54 -22.29
C SER G 77 -19.40 -17.28 -21.13
N ALA G 78 -18.73 -18.32 -20.62
CA ALA G 78 -19.28 -19.07 -19.49
C ALA G 78 -19.23 -18.24 -18.21
N ILE G 79 -18.09 -17.60 -17.94
CA ILE G 79 -17.94 -16.81 -16.72
C ILE G 79 -18.97 -15.68 -16.68
N GLY G 80 -19.20 -15.02 -17.83
CA GLY G 80 -20.20 -13.97 -17.87
C GLY G 80 -21.62 -14.47 -17.72
N LEU G 81 -21.90 -15.68 -18.22
CA LEU G 81 -23.24 -16.25 -18.13
C LEU G 81 -23.51 -16.90 -16.78
N LEU G 82 -22.54 -16.90 -15.86
CA LEU G 82 -22.81 -17.33 -14.50
C LEU G 82 -23.90 -16.49 -13.84
N SER G 83 -24.15 -15.28 -14.35
CA SER G 83 -25.20 -14.41 -13.83
C SER G 83 -26.57 -14.74 -14.42
N ASP G 84 -26.64 -15.60 -15.44
CA ASP G 84 -27.91 -16.01 -16.05
C ASP G 84 -27.82 -17.50 -16.32
N PRO G 85 -28.03 -18.33 -15.28
CA PRO G 85 -27.79 -19.77 -15.44
C PRO G 85 -28.70 -20.44 -16.46
N SER G 86 -29.88 -19.90 -16.71
CA SER G 86 -30.74 -20.44 -17.77
C SER G 86 -30.00 -20.43 -19.11
N THR G 87 -29.45 -19.28 -19.48
CA THR G 87 -28.69 -19.20 -20.72
C THR G 87 -27.36 -19.95 -20.62
N LEU G 88 -26.75 -19.97 -19.43
CA LEU G 88 -25.50 -20.70 -19.24
C LEU G 88 -25.65 -22.17 -19.60
N ASN G 89 -26.74 -22.80 -19.16
CA ASN G 89 -26.93 -24.22 -19.44
C ASN G 89 -27.00 -24.49 -20.94
N GLU G 90 -27.61 -23.58 -21.70
CA GLU G 90 -27.65 -23.73 -23.15
C GLU G 90 -26.24 -23.60 -23.75
N GLN G 91 -25.46 -22.64 -23.27
CA GLN G 91 -24.12 -22.42 -23.83
C GLN G 91 -23.19 -23.57 -23.49
N LEU G 92 -23.31 -24.12 -22.27
CA LEU G 92 -22.47 -25.25 -21.89
C LEU G 92 -22.84 -26.51 -22.66
N SER G 93 -24.12 -26.67 -23.01
CA SER G 93 -24.51 -27.80 -23.86
C SER G 93 -23.88 -27.69 -25.24
N HIS G 94 -23.82 -26.48 -25.79
CA HIS G 94 -23.16 -26.29 -27.08
C HIS G 94 -21.67 -26.57 -26.97
N LEU G 95 -21.04 -26.13 -25.88
CA LEU G 95 -19.63 -26.43 -25.67
C LEU G 95 -19.38 -27.91 -25.46
N ALA G 96 -20.34 -28.62 -24.86
CA ALA G 96 -20.19 -30.06 -24.66
C ALA G 96 -20.17 -30.80 -25.99
N THR G 97 -21.12 -30.50 -26.87
CA THR G 97 -21.15 -31.17 -28.17
C THR G 97 -19.93 -30.85 -29.01
N GLN G 98 -19.39 -29.62 -28.90
CA GLN G 98 -18.17 -29.28 -29.61
C GLN G 98 -16.98 -30.10 -29.12
N HIS G 99 -17.02 -30.58 -27.88
CA HIS G 99 -15.96 -31.42 -27.35
C HIS G 99 -16.27 -32.91 -27.43
N GLN G 100 -17.52 -33.28 -27.70
CA GLN G 100 -17.87 -34.68 -27.86
C GLN G 100 -17.42 -35.20 -29.22
N GLU G 101 -17.30 -36.53 -29.32
CA GLU G 101 -16.82 -37.20 -30.53
C GLU G 101 -15.43 -36.72 -30.92
N ARG G 102 -14.56 -36.58 -29.92
CA ARG G 102 -13.13 -36.30 -30.12
C ARG G 102 -12.38 -37.29 -29.24
N ALA G 103 -11.85 -38.34 -29.85
CA ALA G 103 -11.14 -39.39 -29.10
C ALA G 103 -9.97 -38.77 -28.33
N GLY G 104 -9.99 -38.95 -27.01
CA GLY G 104 -8.97 -38.40 -26.13
C GLY G 104 -9.46 -37.23 -25.29
N VAL G 105 -10.55 -36.57 -25.70
CA VAL G 105 -11.14 -35.48 -24.92
C VAL G 105 -12.02 -36.11 -23.85
N THR G 106 -11.52 -36.17 -22.63
CA THR G 106 -12.19 -36.86 -21.53
C THR G 106 -12.37 -35.90 -20.36
N LYS G 107 -13.14 -36.36 -19.36
CA LYS G 107 -13.28 -35.60 -18.13
C LYS G 107 -11.94 -35.49 -17.40
N GLY G 108 -11.05 -36.46 -17.60
CA GLY G 108 -9.74 -36.40 -16.98
C GLY G 108 -8.89 -35.27 -17.51
N GLY G 109 -9.06 -34.91 -18.78
CA GLY G 109 -8.35 -33.76 -19.32
C GLY G 109 -8.84 -32.44 -18.76
N PHE G 110 -10.16 -32.33 -18.56
CA PHE G 110 -10.72 -31.12 -17.97
C PHE G 110 -10.29 -30.97 -16.51
N SER G 111 -10.15 -32.08 -15.78
CA SER G 111 -9.62 -32.01 -14.44
C SER G 111 -8.17 -31.54 -14.44
N ALA G 112 -7.41 -31.92 -15.46
CA ALA G 112 -6.02 -31.48 -15.55
C ALA G 112 -5.92 -30.01 -15.89
N ILE G 113 -6.70 -29.54 -16.87
CA ILE G 113 -6.65 -28.13 -17.25
C ILE G 113 -7.19 -27.25 -16.14
N ALA G 114 -8.05 -27.77 -15.27
CA ALA G 114 -8.45 -27.03 -14.08
C ALA G 114 -7.25 -26.75 -13.20
N GLN G 115 -6.38 -27.74 -13.02
CA GLN G 115 -5.16 -27.54 -12.25
C GLN G 115 -4.21 -26.58 -12.96
N SER G 116 -4.23 -26.55 -14.29
CA SER G 116 -3.42 -25.59 -15.02
C SER G 116 -3.84 -24.16 -14.73
N PHE G 117 -5.16 -23.91 -14.69
CA PHE G 117 -5.65 -22.57 -14.39
C PHE G 117 -5.31 -22.17 -12.95
N LEU G 118 -5.38 -23.13 -12.02
CA LEU G 118 -5.06 -22.82 -10.63
C LEU G 118 -3.58 -22.48 -10.44
N ARG G 119 -2.72 -22.98 -11.33
CA ARG G 119 -1.31 -22.59 -11.29
C ARG G 119 -1.03 -21.31 -12.05
N VAL G 120 -1.80 -21.03 -13.10
CA VAL G 120 -1.54 -19.86 -13.95
C VAL G 120 -2.15 -18.60 -13.35
N MET G 121 -3.42 -18.67 -12.94
CA MET G 121 -4.15 -17.46 -12.57
C MET G 121 -3.51 -16.66 -11.42
N PRO G 122 -2.98 -17.25 -10.36
CA PRO G 122 -2.33 -16.41 -9.33
C PRO G 122 -1.12 -15.64 -9.84
N GLN G 123 -0.53 -16.05 -10.96
CA GLN G 123 0.60 -15.33 -11.52
C GLN G 123 0.20 -14.09 -12.30
N VAL G 124 -1.07 -13.98 -12.68
CA VAL G 124 -1.50 -12.89 -13.56
C VAL G 124 -2.61 -12.09 -12.89
N ALA G 125 -3.41 -12.75 -12.05
CA ALA G 125 -4.56 -12.10 -11.45
C ALA G 125 -4.21 -11.56 -10.06
N SER G 126 -4.79 -10.40 -9.73
CA SER G 126 -4.65 -9.83 -8.40
C SER G 126 -5.80 -10.28 -7.51
N CYS G 127 -5.50 -10.49 -6.24
CA CYS G 127 -6.48 -10.94 -5.24
C CYS G 127 -7.14 -12.25 -5.67
N PHE G 128 -6.34 -13.19 -6.17
CA PHE G 128 -6.90 -14.44 -6.66
C PHE G 128 -7.43 -15.28 -5.49
N ASN G 129 -8.65 -15.78 -5.64
CA ASN G 129 -9.28 -16.66 -4.66
C ASN G 129 -9.38 -18.05 -5.27
N PRO G 130 -8.46 -18.97 -4.96
CA PRO G 130 -8.49 -20.29 -5.61
C PRO G 130 -9.73 -21.10 -5.29
N ASP G 131 -10.24 -21.02 -4.06
CA ASP G 131 -11.41 -21.82 -3.69
C ASP G 131 -12.65 -21.37 -4.45
N ALA G 132 -12.94 -20.07 -4.44
CA ALA G 132 -14.11 -19.56 -5.15
C ALA G 132 -13.97 -19.79 -6.66
N TRP G 133 -12.77 -19.60 -7.20
CA TRP G 133 -12.55 -19.87 -8.61
C TRP G 133 -12.79 -21.34 -8.94
N SER G 134 -12.27 -22.24 -8.09
CA SER G 134 -12.36 -23.67 -8.38
C SER G 134 -13.81 -24.14 -8.37
N ARG G 135 -14.61 -23.67 -7.41
CA ARG G 135 -16.01 -24.10 -7.32
C ARG G 135 -16.79 -23.72 -8.58
N CYS G 136 -16.58 -22.51 -9.09
CA CYS G 136 -17.33 -22.07 -10.26
C CYS G 136 -16.70 -22.54 -11.56
N PHE G 137 -15.38 -22.75 -11.58
CA PHE G 137 -14.75 -23.36 -12.75
C PHE G 137 -15.26 -24.78 -12.95
N ASN G 138 -15.40 -25.53 -11.86
CA ASN G 138 -15.90 -26.91 -11.96
C ASN G 138 -17.37 -26.91 -12.36
N ARG G 139 -18.15 -25.96 -11.85
CA ARG G 139 -19.54 -25.80 -12.30
C ARG G 139 -19.61 -25.64 -13.82
N ILE G 140 -18.61 -24.99 -14.40
CA ILE G 140 -18.59 -24.77 -15.84
C ILE G 140 -18.16 -26.05 -16.57
N THR G 141 -17.10 -26.70 -16.09
CA THR G 141 -16.62 -27.92 -16.75
C THR G 141 -17.60 -29.07 -16.60
N ASN G 142 -18.37 -29.09 -15.50
CA ASN G 142 -19.39 -30.14 -15.34
C ASN G 142 -20.38 -30.11 -16.51
N GLY G 143 -20.81 -28.91 -16.92
CA GLY G 143 -21.70 -28.81 -18.06
C GLY G 143 -21.02 -29.12 -19.37
N MET G 144 -19.72 -28.81 -19.48
CA MET G 144 -19.00 -29.08 -20.71
C MET G 144 -18.67 -30.57 -20.88
N THR G 145 -18.57 -31.30 -19.78
CA THR G 145 -18.22 -32.73 -19.79
C THR G 145 -19.43 -33.62 -19.57
N GLU G 146 -20.61 -33.20 -20.03
CA GLU G 146 -21.83 -33.96 -19.78
C GLU G 146 -21.74 -35.37 -20.37
N GLY G 147 -21.58 -35.45 -21.69
CA GLY G 147 -21.50 -36.74 -22.34
C GLY G 147 -20.11 -37.09 -22.81
N LEU G 148 -19.12 -36.95 -21.93
CA LEU G 148 -17.74 -37.30 -22.22
C LEU G 148 -17.31 -38.49 -21.38
N ALA G 149 -16.37 -39.27 -21.91
CA ALA G 149 -15.80 -40.37 -21.17
C ALA G 149 -14.96 -39.86 -20.01
N GLU G 150 -14.80 -40.69 -18.99
CA GLU G 150 -14.01 -40.34 -17.82
C GLU G 150 -12.54 -40.18 -18.19
N GLU H 2 0.99 30.36 -19.60
CA GLU H 2 1.55 30.84 -20.85
C GLU H 2 1.36 29.83 -21.98
N PHE H 3 0.32 28.99 -21.87
CA PHE H 3 0.03 28.02 -22.92
C PHE H 3 -1.42 28.14 -23.39
N CYS H 4 -2.35 27.48 -22.70
CA CYS H 4 -3.76 27.59 -23.04
C CYS H 4 -4.57 27.65 -21.75
N SER H 5 -5.85 27.97 -21.89
CA SER H 5 -6.72 28.15 -20.74
C SER H 5 -6.97 26.81 -20.03
N GLU H 6 -7.49 26.92 -18.81
CA GLU H 6 -7.75 25.72 -18.01
C GLU H 6 -8.83 24.85 -18.63
N ALA H 7 -9.89 25.46 -19.17
CA ALA H 7 -10.96 24.67 -19.78
C ALA H 7 -10.51 24.08 -21.11
N ASP H 8 -9.72 24.82 -21.88
CA ASP H 8 -9.13 24.26 -23.09
C ASP H 8 -8.21 23.10 -22.75
N ALA H 9 -7.36 23.26 -21.73
CA ALA H 9 -6.44 22.20 -21.35
C ALA H 9 -7.18 20.98 -20.83
N THR H 10 -8.29 21.19 -20.11
CA THR H 10 -9.06 20.06 -19.59
C THR H 10 -9.62 19.21 -20.71
N ILE H 11 -10.10 19.85 -21.78
CA ILE H 11 -10.63 19.11 -22.92
C ILE H 11 -9.51 18.34 -23.61
N VAL H 12 -8.35 18.98 -23.81
CA VAL H 12 -7.24 18.30 -24.46
C VAL H 12 -6.73 17.14 -23.61
N ILE H 13 -6.69 17.33 -22.29
CA ILE H 13 -6.20 16.28 -21.40
C ILE H 13 -7.14 15.08 -21.44
N LYS H 14 -8.45 15.33 -21.37
CA LYS H 14 -9.41 14.23 -21.37
C LYS H 14 -9.41 13.48 -22.70
N GLN H 15 -9.34 14.20 -23.81
CA GLN H 15 -9.35 13.53 -25.11
C GLN H 15 -8.06 12.77 -25.37
N TRP H 16 -6.93 13.26 -24.84
CA TRP H 16 -5.68 12.52 -24.99
C TRP H 16 -5.69 11.23 -24.17
N ASN H 17 -6.19 11.30 -22.93
CA ASN H 17 -6.25 10.11 -22.09
C ASN H 17 -7.17 9.05 -22.67
N GLN H 18 -8.09 9.43 -23.56
CA GLN H 18 -8.89 8.45 -24.28
C GLN H 18 -8.02 7.42 -25.00
N ILE H 19 -6.92 7.88 -25.60
CA ILE H 19 -6.13 7.04 -26.49
C ILE H 19 -4.74 6.76 -25.96
N TYR H 20 -4.31 7.40 -24.88
CA TYR H 20 -2.98 7.19 -24.32
C TYR H 20 -3.06 7.27 -22.80
N ASN H 21 -2.61 6.20 -22.14
CA ASN H 21 -2.48 6.15 -20.68
C ASN H 21 -1.71 4.88 -20.34
N ALA H 22 -1.58 4.62 -19.04
CA ALA H 22 -0.75 3.50 -18.60
C ALA H 22 -1.36 2.15 -19.00
N GLY H 23 -2.67 2.09 -19.20
CA GLY H 23 -3.30 0.87 -19.67
C GLY H 23 -3.16 0.60 -21.16
N ILE H 24 -2.66 1.57 -21.92
CA ILE H 24 -2.49 1.41 -23.35
C ILE H 24 -1.20 0.66 -23.63
N GLY H 25 -1.31 -0.49 -24.28
CA GLY H 25 -0.14 -1.28 -24.59
C GLY H 25 0.80 -0.61 -25.57
N ALA H 26 2.06 -1.05 -25.55
CA ALA H 26 3.08 -0.42 -26.38
C ALA H 26 2.80 -0.60 -27.87
N LYS H 27 2.16 -1.70 -28.26
CA LYS H 27 1.88 -1.92 -29.68
C LYS H 27 0.95 -0.86 -30.22
N SER H 28 -0.11 -0.52 -29.48
CA SER H 28 -0.99 0.57 -29.89
C SER H 28 -0.25 1.90 -29.90
N ARG H 29 0.75 2.06 -29.03
CA ARG H 29 1.53 3.29 -29.01
C ARG H 29 2.36 3.44 -30.28
N TRP H 30 3.14 2.41 -30.62
CA TRP H 30 3.98 2.55 -31.82
C TRP H 30 3.17 2.46 -33.10
N THR H 31 1.96 1.89 -33.05
CA THR H 31 1.05 2.01 -34.19
C THR H 31 0.69 3.45 -34.45
N MET H 32 0.31 4.17 -33.38
CA MET H 32 0.07 5.61 -33.50
C MET H 32 1.35 6.35 -33.87
N GLY H 33 2.48 5.96 -33.29
CA GLY H 33 3.73 6.59 -33.63
C GLY H 33 4.12 6.37 -35.08
N ASN H 34 3.91 5.15 -35.58
CA ASN H 34 4.27 4.87 -36.96
CA ASN H 34 4.23 4.82 -36.97
C ASN H 34 3.39 5.64 -37.93
N GLU H 35 2.09 5.80 -37.62
CA GLU H 35 1.23 6.60 -38.49
C GLU H 35 1.62 8.07 -38.45
N ILE H 36 2.00 8.57 -37.27
CA ILE H 36 2.37 9.98 -37.14
C ILE H 36 3.64 10.28 -37.94
N PHE H 37 4.67 9.44 -37.79
CA PHE H 37 5.93 9.74 -38.45
C PHE H 37 5.91 9.42 -39.95
N SER H 38 5.15 8.41 -40.37
CA SER H 38 4.94 8.21 -41.81
C SER H 38 4.30 9.43 -42.44
N SER H 39 3.26 9.97 -41.79
CA SER H 39 2.63 11.18 -42.29
C SER H 39 3.60 12.36 -42.30
N LEU H 40 4.41 12.48 -41.25
CA LEU H 40 5.41 13.55 -41.20
C LEU H 40 6.41 13.42 -42.35
N PHE H 41 6.87 12.19 -42.62
CA PHE H 41 7.82 11.99 -43.71
C PHE H 41 7.19 12.27 -45.07
N LYS H 42 5.89 12.00 -45.23
CA LYS H 42 5.24 12.33 -46.49
C LYS H 42 5.08 13.85 -46.64
N LEU H 43 4.85 14.57 -45.54
CA LEU H 43 4.74 16.02 -45.61
C LEU H 43 6.10 16.67 -45.80
N LYS H 44 7.14 16.13 -45.16
CA LYS H 44 8.49 16.67 -45.22
C LYS H 44 9.47 15.52 -45.48
N PRO H 45 9.61 15.10 -46.73
CA PRO H 45 10.51 13.96 -47.02
C PRO H 45 11.94 14.18 -46.58
N GLU H 46 12.39 15.43 -46.51
CA GLU H 46 13.77 15.72 -46.10
C GLU H 46 14.01 15.48 -44.62
N SER H 47 12.97 15.23 -43.82
CA SER H 47 13.14 15.02 -42.40
C SER H 47 13.43 13.57 -42.04
N GLU H 48 13.19 12.64 -42.95
CA GLU H 48 13.34 11.21 -42.62
C GLU H 48 14.77 10.88 -42.24
N VAL H 49 15.75 11.46 -42.92
CA VAL H 49 17.16 11.12 -42.67
C VAL H 49 17.61 11.52 -41.27
N LEU H 50 16.89 12.44 -40.63
CA LEU H 50 17.25 12.86 -39.27
C LEU H 50 17.08 11.74 -38.25
N PHE H 51 16.36 10.67 -38.61
CA PHE H 51 16.10 9.56 -37.69
C PHE H 51 16.90 8.32 -38.05
N ASN H 52 18.03 8.50 -38.73
CA ASN H 52 18.86 7.35 -39.09
CA ASN H 52 18.92 7.39 -39.08
C ASN H 52 19.46 6.69 -37.85
N ASN H 53 19.65 7.43 -36.75
CA ASN H 53 20.20 6.83 -35.54
C ASN H 53 19.21 5.96 -34.79
N VAL H 54 17.92 6.06 -35.09
CA VAL H 54 16.92 5.17 -34.50
C VAL H 54 16.42 4.16 -35.52
N ASN H 55 17.21 3.90 -36.56
CA ASN H 55 16.91 2.88 -37.58
C ASN H 55 15.57 3.15 -38.26
N VAL H 56 15.40 4.37 -38.74
CA VAL H 56 14.20 4.73 -39.49
C VAL H 56 14.09 3.93 -40.78
N ALA H 57 15.21 3.35 -41.24
CA ALA H 57 15.18 2.53 -42.45
C ALA H 57 14.22 1.35 -42.30
N ASN H 58 14.00 0.87 -41.09
CA ASN H 58 12.98 -0.14 -40.80
C ASN H 58 12.16 0.39 -39.62
N MET H 59 10.98 0.94 -39.93
CA MET H 59 10.15 1.54 -38.89
C MET H 59 9.45 0.50 -38.02
N SER H 60 9.55 -0.78 -38.35
CA SER H 60 9.09 -1.85 -37.47
C SER H 60 10.22 -2.43 -36.63
N SER H 61 11.38 -1.77 -36.61
CA SER H 61 12.50 -2.22 -35.80
C SER H 61 12.28 -1.87 -34.34
N GLY H 62 12.94 -2.62 -33.46
CA GLY H 62 12.88 -2.31 -32.03
C GLY H 62 13.40 -0.92 -31.72
N ALA H 63 14.40 -0.45 -32.46
CA ALA H 63 14.97 0.86 -32.21
C ALA H 63 13.99 1.97 -32.55
N PHE H 64 13.33 1.88 -33.71
CA PHE H 64 12.40 2.92 -34.09
C PHE H 64 11.10 2.84 -33.30
N HIS H 65 10.67 1.63 -32.93
CA HIS H 65 9.52 1.51 -32.05
C HIS H 65 9.76 2.22 -30.72
N ALA H 66 10.96 2.05 -30.15
CA ALA H 66 11.29 2.71 -28.90
C ALA H 66 11.36 4.22 -29.05
N HIS H 67 11.74 4.71 -30.24
CA HIS H 67 11.81 6.14 -30.46
C HIS H 67 10.43 6.78 -30.41
N THR H 68 9.48 6.25 -31.20
CA THR H 68 8.14 6.82 -31.19
C THR H 68 7.48 6.68 -29.82
N VAL H 69 7.82 5.63 -29.08
CA VAL H 69 7.35 5.50 -27.70
C VAL H 69 7.92 6.62 -26.83
N ARG H 70 9.19 6.95 -27.05
CA ARG H 70 9.79 8.08 -26.34
C ARG H 70 9.15 9.40 -26.75
N VAL H 71 8.85 9.55 -28.05
CA VAL H 71 8.24 10.79 -28.54
C VAL H 71 6.85 10.96 -27.96
N LEU H 72 6.04 9.89 -27.99
CA LEU H 72 4.67 9.98 -27.49
C LEU H 72 4.64 10.17 -25.97
N SER H 73 5.61 9.60 -25.25
CA SER H 73 5.68 9.83 -23.81
C SER H 73 6.00 11.29 -23.50
N GLY H 74 6.84 11.92 -24.33
CA GLY H 74 7.08 13.34 -24.17
C GLY H 74 5.85 14.18 -24.46
N LEU H 75 5.12 13.83 -25.52
CA LEU H 75 3.89 14.54 -25.83
C LEU H 75 2.86 14.33 -24.72
N ASP H 76 2.74 13.10 -24.21
CA ASP H 76 1.85 12.83 -23.10
C ASP H 76 2.24 13.65 -21.87
N MET H 77 3.53 13.81 -21.64
CA MET H 77 4.02 14.58 -20.51
C MET H 77 3.67 16.05 -20.65
N GLY H 78 3.86 16.61 -21.85
CA GLY H 78 3.52 18.01 -22.06
C GLY H 78 2.03 18.27 -21.95
N ILE H 79 1.21 17.33 -22.39
CA ILE H 79 -0.24 17.50 -22.31
C ILE H 79 -0.71 17.48 -20.87
N ASN H 80 -0.24 16.49 -20.09
CA ASN H 80 -0.71 16.33 -18.72
C ASN H 80 -0.20 17.42 -17.78
N TYR H 81 0.67 18.31 -18.24
CA TYR H 81 1.13 19.44 -17.44
C TYR H 81 0.72 20.77 -18.06
N LEU H 82 -0.37 20.76 -18.84
CA LEU H 82 -0.84 21.99 -19.47
C LEU H 82 -1.35 22.99 -18.43
N ASN H 83 -1.88 22.50 -17.30
CA ASN H 83 -2.37 23.37 -16.25
C ASN H 83 -1.33 23.62 -15.15
N ASP H 84 -0.06 23.32 -15.43
CA ASP H 84 1.05 23.61 -14.53
C ASP H 84 2.12 24.34 -15.37
N ALA H 85 1.86 25.61 -15.68
CA ALA H 85 2.67 26.34 -16.66
C ALA H 85 4.13 26.39 -16.25
N GLY H 86 4.41 26.51 -14.94
CA GLY H 86 5.79 26.57 -14.50
C GLY H 86 6.55 25.30 -14.82
N THR H 87 5.95 24.15 -14.50
CA THR H 87 6.60 22.87 -14.79
C THR H 87 6.62 22.60 -16.29
N LEU H 88 5.55 22.97 -17.00
CA LEU H 88 5.51 22.76 -18.44
C LEU H 88 6.58 23.57 -19.15
N THR H 89 6.89 24.77 -18.64
CA THR H 89 7.97 25.57 -19.21
C THR H 89 9.30 24.85 -19.08
N SER H 90 9.57 24.25 -17.92
CA SER H 90 10.82 23.52 -17.72
C SER H 90 10.86 22.25 -18.56
N LEU H 91 9.72 21.56 -18.69
CA LEU H 91 9.67 20.35 -19.50
C LEU H 91 9.96 20.66 -20.96
N THR H 92 9.30 21.67 -21.52
CA THR H 92 9.50 22.01 -22.93
C THR H 92 10.91 22.56 -23.16
N ALA H 93 11.48 23.29 -22.20
CA ALA H 93 12.84 23.77 -22.35
C ALA H 93 13.83 22.61 -22.39
N HIS H 94 13.56 21.56 -21.62
CA HIS H 94 14.40 20.36 -21.68
C HIS H 94 14.27 19.68 -23.03
N LEU H 95 13.05 19.55 -23.55
CA LEU H 95 12.84 18.96 -24.86
C LEU H 95 13.48 19.80 -25.96
N ALA H 96 13.39 21.13 -25.84
CA ALA H 96 14.00 22.00 -26.84
C ALA H 96 15.51 21.83 -26.89
N ALA H 97 16.15 21.69 -25.73
CA ALA H 97 17.58 21.45 -25.69
C ALA H 97 17.94 20.11 -26.34
N GLN H 98 17.09 19.11 -26.17
CA GLN H 98 17.31 17.82 -26.81
C GLN H 98 17.16 17.89 -28.32
N HIS H 99 16.45 18.90 -28.84
CA HIS H 99 16.24 19.06 -30.27
C HIS H 99 17.18 20.08 -30.90
N VAL H 100 17.45 21.19 -30.21
CA VAL H 100 18.42 22.16 -30.71
C VAL H 100 19.78 21.51 -30.94
N ALA H 101 20.13 20.53 -30.11
CA ALA H 101 21.43 19.87 -30.21
C ALA H 101 21.59 19.06 -31.50
N ARG H 102 20.49 18.68 -32.14
CA ARG H 102 20.55 17.93 -33.40
CA ARG H 102 20.57 17.93 -33.39
C ARG H 102 20.66 18.89 -34.57
N THR H 103 21.50 18.55 -35.53
CA THR H 103 21.73 19.39 -36.70
C THR H 103 20.76 19.00 -37.81
N GLY H 104 20.15 20.01 -38.43
CA GLY H 104 19.24 19.81 -39.53
C GLY H 104 17.78 19.99 -39.17
N LEU H 105 17.44 20.09 -37.89
CA LEU H 105 16.04 20.30 -37.51
C LEU H 105 15.63 21.72 -37.86
N LYS H 106 14.47 21.85 -38.50
CA LYS H 106 13.92 23.15 -38.87
C LYS H 106 12.58 23.36 -38.16
N ALA H 107 12.23 24.63 -37.94
CA ALA H 107 10.96 24.94 -37.33
C ALA H 107 9.78 24.48 -38.18
N VAL H 108 9.95 24.48 -39.50
CA VAL H 108 8.87 24.04 -40.39
C VAL H 108 8.56 22.57 -40.17
N TYR H 109 9.55 21.77 -39.75
CA TYR H 109 9.28 20.38 -39.43
C TYR H 109 8.29 20.25 -38.28
N PHE H 110 8.41 21.12 -37.28
CA PHE H 110 7.47 21.10 -36.16
C PHE H 110 6.11 21.66 -36.55
N ASP H 111 6.08 22.65 -37.45
CA ASP H 111 4.81 23.07 -38.03
C ASP H 111 4.15 21.90 -38.75
N ALA H 112 4.93 21.11 -39.48
CA ALA H 112 4.39 19.94 -40.16
C ALA H 112 3.91 18.89 -39.17
N MET H 113 4.65 18.70 -38.07
CA MET H 113 4.24 17.74 -37.05
C MET H 113 2.92 18.16 -36.42
N GLY H 114 2.73 19.46 -36.19
CA GLY H 114 1.45 19.94 -35.69
C GLY H 114 0.31 19.62 -36.64
N LYS H 115 0.53 19.82 -37.94
CA LYS H 115 -0.50 19.50 -38.93
C LYS H 115 -0.78 18.00 -38.95
N VAL H 116 0.24 17.17 -38.75
CA VAL H 116 0.02 15.73 -38.73
C VAL H 116 -0.88 15.34 -37.55
N LEU H 117 -0.58 15.89 -36.37
CA LEU H 117 -1.38 15.57 -35.19
C LEU H 117 -2.83 16.00 -35.36
N MET H 118 -3.07 17.17 -35.95
CA MET H 118 -4.43 17.61 -36.21
C MET H 118 -5.13 16.76 -37.26
N THR H 119 -4.39 15.97 -38.02
CA THR H 119 -4.97 15.05 -38.99
C THR H 119 -5.14 13.65 -38.42
N VAL H 120 -4.17 13.18 -37.64
CA VAL H 120 -4.21 11.81 -37.13
C VAL H 120 -5.15 11.69 -35.95
N LEU H 121 -5.11 12.65 -35.02
CA LEU H 121 -5.86 12.51 -33.77
C LEU H 121 -7.38 12.41 -33.95
N PRO H 122 -8.04 13.20 -34.81
CA PRO H 122 -9.50 13.03 -34.95
C PRO H 122 -9.92 11.64 -35.40
N SER H 123 -9.03 10.88 -36.04
CA SER H 123 -9.34 9.50 -36.39
C SER H 123 -9.28 8.55 -35.19
N LEU H 124 -8.77 9.01 -34.05
CA LEU H 124 -8.64 8.18 -32.86
C LEU H 124 -9.51 8.63 -31.70
N ILE H 125 -9.80 9.92 -31.61
CA ILE H 125 -10.44 10.51 -30.44
C ILE H 125 -11.93 10.68 -30.70
N ASP H 126 -12.75 10.35 -29.71
CA ASP H 126 -14.18 10.63 -29.78
C ASP H 126 -14.40 12.13 -29.76
N ASN H 127 -15.01 12.65 -30.83
CA ASN H 127 -15.46 14.03 -30.88
C ASN H 127 -14.30 15.01 -30.70
N PHE H 128 -13.29 14.85 -31.55
CA PHE H 128 -12.09 15.67 -31.48
C PHE H 128 -12.45 17.15 -31.56
N ASN H 129 -11.85 17.94 -30.66
CA ASN H 129 -12.07 19.38 -30.59
C ASN H 129 -10.88 20.10 -31.20
N PRO H 130 -10.93 20.45 -32.49
CA PRO H 130 -9.76 21.06 -33.13
C PRO H 130 -9.44 22.46 -32.61
N ASP H 131 -10.41 23.17 -32.05
CA ASP H 131 -10.14 24.50 -31.52
C ASP H 131 -9.38 24.43 -30.20
N ALA H 132 -9.82 23.55 -29.29
CA ALA H 132 -9.12 23.41 -28.02
C ALA H 132 -7.72 22.83 -28.21
N TRP H 133 -7.58 21.84 -29.10
CA TRP H 133 -6.27 21.27 -29.35
C TRP H 133 -5.33 22.28 -30.00
N ARG H 134 -5.83 23.07 -30.95
CA ARG H 134 -5.01 24.10 -31.56
C ARG H 134 -4.57 25.14 -30.53
N ASN H 135 -5.46 25.47 -29.59
CA ASN H 135 -5.12 26.45 -28.57
C ASN H 135 -3.99 25.96 -27.67
N CYS H 136 -3.90 24.65 -27.44
CA CYS H 136 -2.91 24.09 -26.54
C CYS H 136 -1.70 23.51 -27.25
N LEU H 137 -1.88 22.88 -28.42
CA LEU H 137 -0.76 22.28 -29.11
C LEU H 137 0.19 23.33 -29.66
N LEU H 138 -0.35 24.43 -30.19
CA LEU H 138 0.49 25.47 -30.79
C LEU H 138 1.51 26.05 -29.81
N PRO H 139 1.14 26.44 -28.58
CA PRO H 139 2.18 26.87 -27.64
C PRO H 139 3.13 25.76 -27.25
N LEU H 140 2.63 24.52 -27.11
CA LEU H 140 3.49 23.39 -26.83
C LEU H 140 4.53 23.20 -27.93
N LYS H 141 4.08 23.25 -29.19
CA LYS H 141 4.99 23.05 -30.31
C LYS H 141 6.01 24.17 -30.41
N ASN H 142 5.59 25.41 -30.19
CA ASN H 142 6.54 26.53 -30.25
C ASN H 142 7.60 26.40 -29.18
N ALA H 143 7.21 25.99 -27.97
CA ALA H 143 8.18 25.85 -26.89
C ALA H 143 9.18 24.74 -27.18
N ILE H 144 8.70 23.60 -27.69
CA ILE H 144 9.60 22.49 -27.98
C ILE H 144 10.53 22.82 -29.14
N ALA H 145 10.08 23.64 -30.09
CA ALA H 145 10.85 24.00 -31.26
C ALA H 145 11.59 25.32 -31.11
N LYS H 146 11.61 25.89 -29.90
CA LYS H 146 12.24 27.19 -29.72
C LYS H 146 13.74 27.13 -29.99
N GLY H 147 14.24 28.07 -30.77
CA GLY H 147 15.63 28.11 -31.13
C GLY H 147 15.98 27.44 -32.44
N LEU H 148 15.02 26.82 -33.10
CA LEU H 148 15.27 26.16 -34.38
C LEU H 148 15.06 27.15 -35.53
N PRO H 149 15.97 27.15 -36.51
CA PRO H 149 15.87 28.04 -37.67
C PRO H 149 14.71 27.67 -38.60
C1 NAG I . 16.66 -11.20 37.64
C2 NAG I . 18.00 -10.95 38.36
C3 NAG I . 18.48 -9.51 38.15
C4 NAG I . 18.43 -9.13 36.68
C5 NAG I . 17.03 -9.40 36.14
C6 NAG I . 16.86 -9.03 34.68
C7 NAG I . 18.53 -12.23 40.40
C8 NAG I . 18.26 -12.37 41.87
N2 NAG I . 17.87 -11.24 39.77
O3 NAG I . 19.81 -9.39 38.64
O4 NAG I . 18.73 -7.74 36.53
O5 NAG I . 16.76 -10.80 36.27
O6 NAG I . 18.11 -9.05 34.00
O7 NAG I . 19.30 -12.97 39.81
C1 FUC I . 17.93 -9.76 32.76
C2 FUC I . 19.26 -9.64 32.01
C3 FUC I . 20.36 -10.48 32.66
C4 FUC I . 19.88 -11.93 32.87
C5 FUC I . 18.58 -11.91 33.67
C6 FUC I . 17.97 -13.29 33.87
O2 FUC I . 19.68 -8.28 31.89
O3 FUC I . 21.51 -10.53 31.85
O4 FUC I . 19.65 -12.53 31.61
O5 FUC I . 17.58 -11.11 33.00
C1 NAG J . 12.18 -5.00 -40.05
C2 NAG J . 12.53 -6.13 -41.02
C3 NAG J . 11.65 -7.34 -40.77
C4 NAG J . 11.75 -7.77 -39.31
C5 NAG J . 11.43 -6.59 -38.38
C6 NAG J . 11.66 -6.92 -36.93
C7 NAG J . 13.45 -5.68 -43.26
C8 NAG J . 13.14 -5.21 -44.65
N2 NAG J . 12.41 -5.70 -42.41
O3 NAG J . 12.06 -8.41 -41.62
O4 NAG J . 10.82 -8.82 -39.05
O5 NAG J . 12.28 -5.48 -38.70
O6 NAG J . 12.81 -7.74 -36.74
O7 NAG J . 14.57 -6.03 -42.92
C1 FUC J . 13.39 -7.43 -35.46
C2 FUC J . 14.46 -8.51 -35.10
C3 FUC J . 15.63 -8.43 -36.09
C4 FUC J . 16.23 -7.02 -36.05
C5 FUC J . 15.14 -5.98 -36.33
C6 FUC J . 15.63 -4.57 -36.12
O2 FUC J . 13.92 -9.82 -35.05
O3 FUC J . 16.65 -9.35 -35.73
O4 FUC J . 16.80 -6.78 -34.78
O5 FUC J . 13.98 -6.15 -35.47
CHA HEM K . 2.22 -22.65 14.22
CHB HEM K . 3.96 -18.12 14.54
CHC HEM K . 5.80 -18.50 10.05
CHD HEM K . 4.30 -23.11 9.85
C1A HEM K . 2.47 -21.37 14.67
C2A HEM K . 1.93 -20.76 15.87
C3A HEM K . 2.41 -19.51 15.95
C4A HEM K . 3.27 -19.28 14.82
CMA HEM K . 2.10 -18.50 17.07
CAA HEM K . 0.96 -21.43 16.87
CBA HEM K . 1.74 -22.11 17.99
CGA HEM K . 0.76 -22.77 18.94
O1A HEM K . 0.61 -24.01 18.89
O2A HEM K . 0.14 -22.04 19.76
C1B HEM K . 4.63 -17.83 13.36
C2B HEM K . 5.34 -16.60 13.06
C3B HEM K . 5.84 -16.70 11.82
C4B HEM K . 5.46 -18.00 11.30
CMB HEM K . 5.43 -15.42 14.05
CAB HEM K . 6.69 -15.69 11.00
CBB HEM K . 7.25 -14.57 11.50
C1C HEM K . 5.52 -19.77 9.59
C2C HEM K . 5.82 -20.29 8.26
C3C HEM K . 5.42 -21.57 8.21
C4C HEM K . 4.83 -21.89 9.50
CMC HEM K . 6.51 -19.46 7.15
CAC HEM K . 5.47 -22.60 7.07
CBC HEM K . 5.73 -22.31 5.79
C1D HEM K . 3.56 -23.38 10.99
C2D HEM K . 2.82 -24.59 11.26
C3D HEM K . 2.25 -24.47 12.46
C4D HEM K . 2.61 -23.16 13.00
CMD HEM K . 2.72 -25.81 10.32
CAD HEM K . 1.36 -25.52 13.16
CBD HEM K . -0.09 -25.36 12.76
CGD HEM K . -0.90 -26.31 13.62
O1D HEM K . -1.17 -27.45 13.15
O2D HEM K . -1.27 -25.93 14.76
NA HEM K . 3.29 -20.44 14.05
NB HEM K . 4.73 -18.66 12.26
NC HEM K . 4.93 -20.79 10.32
ND HEM K . 3.41 -22.54 12.07
FE HEM K . 4.27 -20.69 12.25
O1 OXY L . 2.81 -20.21 11.30
O2 OXY L . 2.24 -20.52 10.28
CHA HEM M . 9.25 27.51 37.53
CHB HEM M . 7.56 22.98 37.08
CHC HEM M . 5.30 23.39 41.37
CHD HEM M . 6.63 28.06 41.59
C1A HEM M . 9.02 26.24 37.04
C2A HEM M . 9.60 25.65 35.84
C3A HEM M . 9.13 24.40 35.73
C4A HEM M . 8.23 24.15 36.84
CMA HEM M . 9.48 23.40 34.60
CAA HEM M . 10.59 26.33 34.88
CBA HEM M . 11.92 26.50 35.61
CGA HEM M . 12.89 27.25 34.74
O1A HEM M . 12.84 27.10 33.49
O2A HEM M . 13.73 28.01 35.30
C1B HEM M . 6.79 22.70 38.18
C2B HEM M . 6.07 21.46 38.42
C3B HEM M . 5.44 21.55 39.58
C4B HEM M . 5.74 22.87 40.16
CMB HEM M . 6.04 20.26 37.46
CAB HEM M . 4.57 20.42 40.18
CBB HEM M . 3.83 20.56 41.28
C1C HEM M . 5.40 24.72 41.75
C2C HEM M . 4.66 25.35 42.83
C3C HEM M . 5.04 26.64 42.89
C4C HEM M . 6.01 26.86 41.85
CMC HEM M . 3.65 24.60 43.72
CAC HEM M . 4.56 27.77 43.83
CBC HEM M . 3.39 27.76 44.48
C1D HEM M . 7.49 28.30 40.54
C2D HEM M . 8.22 29.53 40.31
C3D HEM M . 8.94 29.38 39.20
C4D HEM M . 8.69 28.05 38.66
CMD HEM M . 8.17 30.79 41.20
CAD HEM M . 9.87 30.43 38.57
CBD HEM M . 9.05 31.26 37.57
CGD HEM M . 10.00 32.18 36.86
O1D HEM M . 10.64 31.74 35.87
O2D HEM M . 10.11 33.37 37.27
NA HEM M . 8.19 25.30 37.62
NB HEM M . 6.56 23.53 39.27
NC HEM M . 6.21 25.67 41.18
ND HEM M . 7.80 27.42 39.51
FE HEM M . 7.23 25.46 39.43
O1 OXY N . 5.71 26.11 38.71
O2 OXY N . 5.01 27.09 38.77
CA CA O . 0.58 16.37 48.36
CHA HEM P . 20.05 22.36 28.03
CHB HEM P . 16.55 22.45 24.66
CHC HEM P . 19.89 22.41 21.14
CHD HEM P . 23.35 22.98 24.50
C1A HEM P . 18.81 22.35 27.43
C2A HEM P . 17.52 22.25 28.11
C3A HEM P . 16.57 22.28 27.18
C4A HEM P . 17.20 22.39 25.87
CMA HEM P . 15.05 22.20 27.44
CAA HEM P . 17.27 22.14 29.63
CBA HEM P . 17.54 23.47 30.33
CGA HEM P . 17.12 23.38 31.78
O1A HEM P . 16.22 22.57 32.09
O2A HEM P . 17.70 24.11 32.61
C1B HEM P . 17.14 22.42 23.41
C2B HEM P . 16.45 22.35 22.14
C3B HEM P . 17.38 22.33 21.16
C4B HEM P . 18.68 22.41 21.79
CMB HEM P . 14.90 22.29 22.03
CAB HEM P . 17.20 22.27 19.62
CBB HEM P . 16.03 22.37 18.98
C1C HEM P . 21.13 22.58 21.73
C2C HEM P . 22.42 22.66 21.06
C3C HEM P . 23.38 22.82 21.99
C4C HEM P . 22.72 22.84 23.28
CMC HEM P . 22.57 22.57 19.52
CAC HEM P . 24.91 22.96 21.83
CBC HEM P . 25.57 22.97 20.66
C1D HEM P . 22.77 22.83 25.75
C2D HEM P . 23.47 22.80 27.02
C3D HEM P . 22.57 22.62 27.99
C4D HEM P . 21.26 22.54 27.38
CMD HEM P . 25.00 22.94 27.21
CAD HEM P . 22.89 22.53 29.50
CBD HEM P . 22.64 21.09 29.96
CGD HEM P . 22.71 21.03 31.48
O1D HEM P . 23.84 21.11 32.02
O2D HEM P . 21.65 20.90 32.11
NA HEM P . 18.56 22.43 26.08
NB HEM P . 18.50 22.46 23.16
NC HEM P . 21.36 22.70 23.09
ND HEM P . 21.42 22.67 26.01
FE HEM P . 19.95 22.63 24.57
O1 OXY Q . 20.33 20.88 24.32
O2 OXY Q . 21.08 20.01 24.71
CHA HEM R . 1.26 -21.24 28.87
CHB HEM R . -2.69 -18.61 27.81
CHC HEM R . -4.20 -19.04 32.40
CHD HEM R . -0.55 -22.11 33.31
C1A HEM R . 0.35 -20.45 28.18
C2A HEM R . 0.51 -19.92 26.84
C3A HEM R . -0.58 -19.21 26.56
C4A HEM R . -1.47 -19.24 27.71
CMA HEM R . -0.85 -18.46 25.23
CAA HEM R . 1.70 -20.16 25.90
CBA HEM R . 1.50 -21.46 25.12
CGA HEM R . 2.69 -21.67 24.20
O1A HEM R . 3.40 -22.70 24.38
O2A HEM R . 2.94 -20.82 23.32
C1B HEM R . -3.41 -18.43 28.98
C2B HEM R . -4.53 -17.53 29.17
C3B HEM R . -4.95 -17.64 30.45
C4B HEM R . -4.10 -18.63 31.09
CMB HEM R . -5.08 -16.63 28.04
CAB HEM R . -6.11 -16.93 31.20
CBB HEM R . -6.98 -16.10 30.63
C1C HEM R . -3.34 -19.89 33.06
C2C HEM R . -3.42 -20.26 34.46
C3C HEM R . -2.42 -21.10 34.73
C4C HEM R . -1.67 -21.32 33.49
CMC HEM R . -4.47 -19.77 35.48
CAC HEM R . -2.18 -21.72 36.13
CBC HEM R . -1.12 -22.48 36.41
C1D HEM R . 0.29 -22.11 32.20
C2D HEM R . 1.56 -22.79 32.09
C3D HEM R . 2.05 -22.55 30.88
C4D HEM R . 1.11 -21.72 30.16
CMD HEM R . 2.22 -23.63 33.21
CAD HEM R . 3.39 -23.06 30.30
CBD HEM R . 4.57 -22.27 30.87
CGD HEM R . 5.83 -22.70 30.17
O1D HEM R . 5.98 -22.41 28.95
O2D HEM R . 6.70 -23.32 30.83
NA HEM R . -0.86 -20.00 28.68
NB HEM R . -3.17 -19.09 30.17
NC HEM R . -2.27 -20.56 32.51
ND HEM R . 0.04 -21.47 31.00
FE HEM R . -1.64 -20.41 30.54
O1 OXY S . -0.65 -19.06 31.21
O2 OXY S . 0.12 -18.82 32.12
CHA HEM T . 17.78 11.49 -15.71
CHB HEM T . 14.83 7.63 -15.95
CHC HEM T . 16.92 5.71 -12.00
CHD HEM T . 19.93 9.52 -11.84
C1A HEM T . 16.78 10.63 -16.12
C2A HEM T . 15.88 10.80 -17.25
C3A HEM T . 15.07 9.74 -17.30
C4A HEM T . 15.43 8.84 -16.23
CMA HEM T . 13.96 9.50 -18.33
CAA HEM T . 15.84 12.00 -18.21
CBA HEM T . 16.86 11.84 -19.33
CGA HEM T . 16.84 13.09 -20.18
O1A HEM T . 17.88 13.79 -20.25
O2A HEM T . 15.77 13.39 -20.78
C1B HEM T . 15.13 6.77 -14.91
C2B HEM T . 14.52 5.49 -14.68
C3B HEM T . 15.08 4.94 -13.60
C4B HEM T . 16.10 5.86 -13.10
CMB HEM T . 13.39 4.86 -15.54
CAB HEM T . 14.67 3.55 -13.04
CBB HEM T . 15.34 2.93 -12.06
C1C HEM T . 17.88 6.60 -11.59
C2C HEM T . 18.63 6.54 -10.34
C3C HEM T . 19.46 7.59 -10.31
C4C HEM T . 19.26 8.36 -11.51
CMC HEM T . 18.46 5.41 -9.29
CAC HEM T . 20.48 8.04 -9.23
CBC HEM T . 20.42 7.66 -7.94
C1D HEM T . 19.60 10.41 -12.84
C2D HEM T . 20.20 11.70 -13.07
C3D HEM T . 19.60 12.25 -14.13
C4D HEM T . 18.61 11.31 -14.63
CMD HEM T . 21.33 12.34 -12.23
CAD HEM T . 19.96 13.63 -14.73
CBD HEM T . 18.82 14.62 -14.49
CGD HEM T . 19.09 15.87 -15.28
O1D HEM T . 20.06 16.61 -14.92
O2D HEM T . 18.35 16.15 -16.24
NA HEM T . 16.47 9.41 -15.53
NB HEM T . 16.09 6.97 -13.94
NC HEM T . 18.29 7.73 -12.27
ND HEM T . 18.63 10.20 -13.81
FE HEM T . 17.49 8.51 -13.99
O1 OXY U . 16.42 9.32 -12.80
O2 OXY U . 16.51 9.93 -11.76
CHA HEM V . -23.61 -19.56 -36.09
CHB HEM V . -20.68 -15.70 -35.76
CHC HEM V . -23.05 -13.62 -39.46
CHD HEM V . -26.22 -17.29 -39.48
C1A HEM V . -22.60 -18.72 -35.69
C2A HEM V . -21.62 -18.97 -34.65
C3A HEM V . -20.82 -17.91 -34.56
C4A HEM V . -21.24 -16.93 -35.54
CMA HEM V . -19.63 -17.75 -33.59
CAA HEM V . -21.52 -20.25 -33.80
CBA HEM V . -21.02 -21.39 -34.68
CGA HEM V . -20.95 -22.67 -33.88
O1A HEM V . -20.76 -22.60 -32.64
O2A HEM V . -21.06 -23.76 -34.50
C1B HEM V . -21.07 -14.79 -36.72
C2B HEM V . -20.52 -13.45 -36.91
C3B HEM V . -21.18 -12.88 -37.93
C4B HEM V . -22.17 -13.83 -38.41
CMB HEM V . -19.38 -12.88 -36.04
CAB HEM V . -21.01 -11.47 -38.57
CBB HEM V . -20.07 -10.59 -38.23
C1C HEM V . -24.17 -14.39 -39.74
C2C HEM V . -25.27 -14.03 -40.62
C3C HEM V . -26.14 -15.06 -40.64
C4C HEM V . -25.62 -16.08 -39.75
CMC HEM V . -25.34 -12.70 -41.40
CAC HEM V . -27.49 -15.22 -41.38
CBC HEM V . -28.18 -14.21 -41.91
C1D HEM V . -25.78 -18.25 -38.60
C2D HEM V . -26.37 -19.54 -38.37
C3D HEM V . -25.66 -20.16 -37.44
C4D HEM V . -24.57 -19.29 -37.04
CMD HEM V . -27.63 -20.10 -39.09
CAD HEM V . -25.92 -21.57 -36.88
CBD HEM V . -26.97 -21.48 -35.78
CGD HEM V . -27.04 -22.81 -35.06
O1D HEM V . -26.09 -23.13 -34.30
O2D HEM V . -28.05 -23.54 -35.26
NA HEM V . -22.34 -17.46 -36.20
NB HEM V . -22.07 -14.97 -37.65
NC HEM V . -24.42 -15.64 -39.23
ND HEM V . -24.68 -18.11 -37.76
FE HEM V . -23.36 -16.55 -37.73
O1 OXY W . -24.58 -15.83 -36.62
O2 OXY W . -25.76 -15.61 -36.57
CA CA X . -20.75 -5.10 -45.98
CHA HEM Y . -12.10 -26.79 -29.15
CHB HEM Y . -13.33 -24.28 -25.17
CHC HEM Y . -11.03 -27.51 -22.37
CHD HEM Y . -10.01 -30.15 -26.32
C1A HEM Y . -12.62 -25.81 -28.32
C2A HEM Y . -13.31 -24.60 -28.75
C3A HEM Y . -13.64 -23.92 -27.65
C4A HEM Y . -13.18 -24.66 -26.49
CMA HEM Y . -14.40 -22.57 -27.62
CAA HEM Y . -13.62 -24.17 -30.19
CBA HEM Y . -14.78 -24.99 -30.76
CGA HEM Y . -15.05 -24.54 -32.18
O1A HEM Y . -14.92 -23.33 -32.47
O2A HEM Y . -15.42 -25.42 -33.02
C1B HEM Y . -12.80 -24.92 -24.07
C2B HEM Y . -12.91 -24.46 -22.70
C3B HEM Y . -12.27 -25.36 -21.92
C4B HEM Y . -11.75 -26.40 -22.78
CMB HEM Y . -13.64 -23.16 -22.29
CAB HEM Y . -12.08 -25.37 -20.37
CBB HEM Y . -12.74 -24.59 -19.52
C1C HEM Y . -10.56 -28.51 -23.19
C2C HEM Y . -9.84 -29.70 -22.76
C3C HEM Y . -9.55 -30.44 -23.86
C4C HEM Y . -10.09 -29.73 -25.01
CMC HEM Y . -9.50 -29.98 -21.28
CAC HEM Y . -8.81 -31.79 -23.98
CBC HEM Y . -8.34 -32.52 -22.96
C1D HEM Y . -10.46 -29.46 -27.43
C2D HEM Y . -10.26 -29.85 -28.82
C3D HEM Y . -10.84 -28.92 -29.59
C4D HEM Y . -11.41 -27.91 -28.73
CMD HEM Y . -9.52 -31.11 -29.30
CAD HEM Y . -10.89 -28.92 -31.14
CBD HEM Y . -9.57 -28.42 -31.73
CGD HEM Y . -9.80 -28.11 -33.19
O1D HEM Y . -9.23 -28.83 -34.05
O2D HEM Y . -10.54 -27.14 -33.48
NA HEM Y . -12.55 -25.80 -26.95
NB HEM Y . -12.09 -26.10 -24.08
NC HEM Y . -10.69 -28.56 -24.56
ND HEM Y . -11.16 -28.27 -27.42
FE HEM Y . -11.70 -27.23 -25.74
O1 OXY Z . -10.07 -26.49 -26.00
O2 OXY Z . -8.90 -26.77 -25.92
CHA HEM AA . 14.19 12.82 -30.06
CHB HEM AA . 9.98 14.52 -28.34
CHC HEM AA . 8.94 16.47 -32.65
CHD HEM AA . 13.34 15.14 -34.24
C1A HEM AA . 13.11 13.06 -29.23
C2A HEM AA . 12.91 12.51 -27.90
C3A HEM AA . 11.76 12.97 -27.42
C4A HEM AA . 11.17 13.84 -28.43
CMA HEM AA . 11.14 12.64 -26.05
CAA HEM AA . 13.87 11.54 -27.16
CBA HEM AA . 14.83 12.35 -26.29
CGA HEM AA . 15.79 11.40 -25.63
O1A HEM AA . 16.96 11.34 -26.09
O2A HEM AA . 15.39 10.70 -24.66
C1B HEM AA . 9.32 15.16 -29.35
C2B HEM AA . 7.98 15.70 -29.27
C3B HEM AA . 7.67 16.25 -30.45
C4B HEM AA . 8.81 16.06 -31.34
CMB HEM AA . 7.07 15.67 -28.02
CAB HEM AA . 6.31 16.94 -30.74
CBB HEM AA . 6.11 17.70 -31.81
C1C HEM AA . 10.03 16.27 -33.48
C2C HEM AA . 10.16 16.67 -34.87
C3C HEM AA . 11.39 16.31 -35.29
C4C HEM AA . 12.07 15.66 -34.20
CMC HEM AA . 9.05 17.40 -35.65
CAC HEM AA . 12.06 16.45 -36.68
CBC HEM AA . 11.39 16.65 -37.82
C1D HEM AA . 13.94 14.36 -33.27
C2D HEM AA . 15.20 13.65 -33.39
C3D HEM AA . 15.43 13.02 -32.24
C4D HEM AA . 14.33 13.29 -31.34
CMD HEM AA . 16.11 13.63 -34.64
CAD HEM AA . 16.65 12.14 -31.90
CBD HEM AA . 16.43 10.72 -32.44
CGD HEM AA . 17.56 9.85 -31.99
O1D HEM AA . 17.68 9.61 -30.76
O2D HEM AA . 18.34 9.38 -32.86
NA HEM AA . 12.03 13.86 -29.52
NB HEM AA . 9.80 15.40 -30.62
NC HEM AA . 11.22 15.66 -33.10
ND HEM AA . 13.44 14.11 -32.01
FE HEM AA . 11.67 14.83 -31.31
O1 OXY BA . 11.03 13.29 -31.98
O2 OXY BA . 11.07 12.64 -33.01
#